data_5YFY
#
_entry.id   5YFY
#
_cell.length_a   101.647
_cell.length_b   58.804
_cell.length_c   235.489
_cell.angle_alpha   90.000
_cell.angle_beta   90.010
_cell.angle_gamma   90.000
#
_symmetry.space_group_name_H-M   'C 1 2 1'
#
loop_
_entity.id
_entity.type
_entity.pdbx_description
1 polymer 'Serine hydroxymethyltransferase'
2 non-polymer N-GLYCINE-[3-HYDROXY-2-METHYL-5-PHOSPHONOOXYMETHYL-PYRIDIN-4-YL-METHANE]
3 non-polymer '1-[3-[(4~{S})-6-azanyl-5-cyano-3-methyl-4-propan-2-yl-2~{H}-pyrano[2,3-c]pyrazol-4-yl]-5-fluoranyl-phenyl]piperidine-4-carboxylic acid'
4 non-polymer 'CHLORIDE ION'
5 water water
#
_entity_poly.entity_id   1
_entity_poly.type   'polypeptide(L)'
_entity_poly.pdbx_seq_one_letter_code
;MFNNEPLEQIDKELHDILADEEKRQRETINLIASENLTNGAVRECLGNRVSNKYSEGYPKKRYYGGNDFIDKIEELCQKR
ALEAFNVSDEEWGVNVQPLSGSAANVQALYALVGVKGKIMGMHLCSGGHLTHGFFDEKKKVSITSDMFESKLYKCNSQGY
VDLDAVREMALSFKPKVIICGYTSYPRDIDYQQFRQICDEVNAYLFADISHISSFVACNILNNPFLHADVVTTTTHKILR
GPRSALIFFNKKRNPGIEQKINSAVFPSFQGGPHNNKIAAVACQLKEVHSPAFKEYTQQVLLNSKALAKALISKQIDLVT
NGTDNHLIVVDLRKFSITGSKLQETCNAINVSLNKNTIPSDVDCVSPSGVRIGTPAMTTRGAKEKDMEFIADVLARAIKI
TVDLQEQYGKKLVDFKKGLPGNAQLQQLKQEVVTWAGALPFP
;
_entity_poly.pdbx_strand_id   A,B,C
#
loop_
_chem_comp.id
_chem_comp.type
_chem_comp.name
_chem_comp.formula
8UL non-polymer '1-[3-[(4~{S})-6-azanyl-5-cyano-3-methyl-4-propan-2-yl-2~{H}-pyrano[2,3-c]pyrazol-4-yl]-5-fluoranyl-phenyl]piperidine-4-carboxylic acid' 'C23 H26 F N5 O3'
CL non-polymer 'CHLORIDE ION' 'Cl -1'
PLG non-polymer N-GLYCINE-[3-HYDROXY-2-METHYL-5-PHOSPHONOOXYMETHYL-PYRIDIN-4-YL-METHANE] 'C10 H15 N2 O7 P'
#
# COMPACT_ATOMS: atom_id res chain seq x y z
N MET A 1 -6.34 -18.30 12.12
CA MET A 1 -5.18 -19.06 12.72
C MET A 1 -4.55 -18.26 13.87
N PHE A 2 -5.37 -18.01 14.88
CA PHE A 2 -4.98 -17.24 16.05
C PHE A 2 -5.69 -17.73 17.31
N ASN A 3 -5.13 -17.37 18.46
CA ASN A 3 -5.70 -17.68 19.78
C ASN A 3 -6.47 -16.49 20.34
N ASN A 4 -7.78 -16.61 20.42
CA ASN A 4 -8.62 -15.53 20.97
C ASN A 4 -9.04 -15.73 22.44
N GLU A 5 -8.45 -16.74 23.11
CA GLU A 5 -8.64 -16.90 24.57
C GLU A 5 -8.36 -15.58 25.31
N PRO A 6 -9.17 -15.25 26.34
CA PRO A 6 -8.86 -14.04 27.14
C PRO A 6 -7.48 -14.07 27.81
N LEU A 7 -7.03 -12.87 28.22
CA LEU A 7 -5.70 -12.68 28.83
C LEU A 7 -5.47 -13.60 30.03
N GLU A 8 -6.50 -13.76 30.86
CA GLU A 8 -6.41 -14.65 32.03
C GLU A 8 -6.10 -16.10 31.64
N GLN A 9 -6.77 -16.59 30.59
CA GLN A 9 -6.53 -17.94 30.06
C GLN A 9 -5.19 -18.06 29.37
N ILE A 10 -4.95 -17.18 28.38
CA ILE A 10 -3.76 -17.28 27.52
C ILE A 10 -2.41 -17.09 28.23
N ASP A 11 -2.37 -16.22 29.23
CA ASP A 11 -1.13 -15.91 29.95
C ASP A 11 -1.42 -15.61 31.42
N LYS A 12 -1.71 -16.67 32.17
CA LYS A 12 -2.13 -16.54 33.57
C LYS A 12 -1.03 -15.89 34.42
N GLU A 13 0.22 -16.25 34.15
CA GLU A 13 1.37 -15.64 34.81
C GLU A 13 1.38 -14.10 34.74
N LEU A 14 1.26 -13.55 33.54
CA LEU A 14 1.25 -12.09 33.34
C LEU A 14 0.01 -11.43 33.95
N HIS A 15 -1.13 -12.11 33.84
CA HIS A 15 -2.41 -11.57 34.33
C HIS A 15 -2.47 -11.39 35.84
N ASP A 16 -1.69 -12.19 36.57
CA ASP A 16 -1.62 -12.09 38.03
C ASP A 16 -0.80 -10.88 38.46
N ILE A 17 0.33 -10.67 37.80
CA ILE A 17 1.22 -9.54 38.07
C ILE A 17 0.49 -8.22 37.75
N LEU A 18 -0.26 -8.20 36.64
CA LEU A 18 -1.07 -7.02 36.28
C LEU A 18 -2.18 -6.78 37.28
N ALA A 19 -2.80 -7.85 37.77
CA ALA A 19 -3.85 -7.72 38.83
C ALA A 19 -3.24 -7.21 40.15
N ASP A 20 -2.02 -7.65 40.43
CA ASP A 20 -1.25 -7.13 41.56
C ASP A 20 -0.94 -5.65 41.39
N GLU A 21 -0.49 -5.28 40.19
CA GLU A 21 -0.14 -3.88 39.87
C GLU A 21 -1.34 -2.98 40.10
N GLU A 22 -2.50 -3.41 39.61
CA GLU A 22 -3.77 -2.66 39.71
C GLU A 22 -4.18 -2.45 41.17
N LYS A 23 -3.97 -3.47 41.98
CA LYS A 23 -4.29 -3.41 43.38
C LYS A 23 -3.29 -2.48 44.11
N ARG A 24 -2.01 -2.58 43.80
CA ARG A 24 -1.03 -1.63 44.35
C ARG A 24 -1.41 -0.15 44.03
N GLN A 25 -1.87 0.12 42.82
CA GLN A 25 -2.27 1.48 42.41
C GLN A 25 -3.48 1.97 43.25
N ARG A 26 -4.38 1.03 43.48
CA ARG A 26 -5.60 1.25 44.24
C ARG A 26 -5.33 1.60 45.70
N GLU A 27 -4.23 1.10 46.25
CA GLU A 27 -3.97 1.17 47.66
C GLU A 27 -2.76 2.05 47.99
N THR A 28 -2.47 3.02 47.10
CA THR A 28 -1.28 3.87 47.20
C THR A 28 -1.74 5.31 47.26
N ILE A 29 -1.09 6.08 48.12
CA ILE A 29 -1.22 7.54 48.07
C ILE A 29 -0.17 7.94 47.05
N ASN A 30 -0.62 8.14 45.82
CA ASN A 30 0.26 8.45 44.70
C ASN A 30 0.48 9.97 44.60
N LEU A 31 1.66 10.40 45.04
CA LEU A 31 2.09 11.79 44.95
C LEU A 31 3.14 12.01 43.86
N ILE A 32 3.29 11.13 42.88
CA ILE A 32 4.23 11.39 41.75
C ILE A 32 3.62 12.52 40.92
N ALA A 33 4.34 13.60 40.76
CA ALA A 33 3.77 14.83 40.18
C ALA A 33 3.42 14.63 38.72
N SER A 34 4.14 13.74 38.06
CA SER A 34 3.96 13.44 36.63
C SER A 34 3.01 12.30 36.33
N GLU A 35 2.31 11.76 37.33
CA GLU A 35 1.40 10.63 37.12
C GLU A 35 -0.05 11.01 37.27
N ASN A 36 -0.89 10.17 36.69
CA ASN A 36 -2.34 10.31 36.72
C ASN A 36 -2.97 8.96 36.50
N LEU A 37 -4.29 8.95 36.43
CA LEU A 37 -5.03 7.71 36.15
C LEU A 37 -5.97 7.96 35.02
N THR A 38 -5.81 7.19 33.96
CA THR A 38 -6.66 7.30 32.77
C THR A 38 -8.01 6.68 33.06
N ASN A 39 -9.04 7.20 32.41
CA ASN A 39 -10.40 6.64 32.50
C ASN A 39 -10.53 5.47 31.54
N GLY A 40 -11.67 4.79 31.62
CA GLY A 40 -11.91 3.60 30.82
C GLY A 40 -11.92 3.92 29.32
N ALA A 41 -12.49 5.05 28.94
CA ALA A 41 -12.60 5.42 27.53
C ALA A 41 -11.24 5.59 26.84
N VAL A 42 -10.29 6.18 27.55
CA VAL A 42 -8.94 6.36 27.02
C VAL A 42 -8.23 5.01 26.87
N ARG A 43 -8.47 4.12 27.81
CA ARG A 43 -7.91 2.78 27.73
C ARG A 43 -8.60 1.86 26.70
N GLU A 44 -9.86 2.11 26.38
CA GLU A 44 -10.54 1.45 25.26
C GLU A 44 -9.86 1.82 23.93
N CYS A 45 -9.53 3.09 23.78
CA CYS A 45 -8.81 3.59 22.61
C CYS A 45 -7.47 2.92 22.45
N LEU A 46 -6.73 2.78 23.57
CA LEU A 46 -5.40 2.21 23.53
C LEU A 46 -5.39 0.73 23.20
N GLY A 47 -6.44 0.00 23.58
CA GLY A 47 -6.61 -1.39 23.17
C GLY A 47 -7.38 -1.61 21.88
N ASN A 48 -7.58 -0.57 21.08
CA ASN A 48 -8.40 -0.65 19.86
C ASN A 48 -7.61 -1.20 18.66
N ARG A 49 -8.28 -1.92 17.77
CA ARG A 49 -7.64 -2.46 16.54
C ARG A 49 -7.11 -1.42 15.56
N VAL A 50 -7.37 -0.15 15.80
CA VAL A 50 -6.78 0.91 14.98
C VAL A 50 -5.23 0.86 14.96
N SER A 51 -4.61 0.35 16.02
CA SER A 51 -3.15 0.17 16.03
C SER A 51 -2.61 -0.88 15.03
N ASN A 52 -3.50 -1.68 14.40
CA ASN A 52 -3.09 -2.57 13.30
C ASN A 52 -2.66 -1.87 12.01
N LYS A 53 -2.97 -0.59 11.87
CA LYS A 53 -2.75 0.10 10.60
C LYS A 53 -1.42 0.85 10.51
N TYR A 54 -0.66 0.52 9.45
CA TYR A 54 0.52 1.32 9.06
C TYR A 54 0.05 2.56 8.31
N SER A 55 0.38 3.74 8.82
CA SER A 55 -0.04 4.99 8.17
C SER A 55 1.02 6.06 8.18
N GLU A 56 2.20 5.70 7.69
CA GLU A 56 3.32 6.63 7.56
C GLU A 56 2.94 7.82 6.72
N GLY A 57 3.32 9.00 7.17
CA GLY A 57 2.95 10.24 6.50
C GLY A 57 1.99 11.04 7.33
N TYR A 58 1.26 11.92 6.67
CA TYR A 58 0.31 12.83 7.33
C TYR A 58 -1.05 12.70 6.65
N PRO A 59 -2.13 13.24 7.26
CA PRO A 59 -3.45 13.13 6.63
C PRO A 59 -3.50 13.69 5.20
N LYS A 60 -4.11 12.93 4.28
CA LYS A 60 -4.18 13.28 2.84
C LYS A 60 -2.80 13.31 2.10
N LYS A 61 -1.73 12.92 2.79
CA LYS A 61 -0.36 12.85 2.23
C LYS A 61 0.27 11.56 2.74
N ARG A 62 -0.49 10.48 2.65
CA ARG A 62 -0.14 9.21 3.23
C ARG A 62 0.61 8.46 2.15
N TYR A 63 1.45 7.52 2.57
CA TYR A 63 2.14 6.65 1.61
C TYR A 63 1.20 5.57 1.17
N TYR A 64 0.44 5.02 2.13
CA TYR A 64 -0.50 3.93 1.85
C TYR A 64 -1.94 4.42 1.72
N GLY A 65 -2.78 3.53 1.21
CA GLY A 65 -4.22 3.76 1.12
C GLY A 65 -4.86 3.12 2.32
N GLY A 66 -6.19 3.08 2.28
CA GLY A 66 -6.97 2.51 3.37
C GLY A 66 -6.90 3.34 4.63
N ASN A 67 -6.56 4.62 4.50
CA ASN A 67 -6.28 5.50 5.62
C ASN A 67 -7.34 6.61 5.73
N ASP A 68 -8.55 6.34 5.24
CA ASP A 68 -9.61 7.35 5.27
C ASP A 68 -10.01 7.59 6.71
N PHE A 69 -10.28 6.51 7.43
CA PHE A 69 -10.69 6.59 8.83
C PHE A 69 -9.55 7.03 9.77
N ILE A 70 -8.33 6.55 9.50
CA ILE A 70 -7.11 7.02 10.18
C ILE A 70 -6.88 8.52 9.97
N ASP A 71 -7.12 9.01 8.75
CA ASP A 71 -7.05 10.46 8.49
C ASP A 71 -8.12 11.22 9.27
N LYS A 72 -9.29 10.64 9.44
CA LYS A 72 -10.35 11.32 10.22
C LYS A 72 -9.96 11.41 11.69
N ILE A 73 -9.39 10.34 12.24
CA ILE A 73 -8.95 10.32 13.65
C ILE A 73 -7.85 11.34 13.86
N GLU A 74 -6.84 11.33 13.00
CA GLU A 74 -5.72 12.27 13.15
C GLU A 74 -6.12 13.73 13.00
N GLU A 75 -7.10 14.00 12.13
CA GLU A 75 -7.58 15.40 11.90
C GLU A 75 -8.43 15.86 13.06
N LEU A 76 -9.25 14.96 13.57
CA LEU A 76 -9.99 15.21 14.81
C LEU A 76 -9.06 15.50 15.99
N CYS A 77 -7.95 14.76 16.10
CA CYS A 77 -7.04 14.95 17.23
C CYS A 77 -6.35 16.30 17.13
N GLN A 78 -5.90 16.64 15.92
CA GLN A 78 -5.27 17.94 15.69
C GLN A 78 -6.23 19.10 16.00
N LYS A 79 -7.43 19.00 15.44
CA LYS A 79 -8.45 20.02 15.66
C LYS A 79 -8.74 20.17 17.17
N ARG A 80 -9.08 19.06 17.82
CA ARG A 80 -9.33 19.06 19.29
C ARG A 80 -8.17 19.62 20.11
N ALA A 81 -6.94 19.46 19.65
CA ALA A 81 -5.75 19.95 20.36
C ALA A 81 -5.62 21.46 20.32
N LEU A 82 -5.81 22.01 19.13
CA LEU A 82 -5.73 23.44 18.92
C LEU A 82 -6.87 24.18 19.65
N GLU A 83 -8.06 23.60 19.66
CA GLU A 83 -9.17 24.11 20.45
C GLU A 83 -8.88 24.06 21.96
N ALA A 84 -8.39 22.91 22.44
CA ALA A 84 -8.10 22.73 23.87
C ALA A 84 -7.11 23.75 24.38
N PHE A 85 -6.12 24.13 23.56
CA PHE A 85 -5.13 25.13 23.96
C PHE A 85 -5.41 26.54 23.44
N ASN A 86 -6.66 26.79 23.03
CA ASN A 86 -7.17 28.15 22.76
C ASN A 86 -6.39 28.88 21.68
N VAL A 87 -6.06 28.17 20.60
CA VAL A 87 -5.28 28.75 19.51
C VAL A 87 -5.98 28.49 18.17
N SER A 88 -5.83 29.46 17.26
CA SER A 88 -6.49 29.42 15.96
C SER A 88 -5.70 28.52 15.02
N ASP A 89 -6.39 27.64 14.29
CA ASP A 89 -5.71 26.78 13.28
C ASP A 89 -5.11 27.58 12.12
N GLU A 90 -5.53 28.82 11.97
CA GLU A 90 -4.92 29.74 11.01
C GLU A 90 -3.50 30.15 11.44
N GLU A 91 -3.27 30.33 12.74
CA GLU A 91 -1.97 30.79 13.31
C GLU A 91 -1.08 29.68 13.90
N TRP A 92 -1.69 28.61 14.40
CA TRP A 92 -0.95 27.51 15.04
C TRP A 92 -1.22 26.21 14.35
N GLY A 93 -0.19 25.38 14.24
CA GLY A 93 -0.38 23.98 13.91
C GLY A 93 0.09 23.05 15.02
N VAL A 94 -0.37 21.82 14.95
CA VAL A 94 -0.02 20.79 15.92
C VAL A 94 0.38 19.48 15.19
N ASN A 95 1.49 18.88 15.61
CA ASN A 95 1.83 17.50 15.22
C ASN A 95 1.47 16.53 16.39
N VAL A 96 0.69 15.51 16.07
CA VAL A 96 0.15 14.57 17.06
C VAL A 96 0.81 13.17 17.03
N GLN A 97 1.87 13.03 16.22
CA GLN A 97 2.53 11.75 16.04
C GLN A 97 3.59 11.34 17.07
N PRO A 98 4.31 12.31 17.74
CA PRO A 98 5.35 11.91 18.71
C PRO A 98 4.92 10.88 19.76
N LEU A 99 5.68 9.80 19.86
CA LEU A 99 5.35 8.69 20.75
C LEU A 99 5.50 9.00 22.23
N SER A 100 6.28 10.01 22.59
CA SER A 100 6.41 10.40 23.98
C SER A 100 7.04 11.79 24.10
N GLY A 101 7.10 12.27 25.33
CA GLY A 101 7.60 13.60 25.60
C GLY A 101 9.01 13.81 25.13
N SER A 102 9.88 12.84 25.41
CA SER A 102 11.28 12.97 25.08
C SER A 102 11.47 12.98 23.54
N ALA A 103 10.76 12.11 22.82
CA ALA A 103 10.79 12.09 21.36
C ALA A 103 10.37 13.46 20.75
N ALA A 104 9.23 13.97 21.22
CA ALA A 104 8.72 15.29 20.85
C ALA A 104 9.75 16.39 20.99
N ASN A 105 10.44 16.46 22.13
CA ASN A 105 11.46 17.50 22.33
C ASN A 105 12.68 17.36 21.38
N VAL A 106 13.20 16.15 21.22
CA VAL A 106 14.35 15.92 20.34
C VAL A 106 13.97 16.25 18.89
N GLN A 107 12.79 15.83 18.48
CA GLN A 107 12.26 16.13 17.16
C GLN A 107 12.08 17.65 16.98
N ALA A 108 11.37 18.28 17.90
CA ALA A 108 11.15 19.74 17.82
C ALA A 108 12.47 20.52 17.82
N LEU A 109 13.43 20.12 18.65
CA LEU A 109 14.70 20.83 18.72
C LEU A 109 15.49 20.66 17.41
N TYR A 110 15.53 19.44 16.89
CA TYR A 110 16.20 19.18 15.63
C TYR A 110 15.64 20.05 14.49
N ALA A 111 14.31 20.10 14.40
CA ALA A 111 13.61 20.97 13.43
C ALA A 111 14.06 22.44 13.47
N LEU A 112 14.20 23.00 14.68
CA LEU A 112 14.60 24.40 14.84
C LEU A 112 16.10 24.66 14.61
N VAL A 113 16.96 23.78 15.12
CA VAL A 113 18.40 24.06 15.11
C VAL A 113 19.30 23.12 14.31
N GLY A 114 18.84 21.90 14.05
CA GLY A 114 19.64 20.90 13.34
C GLY A 114 20.74 20.30 14.19
N VAL A 115 21.45 19.34 13.62
CA VAL A 115 22.59 18.71 14.28
C VAL A 115 23.64 19.79 14.49
N LYS A 116 24.34 19.70 15.62
CA LYS A 116 25.31 20.72 16.09
C LYS A 116 24.70 22.08 16.50
N GLY A 117 23.39 22.25 16.36
CA GLY A 117 22.74 23.50 16.72
C GLY A 117 22.83 23.79 18.21
N LYS A 118 22.73 25.08 18.53
CA LYS A 118 22.97 25.58 19.88
C LYS A 118 21.64 25.72 20.63
N ILE A 119 21.56 25.11 21.81
CA ILE A 119 20.35 25.20 22.65
C ILE A 119 20.68 25.54 24.10
N MET A 120 19.70 26.14 24.76
CA MET A 120 19.81 26.52 26.16
C MET A 120 18.60 25.97 26.89
N GLY A 121 18.83 25.40 28.07
CA GLY A 121 17.74 24.91 28.92
C GLY A 121 18.12 24.95 30.39
N MET A 122 17.12 24.76 31.26
CA MET A 122 17.38 24.67 32.70
C MET A 122 18.13 23.38 33.01
N HIS A 123 19.11 23.46 33.91
CA HIS A 123 19.86 22.30 34.37
C HIS A 123 18.90 21.29 35.03
N LEU A 124 19.15 20.02 34.83
CA LEU A 124 18.36 18.94 35.43
C LEU A 124 18.24 19.10 36.94
N CYS A 125 19.39 19.26 37.60
CA CYS A 125 19.52 19.60 39.03
C CYS A 125 18.75 20.84 39.53
N SER A 126 18.39 21.76 38.65
CA SER A 126 17.58 22.91 39.02
C SER A 126 16.11 22.75 38.63
N GLY A 127 15.73 21.60 38.07
CA GLY A 127 14.34 21.36 37.67
C GLY A 127 14.08 21.21 36.18
N GLY A 128 15.11 21.28 35.34
CA GLY A 128 14.94 21.02 33.91
C GLY A 128 14.73 19.53 33.61
N HIS A 129 14.30 19.24 32.38
CA HIS A 129 14.25 17.85 31.91
C HIS A 129 15.55 17.42 31.26
N LEU A 130 15.74 16.11 31.15
CA LEU A 130 16.88 15.51 30.45
C LEU A 130 17.00 16.02 29.02
N THR A 131 15.88 16.04 28.31
CA THR A 131 15.82 16.50 26.91
C THR A 131 16.00 18.00 26.70
N HIS A 132 16.33 18.76 27.76
CA HIS A 132 16.64 20.18 27.65
C HIS A 132 18.15 20.43 27.61
N GLY A 133 18.92 19.48 27.11
CA GLY A 133 20.34 19.64 26.95
C GLY A 133 21.17 19.09 28.09
N PHE A 134 20.61 18.21 28.91
CA PHE A 134 21.33 17.76 30.08
C PHE A 134 22.61 17.02 29.73
N PHE A 135 23.69 17.43 30.38
CA PHE A 135 24.96 16.69 30.38
C PHE A 135 25.65 16.88 31.72
N ASP A 136 26.76 16.14 31.88
CA ASP A 136 27.61 16.21 33.06
C ASP A 136 29.08 16.28 32.61
N GLU A 137 29.98 16.64 33.51
CA GLU A 137 31.43 16.63 33.24
C GLU A 137 31.87 15.31 32.57
N LYS A 138 31.43 14.20 33.17
CA LYS A 138 31.80 12.85 32.71
C LYS A 138 31.24 12.47 31.33
N LYS A 139 30.03 12.91 31.02
CA LYS A 139 29.34 12.45 29.80
C LYS A 139 28.22 13.38 29.30
N LYS A 140 27.98 13.32 28.00
CA LYS A 140 26.79 13.89 27.38
C LYS A 140 25.63 12.92 27.59
N VAL A 141 24.92 13.11 28.70
CA VAL A 141 23.90 12.19 29.19
C VAL A 141 22.65 12.14 28.28
N SER A 142 22.12 13.29 27.91
CA SER A 142 21.04 13.36 26.93
C SER A 142 21.60 13.49 25.52
N ILE A 143 20.92 12.86 24.56
CA ILE A 143 21.21 13.12 23.16
C ILE A 143 21.08 14.61 22.86
N THR A 144 20.25 15.34 23.62
CA THR A 144 20.12 16.76 23.43
C THR A 144 21.35 17.58 23.81
N SER A 145 22.31 16.99 24.51
CA SER A 145 23.59 17.63 24.75
C SER A 145 24.70 17.13 23.81
N ASP A 146 24.40 16.14 22.99
CA ASP A 146 25.38 15.49 22.12
C ASP A 146 25.13 15.81 20.66
N MET A 147 23.89 15.64 20.22
CA MET A 147 23.54 16.01 18.86
C MET A 147 23.44 17.53 18.73
N PHE A 148 23.17 18.21 19.85
CA PHE A 148 23.16 19.67 19.93
C PHE A 148 24.30 20.13 20.83
N GLU A 149 24.66 21.41 20.71
CA GLU A 149 25.61 22.04 21.66
C GLU A 149 24.75 22.76 22.67
N SER A 150 24.79 22.31 23.92
CA SER A 150 23.90 22.90 24.92
C SER A 150 24.63 23.66 26.01
N LYS A 151 23.95 24.67 26.54
CA LYS A 151 24.40 25.44 27.69
C LYS A 151 23.27 25.38 28.70
N LEU A 152 23.62 25.32 29.98
CA LEU A 152 22.62 25.09 31.02
C LEU A 152 22.59 26.22 32.02
N TYR A 153 21.40 26.76 32.25
CA TYR A 153 21.20 27.82 33.25
C TYR A 153 20.63 27.21 34.51
N LYS A 154 20.87 27.89 35.63
CA LYS A 154 20.44 27.41 36.94
C LYS A 154 19.44 28.36 37.54
N CYS A 155 18.76 27.89 38.58
CA CYS A 155 17.86 28.71 39.38
C CYS A 155 18.72 29.33 40.47
N ASN A 156 18.27 30.44 41.05
CA ASN A 156 18.97 31.04 42.22
C ASN A 156 18.81 30.21 43.51
N SER A 157 19.45 30.66 44.59
CA SER A 157 19.48 29.90 45.86
C SER A 157 18.12 29.76 46.54
N GLN A 158 17.13 30.59 46.14
CA GLN A 158 15.76 30.47 46.61
C GLN A 158 14.88 29.57 45.74
N GLY A 159 15.45 28.97 44.68
CA GLY A 159 14.71 28.09 43.75
C GLY A 159 13.92 28.73 42.61
N TYR A 160 14.16 30.00 42.32
CA TYR A 160 13.48 30.68 41.20
C TYR A 160 14.40 30.73 39.97
N VAL A 161 13.79 30.73 38.78
CA VAL A 161 14.51 31.01 37.55
C VAL A 161 15.11 32.42 37.65
N ASP A 162 16.42 32.53 37.48
CA ASP A 162 17.12 33.80 37.51
C ASP A 162 17.33 34.31 36.09
N LEU A 163 16.43 35.17 35.64
CA LEU A 163 16.48 35.71 34.27
C LEU A 163 17.73 36.53 33.95
N ASP A 164 18.29 37.20 34.95
CA ASP A 164 19.55 37.93 34.75
C ASP A 164 20.65 36.99 34.25
N ALA A 165 20.77 35.83 34.88
CA ALA A 165 21.74 34.83 34.50
C ALA A 165 21.42 34.20 33.15
N VAL A 166 20.14 34.07 32.85
CA VAL A 166 19.69 33.55 31.55
C VAL A 166 20.17 34.49 30.44
N ARG A 167 19.91 35.80 30.61
CA ARG A 167 20.34 36.86 29.70
C ARG A 167 21.86 36.88 29.53
N GLU A 168 22.58 36.96 30.65
CA GLU A 168 24.05 36.90 30.68
C GLU A 168 24.56 35.73 29.85
N MET A 169 23.91 34.58 30.01
CA MET A 169 24.32 33.35 29.32
C MET A 169 23.92 33.39 27.84
N ALA A 170 22.68 33.77 27.54
CA ALA A 170 22.22 33.87 26.15
C ALA A 170 23.07 34.82 25.26
N LEU A 171 23.42 36.00 25.80
CA LEU A 171 24.20 37.00 25.05
C LEU A 171 25.62 36.51 24.77
N SER A 172 26.20 35.80 25.72
CA SER A 172 27.53 35.22 25.51
C SER A 172 27.47 33.94 24.63
N PHE A 173 26.44 33.12 24.81
CA PHE A 173 26.34 31.81 24.16
C PHE A 173 25.71 31.86 22.77
N LYS A 174 24.72 32.73 22.56
CA LYS A 174 24.06 32.91 21.26
C LYS A 174 23.40 31.61 20.77
N PRO A 175 22.41 31.09 21.51
CA PRO A 175 21.72 29.90 21.03
C PRO A 175 20.60 30.19 20.02
N LYS A 176 20.27 29.22 19.19
CA LYS A 176 19.08 29.26 18.33
C LYS A 176 17.78 28.96 19.09
N VAL A 177 17.84 28.21 20.20
CA VAL A 177 16.63 27.91 21.01
C VAL A 177 16.90 28.08 22.52
N ILE A 178 15.93 28.67 23.22
CA ILE A 178 15.97 28.77 24.65
C ILE A 178 14.76 28.02 25.14
N ILE A 179 15.00 27.00 25.97
CA ILE A 179 13.95 26.13 26.47
C ILE A 179 13.51 26.62 27.85
N CYS A 180 12.20 26.74 28.05
CA CYS A 180 11.63 26.99 29.36
C CYS A 180 10.42 26.10 29.50
N GLY A 181 9.93 25.98 30.73
CA GLY A 181 8.94 24.93 31.09
C GLY A 181 9.72 23.71 31.62
N TYR A 182 9.33 23.18 32.78
CA TYR A 182 10.22 22.31 33.56
C TYR A 182 9.61 21.03 34.13
N THR A 183 10.45 20.18 34.72
CA THR A 183 9.96 18.93 35.30
C THR A 183 9.66 19.06 36.77
N SER A 184 10.44 19.83 37.50
CA SER A 184 10.15 20.02 38.92
C SER A 184 10.37 21.45 39.32
N TYR A 185 9.53 22.31 38.78
CA TYR A 185 9.54 23.74 39.06
C TYR A 185 8.18 24.06 39.64
N PRO A 186 8.16 24.54 40.91
CA PRO A 186 6.90 24.74 41.61
C PRO A 186 6.22 26.09 41.37
N ARG A 187 6.82 26.97 40.56
CA ARG A 187 6.20 28.28 40.27
C ARG A 187 5.86 28.48 38.80
N ASP A 188 5.07 29.50 38.53
CA ASP A 188 4.68 29.86 37.16
C ASP A 188 5.86 30.54 36.43
N ILE A 189 5.73 30.65 35.11
CA ILE A 189 6.82 31.09 34.25
C ILE A 189 6.51 32.45 33.61
N ASP A 190 7.50 33.33 33.60
CA ASP A 190 7.38 34.64 32.94
C ASP A 190 7.86 34.45 31.48
N TYR A 191 6.93 34.00 30.64
CA TYR A 191 7.24 33.69 29.23
C TYR A 191 7.61 34.96 28.49
N GLN A 192 6.91 36.06 28.82
CA GLN A 192 7.17 37.36 28.19
C GLN A 192 8.63 37.74 28.34
N GLN A 193 9.19 37.62 29.54
CA GLN A 193 10.62 37.92 29.71
C GLN A 193 11.54 36.92 29.02
N PHE A 194 11.10 35.67 28.84
CA PHE A 194 11.88 34.72 28.02
C PHE A 194 11.89 35.17 26.56
N ARG A 195 10.74 35.59 26.05
CA ARG A 195 10.60 36.13 24.68
C ARG A 195 11.50 37.37 24.46
N GLN A 196 11.55 38.24 25.46
CA GLN A 196 12.42 39.42 25.47
C GLN A 196 13.89 39.06 25.28
N ILE A 197 14.35 38.04 25.99
CA ILE A 197 15.73 37.56 25.85
C ILE A 197 15.93 36.90 24.47
N CYS A 198 14.93 36.16 24.01
CA CYS A 198 15.06 35.40 22.77
C CYS A 198 15.21 36.36 21.57
N ASP A 199 14.28 37.31 21.44
CA ASP A 199 14.36 38.46 20.49
C ASP A 199 15.70 39.20 20.51
N GLU A 200 16.23 39.45 21.70
CA GLU A 200 17.49 40.20 21.87
C GLU A 200 18.72 39.46 21.32
N VAL A 201 18.62 38.13 21.22
CA VAL A 201 19.70 37.29 20.69
C VAL A 201 19.29 36.54 19.41
N ASN A 202 18.07 36.77 18.92
CA ASN A 202 17.50 36.11 17.73
C ASN A 202 17.33 34.59 17.88
N ALA A 203 16.91 34.18 19.08
CA ALA A 203 16.70 32.76 19.40
C ALA A 203 15.21 32.41 19.41
N TYR A 204 14.89 31.18 19.04
CA TYR A 204 13.54 30.64 19.20
C TYR A 204 13.16 30.47 20.69
N LEU A 205 11.89 30.68 21.02
CA LEU A 205 11.37 30.41 22.38
C LEU A 205 10.61 29.09 22.41
N PHE A 206 11.13 28.15 23.21
CA PHE A 206 10.61 26.77 23.34
C PHE A 206 10.02 26.62 24.74
N ALA A 207 8.73 26.29 24.78
CA ALA A 207 8.02 26.08 26.04
C ALA A 207 7.60 24.61 26.21
N ASP A 208 8.20 23.90 27.16
CA ASP A 208 7.79 22.52 27.46
C ASP A 208 6.89 22.62 28.67
N ILE A 209 5.59 22.49 28.44
CA ILE A 209 4.57 22.68 29.47
C ILE A 209 3.89 21.36 29.92
N SER A 210 4.57 20.22 29.68
CA SER A 210 4.07 18.87 30.03
C SER A 210 3.50 18.75 31.44
N HIS A 211 4.18 19.34 32.40
CA HIS A 211 3.72 19.33 33.80
C HIS A 211 2.54 20.24 34.11
N ILE A 212 2.36 21.31 33.33
CA ILE A 212 1.36 22.34 33.64
C ILE A 212 0.34 22.52 32.54
N SER A 213 0.27 21.55 31.64
CA SER A 213 -0.48 21.69 30.40
C SER A 213 -1.95 22.06 30.66
N SER A 214 -2.56 21.44 31.66
CA SER A 214 -3.94 21.71 32.00
C SER A 214 -4.14 23.13 32.50
N PHE A 215 -3.14 23.67 33.20
CA PHE A 215 -3.25 25.02 33.73
C PHE A 215 -3.22 26.05 32.59
N VAL A 216 -2.43 25.75 31.54
CA VAL A 216 -2.32 26.59 30.37
C VAL A 216 -3.62 26.51 29.58
N ALA A 217 -4.06 25.31 29.28
CA ALA A 217 -5.30 25.07 28.55
C ALA A 217 -6.52 25.71 29.18
N CYS A 218 -6.62 25.64 30.51
CA CYS A 218 -7.80 26.15 31.21
C CYS A 218 -7.63 27.58 31.73
N ASN A 219 -6.59 28.28 31.28
CA ASN A 219 -6.36 29.71 31.60
C ASN A 219 -6.26 30.06 33.09
N ILE A 220 -5.62 29.14 33.82
CA ILE A 220 -5.35 29.29 35.23
C ILE A 220 -3.93 29.86 35.42
N LEU A 221 -2.98 29.44 34.59
CA LEU A 221 -1.62 29.96 34.67
C LEU A 221 -1.29 30.76 33.42
N ASN A 222 -0.14 31.40 33.43
CA ASN A 222 0.36 32.12 32.26
C ASN A 222 0.29 31.29 30.99
N ASN A 223 0.11 31.99 29.86
CA ASN A 223 -0.12 31.36 28.57
C ASN A 223 1.12 31.50 27.72
N PRO A 224 1.85 30.39 27.50
CA PRO A 224 3.05 30.49 26.69
C PRO A 224 2.73 30.73 25.20
N PHE A 225 1.52 30.42 24.76
CA PHE A 225 1.12 30.56 23.35
C PHE A 225 1.11 32.02 22.88
N LEU A 226 1.02 32.97 23.79
CA LEU A 226 1.11 34.39 23.48
C LEU A 226 2.54 34.78 23.06
N HIS A 227 3.54 34.02 23.49
CA HIS A 227 4.95 34.38 23.32
C HIS A 227 5.86 33.37 22.64
N ALA A 228 5.51 32.08 22.62
CA ALA A 228 6.45 31.06 22.13
C ALA A 228 6.29 30.72 20.64
N ASP A 229 7.42 30.37 20.03
CA ASP A 229 7.45 29.76 18.71
C ASP A 229 7.03 28.29 18.74
N VAL A 230 7.48 27.55 19.75
CA VAL A 230 7.12 26.13 19.84
C VAL A 230 6.61 25.79 21.24
N VAL A 231 5.56 24.98 21.31
CA VAL A 231 5.11 24.45 22.57
C VAL A 231 4.96 22.96 22.49
N THR A 232 5.70 22.23 23.33
CA THR A 232 5.53 20.78 23.46
C THR A 232 4.84 20.44 24.75
N THR A 233 4.16 19.32 24.73
CA THR A 233 3.57 18.79 25.92
C THR A 233 3.32 17.29 25.78
N THR A 234 3.59 16.57 26.87
CA THR A 234 3.09 15.21 27.02
C THR A 234 1.59 15.25 27.24
N THR A 235 0.91 14.16 26.90
CA THR A 235 -0.53 14.05 27.11
C THR A 235 -0.90 13.22 28.35
N HIS A 236 0.10 12.70 29.08
CA HIS A 236 -0.14 11.70 30.16
C HIS A 236 -0.02 12.17 31.59
N LYS A 237 0.40 13.40 31.83
CA LYS A 237 0.52 13.86 33.21
C LYS A 237 -0.79 14.55 33.63
N ILE A 238 -0.75 15.84 33.95
CA ILE A 238 -1.91 16.59 34.44
C ILE A 238 -3.03 16.62 33.42
N LEU A 239 -2.68 16.57 32.13
CA LEU A 239 -3.68 16.44 31.05
C LEU A 239 -4.54 15.17 31.13
N ARG A 240 -3.96 14.11 31.69
CA ARG A 240 -4.66 12.86 32.00
C ARG A 240 -5.00 12.03 30.75
N GLY A 241 -4.19 12.16 29.70
CA GLY A 241 -4.38 11.36 28.49
C GLY A 241 -3.50 10.12 28.50
N PRO A 242 -3.31 9.51 27.33
CA PRO A 242 -2.41 8.38 27.25
C PRO A 242 -0.95 8.83 27.21
N ARG A 243 -0.03 7.87 27.11
CA ARG A 243 1.38 8.22 26.95
C ARG A 243 1.65 8.61 25.48
N SER A 244 1.78 9.90 25.23
CA SER A 244 2.00 10.46 23.89
C SER A 244 2.46 11.90 24.07
N ALA A 245 2.65 12.61 22.97
CA ALA A 245 3.06 13.99 23.05
C ALA A 245 2.59 14.83 21.87
N LEU A 246 2.66 16.15 22.07
CA LEU A 246 2.13 17.14 21.13
C LEU A 246 3.18 18.17 20.87
N ILE A 247 3.39 18.50 19.62
CA ILE A 247 4.24 19.61 19.24
C ILE A 247 3.35 20.67 18.58
N PHE A 248 3.23 21.82 19.23
CA PHE A 248 2.62 23.02 18.66
C PHE A 248 3.69 23.92 18.08
N PHE A 249 3.38 24.57 16.96
CA PHE A 249 4.33 25.47 16.30
C PHE A 249 3.61 26.74 15.80
N ASN A 250 4.25 27.89 15.94
CA ASN A 250 3.61 29.17 15.57
C ASN A 250 3.94 29.52 14.12
N LYS A 251 3.00 29.23 13.22
CA LYS A 251 3.13 29.53 11.79
C LYS A 251 3.30 31.05 11.51
N LYS A 252 2.44 31.86 12.13
CA LYS A 252 2.40 33.31 11.90
C LYS A 252 3.75 33.98 12.19
N ARG A 253 4.41 33.53 13.24
CA ARG A 253 5.72 34.07 13.62
C ARG A 253 6.85 33.47 12.76
N ASN A 254 6.66 32.21 12.31
CA ASN A 254 7.68 31.46 11.57
C ASN A 254 7.09 30.75 10.36
N PRO A 255 7.04 31.43 9.21
CA PRO A 255 6.62 30.73 7.99
C PRO A 255 7.62 29.63 7.66
N GLY A 256 7.11 28.52 7.13
CA GLY A 256 7.94 27.33 6.88
C GLY A 256 8.24 26.40 8.07
N ILE A 257 7.81 26.77 9.29
CA ILE A 257 7.97 25.91 10.47
C ILE A 257 7.16 24.61 10.38
N GLU A 258 5.96 24.67 9.79
CA GLU A 258 5.09 23.49 9.65
C GLU A 258 5.83 22.32 9.05
N GLN A 259 6.43 22.54 7.88
CA GLN A 259 7.18 21.49 7.19
C GLN A 259 8.46 21.04 7.94
N LYS A 260 9.14 21.96 8.62
CA LYS A 260 10.32 21.62 9.41
C LYS A 260 9.99 20.68 10.60
N ILE A 261 8.97 21.06 11.37
CA ILE A 261 8.47 20.23 12.45
C ILE A 261 7.91 18.91 11.94
N ASN A 262 7.10 18.96 10.89
CA ASN A 262 6.47 17.75 10.40
C ASN A 262 7.46 16.75 9.82
N SER A 263 8.53 17.23 9.19
CA SER A 263 9.47 16.36 8.54
C SER A 263 10.42 15.79 9.60
N ALA A 264 10.74 16.59 10.61
CA ALA A 264 11.46 16.11 11.79
C ALA A 264 10.81 14.89 12.45
N VAL A 265 9.50 14.93 12.65
CA VAL A 265 8.81 13.81 13.29
C VAL A 265 8.78 12.59 12.37
N PHE A 266 8.38 12.79 11.12
CA PHE A 266 8.50 11.76 10.08
C PHE A 266 8.87 12.42 8.75
N PRO A 267 9.84 11.91 8.03
CA PRO A 267 10.52 10.65 8.30
C PRO A 267 11.88 10.80 8.99
N SER A 268 12.22 11.98 9.50
CA SER A 268 13.52 12.13 10.12
C SER A 268 13.70 11.17 11.32
N PHE A 269 12.73 11.12 12.24
CA PHE A 269 12.83 10.38 13.51
C PHE A 269 11.97 9.14 13.61
N GLN A 270 10.67 9.26 13.35
CA GLN A 270 9.74 8.15 13.53
C GLN A 270 9.39 7.48 12.20
N GLY A 271 8.79 6.30 12.30
CA GLY A 271 8.18 5.60 11.18
C GLY A 271 6.67 5.71 11.30
N GLY A 272 5.99 4.58 11.31
CA GLY A 272 4.53 4.55 11.38
C GLY A 272 4.03 5.15 12.69
N PRO A 273 2.97 6.00 12.63
CA PRO A 273 2.41 6.51 13.89
C PRO A 273 1.65 5.44 14.65
N HIS A 274 1.43 5.67 15.95
CA HIS A 274 0.65 4.73 16.73
C HIS A 274 -0.78 5.23 16.85
N ASN A 275 -1.66 4.61 16.06
CA ASN A 275 -3.00 5.16 15.89
C ASN A 275 -3.87 5.01 17.10
N ASN A 276 -3.66 3.96 17.89
CA ASN A 276 -4.33 3.80 19.19
C ASN A 276 -4.02 4.97 20.14
N LYS A 277 -2.78 5.43 20.13
CA LYS A 277 -2.38 6.61 20.88
C LYS A 277 -3.11 7.86 20.43
N ILE A 278 -3.20 8.05 19.12
CA ILE A 278 -3.78 9.24 18.54
C ILE A 278 -5.29 9.28 18.85
N ALA A 279 -5.97 8.16 18.63
CA ALA A 279 -7.34 8.00 19.07
C ALA A 279 -7.49 8.34 20.55
N ALA A 280 -6.61 7.79 21.39
CA ALA A 280 -6.72 7.99 22.83
C ALA A 280 -6.49 9.43 23.19
N VAL A 281 -5.55 10.08 22.53
CA VAL A 281 -5.33 11.51 22.74
C VAL A 281 -6.56 12.32 22.31
N ALA A 282 -7.20 11.93 21.19
CA ALA A 282 -8.41 12.61 20.69
C ALA A 282 -9.49 12.58 21.75
N CYS A 283 -9.71 11.40 22.28
CA CYS A 283 -10.67 11.16 23.33
C CYS A 283 -10.47 12.00 24.60
N GLN A 284 -9.23 12.12 25.05
CA GLN A 284 -8.97 12.94 26.21
C GLN A 284 -9.11 14.43 25.92
N LEU A 285 -8.68 14.85 24.74
CA LEU A 285 -8.71 16.28 24.40
C LEU A 285 -10.14 16.86 24.37
N LYS A 286 -11.15 16.01 24.11
CA LYS A 286 -12.54 16.44 24.19
C LYS A 286 -12.87 16.77 25.63
N GLU A 287 -12.61 15.80 26.51
CA GLU A 287 -12.73 16.03 27.96
C GLU A 287 -11.95 17.26 28.41
N VAL A 288 -10.72 17.43 27.95
CA VAL A 288 -9.92 18.58 28.36
C VAL A 288 -10.69 19.85 28.10
N HIS A 289 -11.30 19.96 26.92
CA HIS A 289 -12.09 21.15 26.57
C HIS A 289 -13.56 21.02 27.01
N SER A 290 -13.76 21.04 28.33
CA SER A 290 -15.08 20.99 28.96
C SER A 290 -15.00 21.75 30.27
N PRO A 291 -16.13 22.33 30.71
CA PRO A 291 -16.09 23.09 31.97
C PRO A 291 -15.84 22.20 33.20
N ALA A 292 -16.27 20.92 33.13
CA ALA A 292 -15.98 19.92 34.15
C ALA A 292 -14.48 19.65 34.41
N PHE A 293 -13.68 19.60 33.33
CA PHE A 293 -12.25 19.37 33.43
C PHE A 293 -11.52 20.60 33.98
N LYS A 294 -12.05 21.80 33.68
CA LYS A 294 -11.53 23.03 34.29
C LYS A 294 -11.69 22.99 35.81
N GLU A 295 -12.79 22.38 36.27
CA GLU A 295 -13.05 22.21 37.71
C GLU A 295 -12.04 21.26 38.34
N TYR A 296 -11.78 20.13 37.67
CA TYR A 296 -10.72 19.20 38.10
C TYR A 296 -9.38 19.91 38.25
N THR A 297 -8.97 20.60 37.19
CA THR A 297 -7.72 21.36 37.15
C THR A 297 -7.66 22.40 38.27
N GLN A 298 -8.77 23.09 38.50
CA GLN A 298 -8.86 24.04 39.63
C GLN A 298 -8.68 23.28 40.93
N GLN A 299 -9.35 22.14 41.07
CA GLN A 299 -9.18 21.33 42.26
C GLN A 299 -7.71 20.91 42.48
N VAL A 300 -6.97 20.62 41.40
CA VAL A 300 -5.56 20.21 41.49
C VAL A 300 -4.77 21.31 42.17
N LEU A 301 -5.03 22.56 41.78
CA LEU A 301 -4.36 23.69 42.37
C LEU A 301 -4.81 23.96 43.81
N LEU A 302 -6.10 23.81 44.10
CA LEU A 302 -6.60 24.01 45.46
C LEU A 302 -5.94 23.00 46.42
N ASN A 303 -5.94 21.71 46.05
CA ASN A 303 -5.26 20.63 46.80
C ASN A 303 -3.78 20.88 47.01
N SER A 304 -3.12 21.38 45.97
CA SER A 304 -1.70 21.68 46.06
C SER A 304 -1.39 22.82 47.06
N LYS A 305 -2.14 23.91 46.98
CA LYS A 305 -1.96 25.06 47.89
C LYS A 305 -2.24 24.65 49.35
N ALA A 306 -3.31 23.86 49.51
CA ALA A 306 -3.69 23.36 50.81
C ALA A 306 -2.65 22.38 51.37
N LEU A 307 -2.04 21.55 50.49
CA LEU A 307 -0.99 20.62 50.91
C LEU A 307 0.26 21.37 51.33
N ALA A 308 0.63 22.36 50.53
CA ALA A 308 1.75 23.26 50.87
C ALA A 308 1.57 23.92 52.23
N LYS A 309 0.41 24.52 52.43
CA LYS A 309 0.07 25.19 53.68
C LYS A 309 0.11 24.27 54.91
N ALA A 310 -0.38 23.05 54.77
CA ALA A 310 -0.40 22.08 55.88
C ALA A 310 1.03 21.59 56.22
N LEU A 311 1.87 21.43 55.20
CA LEU A 311 3.26 21.07 55.44
C LEU A 311 4.03 22.19 56.14
N ILE A 312 3.77 23.43 55.73
CA ILE A 312 4.37 24.60 56.38
C ILE A 312 3.88 24.68 57.81
N SER A 313 2.58 24.50 58.04
CA SER A 313 2.04 24.48 59.40
C SER A 313 2.63 23.40 60.31
N LYS A 314 3.16 22.32 59.72
CA LYS A 314 3.93 21.30 60.45
C LYS A 314 5.45 21.53 60.41
N GLN A 315 5.88 22.77 60.13
CA GLN A 315 7.29 23.16 60.13
C GLN A 315 8.15 22.44 59.08
N ILE A 316 7.56 22.07 57.95
CA ILE A 316 8.30 21.48 56.85
C ILE A 316 8.53 22.61 55.82
N ASP A 317 9.79 22.76 55.40
CA ASP A 317 10.21 23.76 54.42
C ASP A 317 9.97 23.30 52.98
N LEU A 318 9.48 24.24 52.16
CA LEU A 318 9.19 24.04 50.76
C LEU A 318 10.09 24.93 49.92
N VAL A 319 10.64 24.40 48.83
CA VAL A 319 11.45 25.19 47.91
C VAL A 319 10.55 26.29 47.31
N THR A 320 11.06 27.52 47.33
CA THR A 320 10.32 28.77 47.06
C THR A 320 9.21 29.08 48.04
N ASN A 321 9.18 28.42 49.20
CA ASN A 321 8.14 28.58 50.23
C ASN A 321 6.68 28.42 49.81
N GLY A 322 6.45 27.61 48.79
CA GLY A 322 5.09 27.42 48.28
C GLY A 322 5.04 26.94 46.84
N THR A 323 3.87 27.09 46.25
CA THR A 323 3.61 26.61 44.92
C THR A 323 2.60 27.48 44.15
N ASP A 324 2.77 27.62 42.84
CA ASP A 324 1.73 28.21 41.97
C ASP A 324 1.02 27.19 41.14
N ASN A 325 1.39 25.92 41.27
CA ASN A 325 0.83 24.87 40.41
C ASN A 325 0.56 23.61 41.23
N HIS A 326 0.61 22.46 40.55
CA HIS A 326 0.34 21.14 41.06
C HIS A 326 1.43 20.48 41.90
N LEU A 327 2.63 21.06 42.00
CA LEU A 327 3.74 20.38 42.59
C LEU A 327 4.47 21.20 43.65
N ILE A 328 5.06 20.46 44.59
CA ILE A 328 5.77 21.04 45.72
C ILE A 328 7.06 20.29 45.76
N VAL A 329 8.14 20.98 46.12
CA VAL A 329 9.43 20.32 46.39
C VAL A 329 9.74 20.57 47.87
N VAL A 330 9.80 19.50 48.66
CA VAL A 330 10.16 19.60 50.09
C VAL A 330 11.67 19.62 50.26
N ASP A 331 12.15 20.60 51.01
CA ASP A 331 13.57 20.74 51.36
C ASP A 331 13.76 20.04 52.70
N LEU A 332 14.51 18.95 52.71
CA LEU A 332 14.64 18.12 53.92
C LEU A 332 15.86 18.40 54.80
N ARG A 333 16.60 19.48 54.52
CA ARG A 333 17.89 19.73 55.19
C ARG A 333 17.79 19.83 56.71
N LYS A 334 16.71 20.41 57.23
CA LYS A 334 16.55 20.59 58.69
C LYS A 334 16.39 19.29 59.49
N PHE A 335 16.04 18.21 58.79
CA PHE A 335 15.90 16.90 59.38
C PHE A 335 17.12 16.02 59.17
N SER A 336 18.09 16.49 58.40
CA SER A 336 19.33 15.75 58.09
C SER A 336 19.09 14.36 57.52
N ILE A 337 18.11 14.28 56.62
CA ILE A 337 17.85 13.07 55.86
C ILE A 337 17.91 13.42 54.38
N THR A 338 18.24 12.45 53.55
CA THR A 338 18.23 12.65 52.10
C THR A 338 16.86 12.32 51.55
N GLY A 339 16.60 12.77 50.32
CA GLY A 339 15.39 12.40 49.60
C GLY A 339 15.25 10.91 49.34
N SER A 340 16.38 10.26 49.08
CA SER A 340 16.38 8.82 48.78
C SER A 340 15.93 8.00 49.98
N LYS A 341 16.33 8.43 51.17
CA LYS A 341 15.88 7.76 52.42
C LYS A 341 14.38 7.89 52.64
N LEU A 342 13.83 9.09 52.45
CA LEU A 342 12.40 9.32 52.59
C LEU A 342 11.60 8.61 51.51
N GLN A 343 12.13 8.58 50.29
CA GLN A 343 11.47 7.82 49.20
C GLN A 343 11.33 6.34 49.60
N GLU A 344 12.41 5.77 50.13
CA GLU A 344 12.39 4.37 50.62
C GLU A 344 11.36 4.18 51.73
N THR A 345 11.33 5.09 52.69
CA THR A 345 10.34 5.02 53.77
C THR A 345 8.90 5.15 53.25
N CYS A 346 8.70 6.03 52.28
CA CYS A 346 7.37 6.26 51.73
C CYS A 346 6.90 5.07 50.89
N ASN A 347 7.80 4.45 50.11
CA ASN A 347 7.42 3.21 49.40
C ASN A 347 6.98 2.12 50.39
N ALA A 348 7.72 1.95 51.48
CA ALA A 348 7.35 1.00 52.55
C ALA A 348 5.95 1.26 53.16
N ILE A 349 5.45 2.50 53.08
CA ILE A 349 4.08 2.80 53.52
C ILE A 349 3.08 3.10 52.40
N ASN A 350 3.36 2.57 51.20
CA ASN A 350 2.54 2.78 50.02
C ASN A 350 2.27 4.28 49.70
N VAL A 351 3.29 5.10 49.92
CA VAL A 351 3.23 6.50 49.51
C VAL A 351 4.23 6.65 48.37
N SER A 352 3.72 7.02 47.20
CA SER A 352 4.56 7.19 46.00
C SER A 352 4.99 8.64 45.84
N LEU A 353 6.30 8.88 45.95
CA LEU A 353 6.89 10.16 45.63
C LEU A 353 8.32 9.89 45.12
N ASN A 354 9.02 10.95 44.68
CA ASN A 354 10.37 10.80 44.20
C ASN A 354 11.31 11.79 44.84
N LYS A 355 12.55 11.34 45.03
CA LYS A 355 13.64 12.21 45.44
C LYS A 355 13.90 13.26 44.36
N ASN A 356 14.37 14.42 44.81
CA ASN A 356 14.47 15.58 43.97
C ASN A 356 15.52 16.54 44.49
N THR A 357 16.33 17.05 43.58
CA THR A 357 17.31 18.08 43.90
C THR A 357 16.66 19.35 44.45
N ILE A 358 17.40 20.05 45.30
CA ILE A 358 17.06 21.39 45.75
C ILE A 358 18.24 22.29 45.40
N PRO A 359 18.06 23.63 45.44
CA PRO A 359 19.12 24.55 44.95
C PRO A 359 20.52 24.37 45.57
N SER A 360 20.57 24.12 46.88
CA SER A 360 21.85 23.94 47.59
C SER A 360 22.62 22.68 47.16
N ASP A 361 21.93 21.68 46.59
CA ASP A 361 22.60 20.48 46.09
C ASP A 361 23.42 20.86 44.88
N VAL A 362 24.69 20.48 44.90
CA VAL A 362 25.58 20.76 43.80
C VAL A 362 25.56 19.60 42.78
N ASP A 363 25.29 18.36 43.27
CA ASP A 363 25.19 17.14 42.45
C ASP A 363 23.75 16.61 42.36
N CYS A 364 23.54 15.64 41.47
CA CYS A 364 22.30 14.83 41.41
C CYS A 364 22.41 13.49 42.19
N VAL A 365 23.55 13.28 42.83
CA VAL A 365 23.75 12.19 43.81
C VAL A 365 23.47 12.80 45.19
N SER A 366 22.66 12.09 45.97
CA SER A 366 22.21 12.60 47.28
C SER A 366 21.40 13.92 47.17
N PRO A 367 20.31 13.91 46.40
CA PRO A 367 19.42 15.06 46.45
C PRO A 367 18.76 15.23 47.84
N SER A 368 18.57 16.48 48.23
CA SER A 368 18.17 16.81 49.57
C SER A 368 16.67 17.08 49.70
N GLY A 369 15.87 16.67 48.71
CA GLY A 369 14.43 16.91 48.78
C GLY A 369 13.63 15.83 48.15
N VAL A 370 12.32 16.00 48.18
CA VAL A 370 11.40 15.14 47.46
C VAL A 370 10.38 16.00 46.73
N ARG A 371 9.84 15.46 45.65
CA ARG A 371 8.82 16.10 44.91
C ARG A 371 7.49 15.37 45.11
N ILE A 372 6.45 16.15 45.34
CA ILE A 372 5.12 15.64 45.45
C ILE A 372 4.20 16.47 44.53
N GLY A 373 3.10 15.84 44.10
CA GLY A 373 2.13 16.54 43.32
C GLY A 373 0.75 15.98 43.53
N THR A 374 -0.25 16.82 43.28
CA THR A 374 -1.65 16.50 43.54
C THR A 374 -2.52 15.93 42.43
N PRO A 375 -2.02 15.84 41.16
CA PRO A 375 -3.01 15.40 40.13
C PRO A 375 -3.60 14.00 40.28
N ALA A 376 -2.79 13.01 40.58
CA ALA A 376 -3.30 11.66 40.75
C ALA A 376 -4.37 11.59 41.88
N MET A 377 -4.08 12.18 43.04
CA MET A 377 -5.00 12.12 44.18
C MET A 377 -6.22 13.00 44.00
N THR A 378 -6.06 14.08 43.22
CA THR A 378 -7.21 14.92 42.87
C THR A 378 -8.12 14.14 41.95
N THR A 379 -7.52 13.37 41.04
CA THR A 379 -8.29 12.48 40.18
C THR A 379 -9.09 11.45 41.02
N ARG A 380 -8.47 10.92 42.07
CA ARG A 380 -9.13 9.93 42.92
C ARG A 380 -10.15 10.50 43.92
N GLY A 381 -10.31 11.82 43.96
CA GLY A 381 -11.44 12.45 44.66
C GLY A 381 -11.06 13.20 45.92
N ALA A 382 -9.77 13.29 46.23
CA ALA A 382 -9.31 14.01 47.41
C ALA A 382 -9.59 15.50 47.24
N LYS A 383 -10.05 16.13 48.32
CA LYS A 383 -10.33 17.55 48.37
C LYS A 383 -9.37 18.22 49.33
N GLU A 384 -9.52 19.53 49.51
CA GLU A 384 -8.60 20.30 50.37
C GLU A 384 -8.40 19.76 51.77
N LYS A 385 -9.50 19.39 52.40
CA LYS A 385 -9.49 18.82 53.76
C LYS A 385 -8.73 17.50 53.86
N ASP A 386 -8.65 16.74 52.77
CA ASP A 386 -7.88 15.51 52.70
C ASP A 386 -6.38 15.72 52.65
N MET A 387 -5.95 16.94 52.37
CA MET A 387 -4.54 17.25 52.29
C MET A 387 -3.87 17.28 53.64
N GLU A 388 -4.61 17.56 54.72
CA GLU A 388 -4.06 17.50 56.08
C GLU A 388 -3.59 16.07 56.45
N PHE A 389 -4.40 15.08 56.09
CA PHE A 389 -4.02 13.69 56.28
C PHE A 389 -2.76 13.35 55.50
N ILE A 390 -2.69 13.78 54.23
CA ILE A 390 -1.49 13.52 53.40
C ILE A 390 -0.27 14.17 54.05
N ALA A 391 -0.43 15.42 54.47
CA ALA A 391 0.61 16.11 55.20
C ALA A 391 0.99 15.38 56.49
N ASP A 392 -0.01 14.94 57.26
CA ASP A 392 0.25 14.16 58.51
C ASP A 392 1.03 12.87 58.22
N VAL A 393 0.62 12.14 57.18
CA VAL A 393 1.33 10.92 56.76
C VAL A 393 2.78 11.20 56.40
N LEU A 394 3.01 12.25 55.60
CA LEU A 394 4.38 12.61 55.22
C LEU A 394 5.24 13.09 56.37
N ALA A 395 4.67 13.83 57.32
CA ALA A 395 5.42 14.27 58.52
C ALA A 395 5.86 13.05 59.39
N ARG A 396 4.92 12.14 59.60
CA ARG A 396 5.22 10.87 60.28
C ARG A 396 6.30 10.06 59.53
N ALA A 397 6.28 10.06 58.19
CA ALA A 397 7.34 9.37 57.40
C ALA A 397 8.70 9.97 57.62
N ILE A 398 8.72 11.29 57.71
CA ILE A 398 9.96 12.00 57.97
C ILE A 398 10.49 11.68 59.35
N LYS A 399 9.63 11.71 60.37
CA LYS A 399 10.05 11.38 61.75
C LYS A 399 10.61 9.93 61.87
N ILE A 400 9.86 8.97 61.35
CA ILE A 400 10.33 7.58 61.28
C ILE A 400 11.67 7.46 60.55
N THR A 401 11.83 8.21 59.47
CA THR A 401 13.07 8.21 58.71
C THR A 401 14.22 8.74 59.54
N VAL A 402 13.98 9.78 60.31
CA VAL A 402 15.03 10.34 61.21
C VAL A 402 15.40 9.30 62.29
N ASP A 403 14.39 8.69 62.90
CA ASP A 403 14.60 7.65 63.94
C ASP A 403 15.35 6.42 63.39
N LEU A 404 14.92 5.89 62.25
CA LEU A 404 15.63 4.79 61.59
C LEU A 404 17.10 5.14 61.28
N GLN A 405 17.34 6.38 60.83
CA GLN A 405 18.71 6.84 60.56
C GLN A 405 19.56 6.82 61.83
N GLU A 406 18.98 7.26 62.95
CA GLU A 406 19.65 7.20 64.23
C GLU A 406 20.01 5.75 64.64
N GLN A 407 19.05 4.85 64.53
CA GLN A 407 19.24 3.47 64.95
C GLN A 407 20.20 2.68 64.04
N TYR A 408 20.05 2.82 62.72
CA TYR A 408 20.82 2.02 61.77
C TYR A 408 21.96 2.75 61.07
N GLY A 409 21.88 4.08 60.95
CA GLY A 409 22.97 4.90 60.39
C GLY A 409 22.63 5.59 59.09
N LYS A 410 23.51 6.51 58.66
CA LYS A 410 23.33 7.36 57.47
C LYS A 410 23.68 6.73 56.11
N LYS A 411 24.33 5.56 56.11
CA LYS A 411 24.59 4.85 54.86
C LYS A 411 23.29 4.21 54.42
N LEU A 412 22.92 4.41 53.14
CA LEU A 412 21.64 3.93 52.61
C LEU A 412 21.47 2.42 52.73
N VAL A 413 22.57 1.69 52.59
CA VAL A 413 22.54 0.22 52.69
C VAL A 413 22.14 -0.18 54.11
N ASP A 414 22.81 0.40 55.10
CA ASP A 414 22.53 0.17 56.52
C ASP A 414 21.10 0.64 56.87
N PHE A 415 20.72 1.83 56.39
CA PHE A 415 19.41 2.42 56.70
C PHE A 415 18.24 1.52 56.34
N LYS A 416 18.27 0.95 55.13
CA LYS A 416 17.18 0.09 54.64
C LYS A 416 16.97 -1.15 55.48
N LYS A 417 18.04 -1.69 56.07
CA LYS A 417 17.95 -2.85 56.96
C LYS A 417 16.93 -2.60 58.06
N GLY A 418 16.84 -1.35 58.50
CA GLY A 418 15.84 -0.95 59.49
C GLY A 418 14.39 -1.01 59.07
N LEU A 419 14.11 -0.95 57.76
CA LEU A 419 12.71 -0.85 57.25
C LEU A 419 11.87 -2.11 57.35
N PRO A 420 12.43 -3.28 56.94
CA PRO A 420 11.56 -4.45 56.94
C PRO A 420 11.13 -4.85 58.36
N GLY A 421 9.82 -5.10 58.47
CA GLY A 421 9.23 -5.47 59.74
C GLY A 421 8.93 -4.34 60.71
N ASN A 422 9.31 -3.09 60.39
CA ASN A 422 9.12 -1.98 61.35
C ASN A 422 7.66 -1.88 61.75
N ALA A 423 7.39 -1.92 63.06
CA ALA A 423 6.03 -1.89 63.61
C ALA A 423 5.25 -0.62 63.22
N GLN A 424 5.90 0.53 63.34
CA GLN A 424 5.26 1.82 62.99
C GLN A 424 4.94 1.94 61.49
N LEU A 425 5.85 1.47 60.65
CA LEU A 425 5.62 1.46 59.20
C LEU A 425 4.46 0.58 58.81
N GLN A 426 4.39 -0.64 59.36
CA GLN A 426 3.27 -1.54 59.08
C GLN A 426 1.96 -0.88 59.48
N GLN A 427 1.99 -0.22 60.63
CA GLN A 427 0.85 0.55 61.14
C GLN A 427 0.53 1.71 60.17
N LEU A 428 1.53 2.48 59.80
CA LEU A 428 1.33 3.63 58.91
C LEU A 428 0.87 3.16 57.52
N LYS A 429 1.51 2.12 56.97
CA LYS A 429 1.01 1.45 55.75
C LYS A 429 -0.48 1.10 55.79
N GLN A 430 -0.91 0.42 56.84
CA GLN A 430 -2.32 0.01 56.99
C GLN A 430 -3.29 1.17 56.96
N GLU A 431 -2.92 2.29 57.59
CA GLU A 431 -3.74 3.52 57.51
C GLU A 431 -3.81 4.06 56.07
N VAL A 432 -2.66 4.06 55.40
CA VAL A 432 -2.60 4.50 54.01
C VAL A 432 -3.45 3.59 53.11
N VAL A 433 -3.26 2.28 53.24
CA VAL A 433 -4.02 1.32 52.43
C VAL A 433 -5.51 1.49 52.65
N THR A 434 -5.92 1.72 53.90
CA THR A 434 -7.34 1.83 54.25
C THR A 434 -7.94 3.07 53.66
N TRP A 435 -7.25 4.20 53.75
CA TRP A 435 -7.75 5.44 53.17
C TRP A 435 -7.73 5.40 51.64
N ALA A 436 -6.61 4.97 51.07
CA ALA A 436 -6.40 4.94 49.59
C ALA A 436 -7.35 3.97 48.89
N GLY A 437 -7.38 2.73 49.38
CA GLY A 437 -8.27 1.68 48.86
C GLY A 437 -9.70 2.12 48.66
N ALA A 438 -10.18 3.02 49.52
CA ALA A 438 -11.56 3.49 49.53
C ALA A 438 -11.89 4.49 48.43
N LEU A 439 -10.89 5.26 48.01
CA LEU A 439 -11.10 6.36 47.07
C LEU A 439 -11.58 5.87 45.69
N PRO A 440 -12.40 6.70 44.99
CA PRO A 440 -12.76 6.40 43.61
C PRO A 440 -11.55 6.12 42.72
N PHE A 441 -11.71 5.10 41.87
CA PHE A 441 -10.62 4.57 41.06
C PHE A 441 -11.15 4.36 39.64
N PRO A 442 -10.62 5.10 38.65
CA PRO A 442 -11.05 4.84 37.26
C PRO A 442 -10.49 3.53 36.75
N MET B 1 -13.03 12.13 40.86
CA MET B 1 -13.38 13.33 40.00
C MET B 1 -13.06 13.08 38.52
N PHE B 2 -13.68 12.06 37.95
CA PHE B 2 -13.46 11.66 36.55
C PHE B 2 -14.74 11.13 35.92
N ASN B 3 -14.78 11.13 34.58
CA ASN B 3 -15.86 10.50 33.82
C ASN B 3 -15.55 9.04 33.44
N ASN B 4 -16.30 8.10 34.02
CA ASN B 4 -16.11 6.67 33.76
C ASN B 4 -17.03 6.07 32.68
N GLU B 5 -17.89 6.90 32.05
CA GLU B 5 -18.78 6.43 30.98
C GLU B 5 -18.02 5.72 29.83
N PRO B 6 -18.62 4.68 29.21
CA PRO B 6 -17.93 4.01 28.09
C PRO B 6 -17.60 4.93 26.91
N LEU B 7 -16.69 4.48 26.05
CA LEU B 7 -16.26 5.24 24.87
C LEU B 7 -17.43 5.64 23.97
N GLU B 8 -18.41 4.73 23.77
CA GLU B 8 -19.58 5.04 22.93
C GLU B 8 -20.39 6.21 23.51
N GLN B 9 -20.59 6.19 24.83
CA GLN B 9 -21.28 7.28 25.53
C GLN B 9 -20.44 8.56 25.57
N ILE B 10 -19.19 8.43 25.99
CA ILE B 10 -18.33 9.60 26.25
C ILE B 10 -17.90 10.33 24.98
N ASP B 11 -17.69 9.61 23.89
CA ASP B 11 -17.23 10.21 22.63
C ASP B 11 -17.84 9.44 21.46
N LYS B 12 -19.10 9.75 21.17
CA LYS B 12 -19.83 9.07 20.11
C LYS B 12 -19.20 9.34 18.76
N GLU B 13 -18.71 10.56 18.54
CA GLU B 13 -18.03 10.91 17.28
C GLU B 13 -16.84 10.00 16.96
N LEU B 14 -16.00 9.73 17.96
CA LEU B 14 -14.80 8.92 17.77
C LEU B 14 -15.14 7.43 17.66
N HIS B 15 -16.10 6.96 18.46
CA HIS B 15 -16.48 5.55 18.48
C HIS B 15 -17.06 5.07 17.15
N ASP B 16 -17.67 5.98 16.39
CA ASP B 16 -18.21 5.64 15.07
C ASP B 16 -17.11 5.50 14.01
N ILE B 17 -16.13 6.39 14.02
CA ILE B 17 -14.98 6.35 13.10
C ILE B 17 -14.17 5.09 13.39
N LEU B 18 -14.00 4.78 14.67
CA LEU B 18 -13.33 3.51 15.09
C LEU B 18 -14.12 2.28 14.69
N ALA B 19 -15.44 2.33 14.80
CA ALA B 19 -16.28 1.20 14.36
C ALA B 19 -16.20 1.00 12.84
N ASP B 20 -16.13 2.13 12.13
CA ASP B 20 -15.94 2.13 10.68
C ASP B 20 -14.58 1.55 10.30
N GLU B 21 -13.52 1.95 11.02
CA GLU B 21 -12.15 1.42 10.81
C GLU B 21 -12.12 -0.08 10.94
N GLU B 22 -12.78 -0.61 11.95
CA GLU B 22 -12.80 -2.06 12.23
C GLU B 22 -13.50 -2.83 11.12
N LYS B 23 -14.56 -2.24 10.60
CA LYS B 23 -15.33 -2.83 9.53
C LYS B 23 -14.48 -2.81 8.24
N ARG B 24 -13.82 -1.69 7.94
CA ARG B 24 -12.89 -1.64 6.81
C ARG B 24 -11.82 -2.77 6.89
N GLN B 25 -11.22 -2.97 8.06
CA GLN B 25 -10.20 -4.03 8.25
C GLN B 25 -10.77 -5.44 8.01
N ARG B 26 -12.00 -5.60 8.46
CA ARG B 26 -12.74 -6.84 8.35
C ARG B 26 -13.05 -7.22 6.89
N GLU B 27 -13.22 -6.22 6.04
CA GLU B 27 -13.69 -6.41 4.69
C GLU B 27 -12.61 -6.07 3.65
N THR B 28 -11.34 -6.23 4.05
CA THR B 28 -10.20 -5.86 3.22
C THR B 28 -9.33 -7.09 3.02
N ILE B 29 -8.85 -7.28 1.79
CA ILE B 29 -7.72 -8.20 1.57
C ILE B 29 -6.47 -7.37 1.85
N ASN B 30 -5.95 -7.53 3.06
CA ASN B 30 -4.79 -6.80 3.54
C ASN B 30 -3.50 -7.54 3.17
N LEU B 31 -2.83 -7.04 2.15
CA LEU B 31 -1.55 -7.57 1.71
C LEU B 31 -0.41 -6.63 2.06
N ILE B 32 -0.56 -5.73 3.05
CA ILE B 32 0.60 -4.90 3.51
C ILE B 32 1.56 -5.85 4.21
N ALA B 33 2.79 -5.95 3.74
CA ALA B 33 3.71 -6.98 4.23
C ALA B 33 4.10 -6.75 5.68
N SER B 34 4.04 -5.48 6.09
CA SER B 34 4.36 -5.08 7.46
C SER B 34 3.20 -5.08 8.44
N GLU B 35 1.98 -5.44 8.02
CA GLU B 35 0.80 -5.42 8.91
C GLU B 35 0.37 -6.81 9.35
N ASN B 36 -0.32 -6.84 10.48
CA ASN B 36 -0.88 -8.05 11.06
C ASN B 36 -2.10 -7.67 11.89
N LEU B 37 -2.67 -8.64 12.59
CA LEU B 37 -3.81 -8.37 13.48
C LEU B 37 -3.56 -9.01 14.82
N THR B 38 -3.51 -8.17 15.85
CA THR B 38 -3.25 -8.59 17.22
C THR B 38 -4.47 -9.27 17.77
N ASN B 39 -4.26 -10.21 18.69
CA ASN B 39 -5.39 -10.89 19.37
C ASN B 39 -5.87 -10.05 20.53
N GLY B 40 -6.98 -10.47 21.12
CA GLY B 40 -7.62 -9.76 22.20
C GLY B 40 -6.73 -9.65 23.42
N ALA B 41 -5.97 -10.70 23.73
CA ALA B 41 -5.08 -10.69 24.88
C ALA B 41 -4.00 -9.61 24.79
N VAL B 42 -3.45 -9.43 23.60
CA VAL B 42 -2.46 -8.37 23.36
C VAL B 42 -3.11 -7.01 23.53
N ARG B 43 -4.31 -6.86 23.02
CA ARG B 43 -5.03 -5.60 23.17
C ARG B 43 -5.60 -5.32 24.58
N GLU B 44 -5.81 -6.35 25.38
CA GLU B 44 -6.11 -6.18 26.81
C GLU B 44 -4.92 -5.55 27.55
N CYS B 45 -3.72 -5.97 27.20
CA CYS B 45 -2.49 -5.42 27.78
C CYS B 45 -2.26 -3.97 27.41
N LEU B 46 -2.52 -3.62 26.15
CA LEU B 46 -2.32 -2.27 25.67
C LEU B 46 -3.25 -1.27 26.35
N GLY B 47 -4.48 -1.70 26.68
CA GLY B 47 -5.42 -0.89 27.46
C GLY B 47 -5.41 -1.12 28.98
N ASN B 48 -4.34 -1.73 29.51
CA ASN B 48 -4.24 -2.02 30.95
C ASN B 48 -3.79 -0.79 31.73
N ARG B 49 -4.22 -0.67 32.99
CA ARG B 49 -3.76 0.46 33.85
C ARG B 49 -2.26 0.50 34.16
N VAL B 50 -1.51 -0.50 33.73
CA VAL B 50 -0.06 -0.46 33.89
C VAL B 50 0.64 0.74 33.19
N SER B 51 0.02 1.28 32.13
CA SER B 51 0.55 2.51 31.50
C SER B 51 0.50 3.75 32.40
N ASN B 52 -0.27 3.72 33.51
CA ASN B 52 -0.22 4.80 34.53
C ASN B 52 1.13 5.01 35.24
N LYS B 53 2.05 4.07 35.17
CA LYS B 53 3.24 4.11 36.00
C LYS B 53 4.46 4.67 35.30
N TYR B 54 5.04 5.73 35.89
CA TYR B 54 6.38 6.21 35.55
C TYR B 54 7.45 5.26 36.11
N SER B 55 8.28 4.69 35.25
CA SER B 55 9.31 3.77 35.69
C SER B 55 10.61 3.94 34.91
N GLU B 56 11.10 5.18 34.87
CA GLU B 56 12.38 5.52 34.22
C GLU B 56 13.52 4.71 34.79
N GLY B 57 14.38 4.23 33.92
CA GLY B 57 15.51 3.40 34.33
C GLY B 57 15.28 1.96 33.89
N TYR B 58 15.84 1.03 34.66
CA TYR B 58 15.79 -0.42 34.36
C TYR B 58 15.43 -1.20 35.60
N PRO B 59 15.02 -2.49 35.45
CA PRO B 59 14.63 -3.30 36.62
C PRO B 59 15.71 -3.34 37.70
N LYS B 60 15.31 -3.19 38.97
CA LYS B 60 16.24 -3.15 40.12
C LYS B 60 17.23 -1.96 40.13
N LYS B 61 17.08 -1.03 39.17
CA LYS B 61 17.87 0.21 39.10
C LYS B 61 16.94 1.35 38.68
N ARG B 62 15.78 1.38 39.31
CA ARG B 62 14.70 2.29 38.94
C ARG B 62 14.96 3.55 39.71
N TYR B 63 14.49 4.68 39.17
CA TYR B 63 14.60 5.96 39.86
C TYR B 63 13.55 6.02 40.95
N TYR B 64 12.35 5.53 40.65
CA TYR B 64 11.24 5.59 41.60
C TYR B 64 10.98 4.26 42.26
N GLY B 65 10.21 4.31 43.34
CA GLY B 65 9.75 3.10 44.02
C GLY B 65 8.41 2.70 43.45
N GLY B 66 7.84 1.64 44.01
CA GLY B 66 6.55 1.14 43.57
C GLY B 66 6.64 0.43 42.24
N ASN B 67 7.83 -0.03 41.89
CA ASN B 67 8.11 -0.62 40.59
C ASN B 67 8.41 -2.13 40.68
N ASP B 68 7.86 -2.79 41.70
CA ASP B 68 8.14 -4.21 41.93
C ASP B 68 7.48 -5.05 40.87
N PHE B 69 6.20 -4.78 40.64
CA PHE B 69 5.43 -5.48 39.65
C PHE B 69 5.83 -5.11 38.21
N ILE B 70 6.13 -3.83 38.00
CA ILE B 70 6.68 -3.34 36.73
C ILE B 70 8.04 -3.99 36.43
N ASP B 71 8.86 -4.17 37.45
CA ASP B 71 10.15 -4.90 37.29
C ASP B 71 9.91 -6.37 36.93
N LYS B 72 8.88 -6.97 37.51
CA LYS B 72 8.54 -8.35 37.17
C LYS B 72 8.13 -8.45 35.69
N ILE B 73 7.30 -7.50 35.24
CA ILE B 73 6.82 -7.50 33.85
C ILE B 73 7.98 -7.30 32.90
N GLU B 74 8.83 -6.31 33.16
CA GLU B 74 9.99 -6.06 32.28
C GLU B 74 10.96 -7.21 32.29
N GLU B 75 11.13 -7.89 33.43
CA GLU B 75 12.04 -9.07 33.52
C GLU B 75 11.47 -10.26 32.76
N LEU B 76 10.16 -10.46 32.91
CA LEU B 76 9.47 -11.52 32.15
C LEU B 76 9.52 -11.29 30.63
N CYS B 77 9.48 -10.02 30.21
CA CYS B 77 9.53 -9.71 28.77
C CYS B 77 10.91 -9.99 28.21
N GLN B 78 11.96 -9.60 28.92
CA GLN B 78 13.34 -9.79 28.43
C GLN B 78 13.69 -11.28 28.35
N LYS B 79 13.30 -12.00 29.40
CA LYS B 79 13.49 -13.46 29.49
C LYS B 79 12.76 -14.15 28.34
N ARG B 80 11.45 -13.89 28.23
CA ARG B 80 10.63 -14.45 27.15
C ARG B 80 11.19 -14.13 25.76
N ALA B 81 11.84 -12.99 25.60
CA ALA B 81 12.41 -12.57 24.31
C ALA B 81 13.67 -13.33 23.91
N LEU B 82 14.54 -13.55 24.87
CA LEU B 82 15.81 -14.26 24.63
C LEU B 82 15.52 -15.73 24.34
N GLU B 83 14.55 -16.30 25.05
CA GLU B 83 14.04 -17.64 24.77
C GLU B 83 13.42 -17.75 23.37
N ALA B 84 12.56 -16.79 23.00
CA ALA B 84 11.85 -16.84 21.73
C ALA B 84 12.83 -16.84 20.57
N PHE B 85 13.93 -16.09 20.70
CA PHE B 85 14.96 -16.03 19.65
C PHE B 85 16.17 -16.96 19.87
N ASN B 86 15.98 -17.99 20.70
CA ASN B 86 16.94 -19.10 20.83
C ASN B 86 18.35 -18.63 21.19
N VAL B 87 18.44 -17.76 22.19
CA VAL B 87 19.71 -17.23 22.64
C VAL B 87 19.80 -17.32 24.17
N SER B 88 21.01 -17.62 24.65
CA SER B 88 21.29 -17.79 26.08
C SER B 88 21.42 -16.42 26.73
N ASP B 89 20.84 -16.25 27.90
CA ASP B 89 20.91 -14.98 28.62
C ASP B 89 22.32 -14.59 29.10
N GLU B 90 23.24 -15.56 29.14
CA GLU B 90 24.64 -15.27 29.50
C GLU B 90 25.39 -14.63 28.33
N GLU B 91 25.03 -14.99 27.10
CA GLU B 91 25.69 -14.46 25.89
C GLU B 91 24.97 -13.24 25.26
N TRP B 92 23.64 -13.20 25.36
CA TRP B 92 22.86 -12.11 24.74
C TRP B 92 22.04 -11.41 25.77
N GLY B 93 21.96 -10.09 25.65
CA GLY B 93 20.92 -9.34 26.33
C GLY B 93 19.94 -8.70 25.37
N VAL B 94 18.84 -8.24 25.95
CA VAL B 94 17.77 -7.57 25.22
C VAL B 94 17.29 -6.32 25.98
N ASN B 95 17.11 -5.21 25.24
CA ASN B 95 16.39 -4.02 25.74
C ASN B 95 14.94 -4.00 25.15
N VAL B 96 13.95 -3.84 26.01
CA VAL B 96 12.54 -3.95 25.63
C VAL B 96 11.78 -2.62 25.74
N GLN B 97 12.53 -1.54 25.96
CA GLN B 97 11.94 -0.21 26.12
C GLN B 97 11.70 0.60 24.84
N PRO B 98 12.43 0.35 23.71
CA PRO B 98 12.18 1.22 22.53
C PRO B 98 10.73 1.25 22.06
N LEU B 99 10.20 2.44 21.83
CA LEU B 99 8.77 2.60 21.56
C LEU B 99 8.37 2.16 20.18
N SER B 100 9.30 2.14 19.24
CA SER B 100 9.01 1.66 17.90
C SER B 100 10.29 1.27 17.19
N GLY B 101 10.15 0.76 15.99
CA GLY B 101 11.30 0.26 15.28
C GLY B 101 12.32 1.28 14.90
N SER B 102 11.86 2.46 14.52
CA SER B 102 12.74 3.53 14.12
C SER B 102 13.53 4.06 15.34
N ALA B 103 12.84 4.22 16.46
CA ALA B 103 13.51 4.60 17.73
C ALA B 103 14.63 3.57 18.09
N ALA B 104 14.27 2.30 18.11
CA ALA B 104 15.20 1.20 18.36
C ALA B 104 16.44 1.27 17.48
N ASN B 105 16.28 1.47 16.17
CA ASN B 105 17.44 1.58 15.27
C ASN B 105 18.32 2.84 15.55
N VAL B 106 17.71 4.01 15.75
CA VAL B 106 18.49 5.22 16.00
C VAL B 106 19.28 5.09 17.32
N GLN B 107 18.64 4.55 18.33
CA GLN B 107 19.26 4.27 19.62
C GLN B 107 20.41 3.27 19.49
N ALA B 108 20.16 2.12 18.86
CA ALA B 108 21.20 1.11 18.68
C ALA B 108 22.38 1.63 17.88
N LEU B 109 22.13 2.42 16.84
CA LEU B 109 23.22 2.93 16.04
C LEU B 109 24.03 3.96 16.82
N TYR B 110 23.33 4.85 17.54
CA TYR B 110 24.02 5.81 18.37
C TYR B 110 24.97 5.14 19.39
N ALA B 111 24.47 4.12 20.09
CA ALA B 111 25.28 3.31 21.01
C ALA B 111 26.57 2.77 20.39
N LEU B 112 26.47 2.22 19.17
CA LEU B 112 27.63 1.66 18.47
C LEU B 112 28.60 2.71 17.94
N VAL B 113 28.10 3.80 17.37
CA VAL B 113 28.94 4.72 16.63
C VAL B 113 29.01 6.15 17.13
N GLY B 114 27.98 6.60 17.85
CA GLY B 114 27.90 7.99 18.31
C GLY B 114 27.64 8.97 17.18
N VAL B 115 27.53 10.24 17.55
CA VAL B 115 27.30 11.29 16.57
C VAL B 115 28.51 11.40 15.65
N LYS B 116 28.26 11.75 14.38
CA LYS B 116 29.26 11.72 13.29
C LYS B 116 29.77 10.31 12.91
N GLY B 117 29.39 9.27 13.64
CA GLY B 117 29.81 7.90 13.33
C GLY B 117 29.38 7.43 11.94
N LYS B 118 30.17 6.51 11.40
CA LYS B 118 30.03 6.08 10.02
C LYS B 118 29.20 4.81 9.95
N ILE B 119 28.13 4.83 9.16
CA ILE B 119 27.27 3.64 8.96
C ILE B 119 27.04 3.31 7.49
N MET B 120 26.74 2.04 7.23
CA MET B 120 26.40 1.55 5.90
C MET B 120 25.08 0.81 6.01
N GLY B 121 24.16 1.08 5.09
CA GLY B 121 22.90 0.32 5.00
C GLY B 121 22.44 0.18 3.56
N MET B 122 21.46 -0.69 3.32
CA MET B 122 20.84 -0.76 1.98
C MET B 122 20.07 0.52 1.68
N HIS B 123 20.20 1.01 0.46
CA HIS B 123 19.42 2.15 -0.03
C HIS B 123 17.92 1.83 0.09
N LEU B 124 17.14 2.84 0.44
CA LEU B 124 15.68 2.71 0.53
C LEU B 124 15.04 2.20 -0.76
N CYS B 125 15.39 2.83 -1.88
CA CYS B 125 15.05 2.38 -3.24
C CYS B 125 15.38 0.92 -3.60
N SER B 126 16.34 0.31 -2.90
CA SER B 126 16.67 -1.10 -3.11
C SER B 126 16.05 -2.03 -2.08
N GLY B 127 15.31 -1.47 -1.12
CA GLY B 127 14.66 -2.27 -0.09
C GLY B 127 15.13 -2.02 1.33
N GLY B 128 16.06 -1.09 1.52
CA GLY B 128 16.42 -0.66 2.88
C GLY B 128 15.31 0.13 3.57
N HIS B 129 15.47 0.34 4.88
CA HIS B 129 14.61 1.23 5.64
C HIS B 129 15.20 2.61 5.75
N LEU B 130 14.33 3.57 6.06
CA LEU B 130 14.74 4.96 6.36
C LEU B 130 15.84 5.07 7.41
N THR B 131 15.67 4.33 8.51
CA THR B 131 16.64 4.29 9.61
C THR B 131 17.97 3.56 9.34
N HIS B 132 18.20 3.13 8.10
CA HIS B 132 19.47 2.55 7.69
C HIS B 132 20.35 3.56 6.93
N GLY B 133 20.16 4.84 7.20
CA GLY B 133 21.03 5.86 6.64
C GLY B 133 20.49 6.59 5.43
N PHE B 134 19.18 6.53 5.19
CA PHE B 134 18.63 7.08 3.97
C PHE B 134 18.81 8.58 3.86
N PHE B 135 19.34 9.01 2.71
CA PHE B 135 19.35 10.42 2.30
C PHE B 135 19.17 10.52 0.80
N ASP B 136 18.96 11.75 0.33
CA ASP B 136 18.79 12.09 -1.08
C ASP B 136 19.75 13.24 -1.40
N GLU B 137 19.98 13.50 -2.68
CA GLU B 137 20.83 14.64 -3.12
C GLU B 137 20.32 15.96 -2.48
N LYS B 138 19.01 16.16 -2.58
CA LYS B 138 18.32 17.33 -2.02
C LYS B 138 18.29 17.43 -0.50
N LYS B 139 18.31 16.30 0.21
CA LYS B 139 18.24 16.34 1.69
C LYS B 139 18.70 15.07 2.46
N LYS B 140 19.15 15.30 3.68
CA LYS B 140 19.37 14.23 4.65
C LYS B 140 18.03 13.88 5.27
N VAL B 141 17.33 12.96 4.62
CA VAL B 141 15.94 12.64 4.88
C VAL B 141 15.75 11.97 6.27
N SER B 142 16.58 10.99 6.59
CA SER B 142 16.55 10.34 7.89
C SER B 142 17.58 10.96 8.82
N ILE B 143 17.25 11.09 10.11
CA ILE B 143 18.26 11.47 11.10
C ILE B 143 19.48 10.56 11.01
N THR B 144 19.31 9.31 10.57
CA THR B 144 20.43 8.39 10.43
C THR B 144 21.44 8.75 9.34
N SER B 145 21.11 9.67 8.46
CA SER B 145 22.08 10.21 7.49
C SER B 145 22.65 11.56 7.92
N ASP B 146 22.15 12.11 9.04
CA ASP B 146 22.49 13.46 9.49
C ASP B 146 23.26 13.45 10.80
N MET B 147 22.82 12.66 11.78
CA MET B 147 23.59 12.52 13.01
C MET B 147 24.73 11.52 12.82
N PHE B 148 24.62 10.67 11.79
CA PHE B 148 25.67 9.74 11.38
C PHE B 148 26.14 10.14 9.99
N GLU B 149 27.31 9.68 9.62
CA GLU B 149 27.79 9.78 8.23
C GLU B 149 27.44 8.43 7.59
N SER B 150 26.54 8.44 6.62
CA SER B 150 26.08 7.19 6.04
C SER B 150 26.51 7.04 4.60
N LYS B 151 26.59 5.79 4.18
CA LYS B 151 26.86 5.43 2.80
C LYS B 151 25.88 4.30 2.45
N LEU B 152 25.37 4.32 1.22
CA LEU B 152 24.28 3.40 0.87
C LEU B 152 24.70 2.45 -0.22
N TYR B 153 24.45 1.17 0.00
CA TYR B 153 24.72 0.15 -1.01
C TYR B 153 23.43 -0.27 -1.70
N LYS B 154 23.58 -0.78 -2.91
CA LYS B 154 22.46 -1.15 -3.78
C LYS B 154 22.41 -2.64 -4.04
N CYS B 155 21.25 -3.10 -4.50
CA CYS B 155 21.09 -4.46 -4.97
C CYS B 155 21.43 -4.44 -6.44
N ASN B 156 21.78 -5.60 -6.99
CA ASN B 156 22.05 -5.73 -8.45
C ASN B 156 20.76 -5.63 -9.30
N SER B 157 20.93 -5.64 -10.62
CA SER B 157 19.78 -5.53 -11.55
C SER B 157 18.72 -6.63 -11.39
N GLN B 158 19.09 -7.77 -10.80
CA GLN B 158 18.13 -8.86 -10.51
C GLN B 158 17.47 -8.76 -9.15
N GLY B 159 17.73 -7.68 -8.39
CA GLY B 159 17.13 -7.47 -7.06
C GLY B 159 17.79 -8.16 -5.89
N TYR B 160 19.01 -8.66 -6.05
CA TYR B 160 19.70 -9.34 -4.95
C TYR B 160 20.72 -8.40 -4.34
N VAL B 161 20.99 -8.55 -3.05
CA VAL B 161 22.13 -7.91 -2.38
C VAL B 161 23.43 -8.30 -3.10
N ASP B 162 24.19 -7.31 -3.54
CA ASP B 162 25.43 -7.55 -4.27
C ASP B 162 26.60 -7.42 -3.31
N LEU B 163 27.04 -8.55 -2.75
CA LEU B 163 28.08 -8.54 -1.73
C LEU B 163 29.45 -8.02 -2.19
N ASP B 164 29.76 -8.16 -3.48
CA ASP B 164 31.01 -7.60 -4.03
C ASP B 164 31.04 -6.07 -3.94
N ALA B 165 29.91 -5.43 -4.23
CA ALA B 165 29.77 -3.99 -4.09
C ALA B 165 29.70 -3.55 -2.61
N VAL B 166 29.14 -4.40 -1.74
CA VAL B 166 29.10 -4.14 -0.29
C VAL B 166 30.53 -4.06 0.26
N ARG B 167 31.33 -5.07 -0.08
CA ARG B 167 32.76 -5.14 0.26
C ARG B 167 33.57 -3.98 -0.33
N GLU B 168 33.42 -3.73 -1.63
CA GLU B 168 34.10 -2.61 -2.31
C GLU B 168 33.83 -1.29 -1.59
N MET B 169 32.57 -1.07 -1.24
CA MET B 169 32.17 0.14 -0.52
C MET B 169 32.74 0.13 0.91
N ALA B 170 32.57 -0.97 1.62
CA ALA B 170 33.08 -1.09 2.99
C ALA B 170 34.60 -0.81 3.14
N LEU B 171 35.42 -1.29 2.19
CA LEU B 171 36.89 -1.14 2.26
C LEU B 171 37.36 0.30 2.13
N SER B 172 36.77 1.03 1.18
CA SER B 172 37.08 2.45 1.00
C SER B 172 36.37 3.38 2.01
N PHE B 173 35.16 3.02 2.42
CA PHE B 173 34.38 3.88 3.35
C PHE B 173 34.76 3.68 4.81
N LYS B 174 35.03 2.43 5.21
CA LYS B 174 35.45 2.09 6.58
C LYS B 174 34.39 2.54 7.59
N PRO B 175 33.17 1.97 7.51
CA PRO B 175 32.18 2.28 8.53
C PRO B 175 32.39 1.53 9.83
N LYS B 176 31.91 2.11 10.92
CA LYS B 176 31.84 1.42 12.22
C LYS B 176 30.71 0.39 12.26
N VAL B 177 29.63 0.58 11.47
CA VAL B 177 28.49 -0.38 11.44
C VAL B 177 28.03 -0.63 10.00
N ILE B 178 27.68 -1.87 9.72
CA ILE B 178 27.07 -2.25 8.45
C ILE B 178 25.73 -2.87 8.75
N ILE B 179 24.69 -2.29 8.15
CA ILE B 179 23.31 -2.72 8.42
C ILE B 179 22.82 -3.65 7.31
N CYS B 180 22.26 -4.78 7.71
CA CYS B 180 21.55 -5.68 6.83
C CYS B 180 20.28 -6.08 7.53
N GLY B 181 19.36 -6.68 6.76
CA GLY B 181 17.96 -6.90 7.19
C GLY B 181 17.13 -5.71 6.71
N TYR B 182 16.03 -5.97 5.99
CA TYR B 182 15.44 -4.95 5.09
C TYR B 182 13.92 -4.79 5.18
N THR B 183 13.40 -3.77 4.49
CA THR B 183 11.95 -3.52 4.55
C THR B 183 11.21 -4.20 3.42
N SER B 184 11.80 -4.27 2.25
CA SER B 184 11.15 -4.95 1.14
C SER B 184 12.14 -5.76 0.36
N TYR B 185 12.70 -6.76 1.03
CA TYR B 185 13.61 -7.69 0.38
C TYR B 185 12.97 -9.06 0.42
N PRO B 186 12.71 -9.65 -0.76
CA PRO B 186 12.01 -10.93 -0.86
C PRO B 186 12.84 -12.20 -0.62
N ARG B 187 14.16 -12.07 -0.46
CA ARG B 187 15.02 -13.26 -0.24
C ARG B 187 15.68 -13.30 1.15
N ASP B 188 16.22 -14.45 1.49
CA ASP B 188 16.95 -14.61 2.74
C ASP B 188 18.32 -13.94 2.65
N ILE B 189 18.94 -13.72 3.81
CA ILE B 189 20.16 -12.95 3.91
C ILE B 189 21.32 -13.88 4.29
N ASP B 190 22.45 -13.72 3.61
CA ASP B 190 23.66 -14.47 3.95
C ASP B 190 24.44 -13.64 4.99
N TYR B 191 24.11 -13.87 6.26
CA TYR B 191 24.71 -13.10 7.36
C TYR B 191 26.19 -13.38 7.48
N GLN B 192 26.58 -14.65 7.27
CA GLN B 192 27.98 -15.06 7.37
C GLN B 192 28.85 -14.24 6.46
N GLN B 193 28.43 -14.03 5.22
CA GLN B 193 29.21 -13.17 4.35
C GLN B 193 29.16 -11.71 4.79
N PHE B 194 28.10 -11.29 5.47
CA PHE B 194 28.10 -9.94 6.10
C PHE B 194 29.10 -9.85 7.24
N ARG B 195 29.12 -10.85 8.10
CA ARG B 195 30.07 -10.96 9.22
C ARG B 195 31.53 -11.01 8.73
N GLN B 196 31.77 -11.75 7.66
CA GLN B 196 33.06 -11.81 6.97
C GLN B 196 33.52 -10.42 6.47
N ILE B 197 32.61 -9.62 5.91
CA ILE B 197 32.98 -8.25 5.47
C ILE B 197 33.22 -7.31 6.66
N CYS B 198 32.47 -7.51 7.74
CA CYS B 198 32.56 -6.64 8.91
C CYS B 198 33.90 -6.81 9.65
N ASP B 199 34.29 -8.07 9.87
CA ASP B 199 35.63 -8.45 10.40
C ASP B 199 36.79 -7.82 9.62
N GLU B 200 36.67 -7.87 8.30
CA GLU B 200 37.71 -7.37 7.39
C GLU B 200 38.03 -5.89 7.58
N VAL B 201 36.98 -5.12 7.88
CA VAL B 201 37.06 -3.67 8.00
C VAL B 201 36.97 -3.23 9.47
N ASN B 202 36.77 -4.19 10.38
CA ASN B 202 36.56 -3.95 11.82
C ASN B 202 35.27 -3.16 12.11
N ALA B 203 34.22 -3.43 11.34
CA ALA B 203 32.89 -2.81 11.55
C ALA B 203 31.98 -3.75 12.34
N TYR B 204 31.05 -3.18 13.10
CA TYR B 204 29.96 -3.95 13.75
C TYR B 204 28.93 -4.51 12.70
N LEU B 205 28.34 -5.67 13.00
CA LEU B 205 27.27 -6.26 12.17
C LEU B 205 25.90 -6.05 12.79
N PHE B 206 25.07 -5.26 12.11
CA PHE B 206 23.73 -4.88 12.55
C PHE B 206 22.71 -5.59 11.66
N ALA B 207 21.89 -6.43 12.28
CA ALA B 207 20.80 -7.10 11.59
C ALA B 207 19.40 -6.60 12.00
N ASP B 208 18.69 -5.93 11.08
CA ASP B 208 17.30 -5.49 11.35
C ASP B 208 16.39 -6.55 10.76
N ILE B 209 15.74 -7.32 11.62
CA ILE B 209 14.97 -8.48 11.18
C ILE B 209 13.44 -8.32 11.38
N SER B 210 12.99 -7.04 11.47
CA SER B 210 11.58 -6.68 11.71
C SER B 210 10.60 -7.40 10.81
N HIS B 211 10.91 -7.46 9.53
CA HIS B 211 10.07 -8.14 8.55
C HIS B 211 10.10 -9.67 8.62
N ILE B 212 11.19 -10.24 9.13
CA ILE B 212 11.33 -11.71 9.10
C ILE B 212 11.47 -12.34 10.50
N SER B 213 11.17 -11.57 11.53
CA SER B 213 11.51 -11.98 12.90
C SER B 213 11.00 -13.38 13.26
N SER B 214 9.77 -13.68 12.88
CA SER B 214 9.17 -14.98 13.15
C SER B 214 9.90 -16.12 12.45
N PHE B 215 10.42 -15.87 11.26
CA PHE B 215 11.17 -16.89 10.54
C PHE B 215 12.48 -17.20 11.25
N VAL B 216 13.07 -16.18 11.84
CA VAL B 216 14.32 -16.29 12.56
C VAL B 216 14.07 -17.03 13.87
N ALA B 217 13.09 -16.57 14.63
CA ALA B 217 12.75 -17.22 15.90
C ALA B 217 12.41 -18.68 15.76
N CYS B 218 11.60 -19.02 14.75
CA CYS B 218 11.15 -20.39 14.54
C CYS B 218 12.09 -21.24 13.68
N ASN B 219 13.29 -20.73 13.36
CA ASN B 219 14.33 -21.48 12.62
C ASN B 219 14.00 -21.91 11.17
N ILE B 220 13.06 -21.19 10.54
CA ILE B 220 12.73 -21.42 9.13
C ILE B 220 13.78 -20.75 8.23
N LEU B 221 14.24 -19.57 8.60
CA LEU B 221 15.25 -18.86 7.80
C LEU B 221 16.57 -18.80 8.56
N ASN B 222 17.60 -18.32 7.88
CA ASN B 222 18.90 -18.14 8.47
C ASN B 222 18.86 -17.33 9.75
N ASN B 223 19.85 -17.62 10.62
CA ASN B 223 19.87 -17.08 11.97
C ASN B 223 20.97 -16.04 12.11
N PRO B 224 20.60 -14.75 12.21
CA PRO B 224 21.62 -13.73 12.31
C PRO B 224 22.32 -13.69 13.68
N PHE B 225 21.73 -14.30 14.71
CA PHE B 225 22.32 -14.33 16.05
C PHE B 225 23.66 -15.10 16.06
N LEU B 226 23.85 -16.04 15.15
CA LEU B 226 25.13 -16.72 15.01
C LEU B 226 26.27 -15.78 14.61
N HIS B 227 25.93 -14.69 13.92
CA HIS B 227 26.92 -13.78 13.33
C HIS B 227 26.85 -12.33 13.82
N ALA B 228 25.69 -11.82 14.22
CA ALA B 228 25.53 -10.39 14.43
C ALA B 228 25.90 -9.92 15.85
N ASP B 229 26.46 -8.72 15.91
CA ASP B 229 26.65 -8.00 17.17
C ASP B 229 25.36 -7.45 17.74
N VAL B 230 24.52 -6.86 16.86
CA VAL B 230 23.25 -6.29 17.27
C VAL B 230 22.13 -6.79 16.38
N VAL B 231 21.02 -7.18 17.00
CA VAL B 231 19.81 -7.50 16.27
C VAL B 231 18.65 -6.67 16.80
N THR B 232 18.05 -5.88 15.92
CA THR B 232 16.79 -5.15 16.24
C THR B 232 15.60 -5.78 15.51
N THR B 233 14.45 -5.64 16.14
CA THR B 233 13.23 -6.03 15.51
C THR B 233 12.04 -5.29 16.11
N THR B 234 11.12 -4.91 15.24
CA THR B 234 9.80 -4.51 15.70
C THR B 234 9.03 -5.73 16.16
N THR B 235 8.05 -5.51 17.02
CA THR B 235 7.19 -6.60 17.50
C THR B 235 5.80 -6.65 16.84
N HIS B 236 5.51 -5.74 15.89
CA HIS B 236 4.13 -5.59 15.35
C HIS B 236 3.89 -6.16 13.97
N LYS B 237 4.93 -6.57 13.25
CA LYS B 237 4.74 -7.13 11.92
C LYS B 237 4.47 -8.66 12.03
N ILE B 238 5.31 -9.48 11.39
CA ILE B 238 5.08 -10.94 11.30
C ILE B 238 5.01 -11.58 12.70
N LEU B 239 5.71 -10.98 13.66
CA LEU B 239 5.63 -11.44 15.06
C LEU B 239 4.25 -11.30 15.70
N ARG B 240 3.46 -10.35 15.22
CA ARG B 240 2.04 -10.22 15.58
C ARG B 240 1.87 -9.66 17.00
N GLY B 241 2.83 -8.87 17.45
CA GLY B 241 2.74 -8.25 18.76
C GLY B 241 2.22 -6.84 18.64
N PRO B 242 2.38 -6.06 19.71
CA PRO B 242 1.99 -4.67 19.66
C PRO B 242 3.02 -3.84 18.91
N ARG B 243 2.75 -2.55 18.77
CA ARG B 243 3.71 -1.65 18.18
C ARG B 243 4.78 -1.33 19.22
N SER B 244 5.95 -1.96 19.06
CA SER B 244 7.10 -1.82 19.94
C SER B 244 8.32 -2.35 19.23
N ALA B 245 9.47 -2.27 19.92
CA ALA B 245 10.70 -2.83 19.37
C ALA B 245 11.61 -3.46 20.43
N LEU B 246 12.54 -4.29 19.94
CA LEU B 246 13.48 -5.04 20.76
C LEU B 246 14.86 -4.79 20.22
N ILE B 247 15.79 -4.45 21.11
CA ILE B 247 17.20 -4.39 20.73
C ILE B 247 17.92 -5.55 21.44
N PHE B 248 18.50 -6.44 20.62
CA PHE B 248 19.39 -7.50 21.09
C PHE B 248 20.83 -7.10 20.92
N PHE B 249 21.66 -7.49 21.90
CA PHE B 249 23.10 -7.21 21.85
C PHE B 249 23.91 -8.43 22.33
N ASN B 250 24.98 -8.71 21.61
CA ASN B 250 25.82 -9.89 21.89
C ASN B 250 26.89 -9.49 22.92
N LYS B 251 26.70 -9.89 24.17
CA LYS B 251 27.65 -9.64 25.25
C LYS B 251 29.04 -10.31 25.01
N LYS B 252 29.05 -11.60 24.69
CA LYS B 252 30.33 -12.35 24.49
C LYS B 252 31.27 -11.71 23.50
N ARG B 253 30.73 -11.25 22.38
CA ARG B 253 31.54 -10.67 21.32
C ARG B 253 31.95 -9.21 21.64
N ASN B 254 31.14 -8.51 22.44
CA ASN B 254 31.37 -7.08 22.75
C ASN B 254 31.13 -6.76 24.22
N PRO B 255 32.12 -7.02 25.09
CA PRO B 255 31.95 -6.61 26.48
C PRO B 255 31.79 -5.09 26.55
N GLY B 256 31.01 -4.64 27.52
CA GLY B 256 30.61 -3.24 27.60
C GLY B 256 29.44 -2.80 26.69
N ILE B 257 28.97 -3.64 25.76
CA ILE B 257 27.82 -3.28 24.89
C ILE B 257 26.52 -3.09 25.66
N GLU B 258 26.30 -3.89 26.70
CA GLU B 258 25.08 -3.82 27.50
C GLU B 258 24.78 -2.42 28.00
N GLN B 259 25.78 -1.80 28.60
CA GLN B 259 25.63 -0.45 29.12
C GLN B 259 25.50 0.60 28.02
N LYS B 260 26.22 0.47 26.90
CA LYS B 260 26.13 1.44 25.80
C LYS B 260 24.72 1.46 25.19
N ILE B 261 24.17 0.27 24.92
CA ILE B 261 22.81 0.10 24.40
C ILE B 261 21.78 0.59 25.41
N ASN B 262 21.88 0.13 26.64
CA ASN B 262 20.93 0.51 27.65
C ASN B 262 20.89 2.01 27.94
N SER B 263 22.04 2.67 27.90
CA SER B 263 22.12 4.08 28.20
C SER B 263 21.68 4.89 26.99
N ALA B 264 21.90 4.34 25.79
CA ALA B 264 21.37 4.93 24.59
C ALA B 264 19.85 4.99 24.59
N VAL B 265 19.18 3.93 25.05
CA VAL B 265 17.71 3.94 25.10
C VAL B 265 17.22 4.90 26.19
N PHE B 266 17.76 4.76 27.40
CA PHE B 266 17.54 5.72 28.49
C PHE B 266 18.83 5.94 29.26
N PRO B 267 19.21 7.18 29.57
CA PRO B 267 18.43 8.38 29.31
C PRO B 267 18.83 9.16 28.07
N SER B 268 19.60 8.58 27.16
CA SER B 268 20.01 9.33 26.00
C SER B 268 18.81 9.81 25.13
N PHE B 269 17.88 8.89 24.83
CA PHE B 269 16.80 9.12 23.86
C PHE B 269 15.40 9.18 24.46
N GLN B 270 15.01 8.16 25.21
CA GLN B 270 13.68 8.08 25.79
C GLN B 270 13.62 8.52 27.24
N GLY B 271 12.40 8.75 27.73
CA GLY B 271 12.13 8.96 29.14
C GLY B 271 11.45 7.72 29.71
N GLY B 272 10.26 7.91 30.25
CA GLY B 272 9.52 6.79 30.86
C GLY B 272 9.15 5.74 29.85
N PRO B 273 9.38 4.45 30.17
CA PRO B 273 8.93 3.42 29.24
C PRO B 273 7.42 3.29 29.24
N HIS B 274 6.88 2.74 28.17
CA HIS B 274 5.45 2.50 28.09
C HIS B 274 5.21 1.06 28.52
N ASN B 275 4.76 0.90 29.75
CA ASN B 275 4.65 -0.41 30.37
C ASN B 275 3.56 -1.27 29.80
N ASN B 276 2.51 -0.64 29.25
CA ASN B 276 1.45 -1.38 28.52
C ASN B 276 2.02 -2.08 27.28
N LYS B 277 2.90 -1.40 26.56
CA LYS B 277 3.63 -2.02 25.46
C LYS B 277 4.43 -3.25 25.88
N ILE B 278 5.13 -3.13 27.00
CA ILE B 278 6.03 -4.15 27.51
C ILE B 278 5.22 -5.38 27.98
N ALA B 279 4.16 -5.14 28.73
CA ALA B 279 3.20 -6.17 29.03
C ALA B 279 2.71 -6.85 27.75
N ALA B 280 2.25 -6.06 26.77
CA ALA B 280 1.68 -6.62 25.55
C ALA B 280 2.72 -7.41 24.77
N VAL B 281 3.96 -6.95 24.77
CA VAL B 281 5.04 -7.69 24.14
C VAL B 281 5.32 -8.99 24.92
N ALA B 282 5.27 -8.95 26.25
CA ALA B 282 5.47 -10.15 27.08
C ALA B 282 4.48 -11.21 26.66
N CYS B 283 3.24 -10.79 26.55
CA CYS B 283 2.15 -11.64 26.15
C CYS B 283 2.32 -12.34 24.78
N GLN B 284 2.75 -11.58 23.78
CA GLN B 284 2.91 -12.17 22.46
C GLN B 284 4.12 -13.09 22.40
N LEU B 285 5.19 -12.72 23.10
CA LEU B 285 6.41 -13.53 23.10
C LEU B 285 6.21 -14.94 23.66
N LYS B 286 5.22 -15.14 24.54
CA LYS B 286 4.88 -16.48 24.98
C LYS B 286 4.27 -17.24 23.81
N GLU B 287 3.28 -16.65 23.15
CA GLU B 287 2.70 -17.25 21.93
C GLU B 287 3.80 -17.54 20.92
N VAL B 288 4.69 -16.59 20.67
CA VAL B 288 5.74 -16.79 19.68
C VAL B 288 6.50 -18.07 19.97
N HIS B 289 6.79 -18.35 21.24
CA HIS B 289 7.49 -19.56 21.62
C HIS B 289 6.52 -20.71 21.92
N SER B 290 5.86 -21.19 20.86
CA SER B 290 4.94 -22.30 20.95
C SER B 290 4.97 -23.05 19.62
N PRO B 291 4.67 -24.37 19.63
CA PRO B 291 4.64 -25.08 18.35
C PRO B 291 3.53 -24.56 17.42
N ALA B 292 2.39 -24.14 18.01
CA ALA B 292 1.29 -23.50 17.31
C ALA B 292 1.71 -22.28 16.45
N PHE B 293 2.59 -21.44 17.00
CA PHE B 293 3.03 -20.24 16.30
C PHE B 293 4.01 -20.58 15.18
N LYS B 294 4.84 -21.61 15.39
CA LYS B 294 5.72 -22.11 14.33
C LYS B 294 4.87 -22.57 13.13
N GLU B 295 3.72 -23.17 13.41
CA GLU B 295 2.81 -23.64 12.36
C GLU B 295 2.26 -22.44 11.56
N TYR B 296 1.77 -21.42 12.27
CA TYR B 296 1.38 -20.16 11.66
C TYR B 296 2.49 -19.56 10.78
N THR B 297 3.70 -19.46 11.31
CA THR B 297 4.85 -18.94 10.55
C THR B 297 5.14 -19.75 9.31
N GLN B 298 5.10 -21.08 9.44
CA GLN B 298 5.21 -22.00 8.31
C GLN B 298 4.11 -21.72 7.30
N GLN B 299 2.89 -21.53 7.79
CA GLN B 299 1.74 -21.21 6.90
C GLN B 299 1.96 -19.92 6.09
N VAL B 300 2.58 -18.91 6.73
CA VAL B 300 2.92 -17.63 6.10
C VAL B 300 3.81 -17.87 4.87
N LEU B 301 4.79 -18.74 5.03
CA LEU B 301 5.70 -19.03 3.92
C LEU B 301 5.03 -19.88 2.85
N LEU B 302 4.21 -20.86 3.24
CA LEU B 302 3.52 -21.70 2.26
C LEU B 302 2.62 -20.79 1.38
N ASN B 303 1.82 -19.91 2.02
CA ASN B 303 0.95 -18.96 1.31
C ASN B 303 1.71 -18.04 0.39
N SER B 304 2.86 -17.57 0.86
CA SER B 304 3.70 -16.68 0.06
C SER B 304 4.27 -17.38 -1.19
N LYS B 305 4.83 -18.58 -1.02
CA LYS B 305 5.32 -19.39 -2.15
C LYS B 305 4.19 -19.68 -3.14
N ALA B 306 3.02 -20.04 -2.61
CA ALA B 306 1.86 -20.34 -3.44
C ALA B 306 1.33 -19.09 -4.16
N LEU B 307 1.40 -17.93 -3.50
CA LEU B 307 0.97 -16.66 -4.11
C LEU B 307 1.92 -16.26 -5.23
N ALA B 308 3.19 -16.43 -4.98
CA ALA B 308 4.24 -16.19 -5.98
C ALA B 308 4.03 -17.03 -7.24
N LYS B 309 3.83 -18.33 -7.02
CA LYS B 309 3.65 -19.29 -8.09
C LYS B 309 2.41 -18.96 -8.94
N ALA B 310 1.30 -18.62 -8.29
CA ALA B 310 0.05 -18.31 -9.00
C ALA B 310 0.23 -17.03 -9.83
N LEU B 311 0.89 -16.03 -9.27
CA LEU B 311 1.17 -14.80 -10.01
C LEU B 311 2.05 -15.07 -11.24
N ILE B 312 3.06 -15.93 -11.08
CA ILE B 312 3.91 -16.31 -12.21
C ILE B 312 3.09 -17.07 -13.25
N SER B 313 2.24 -17.99 -12.80
CA SER B 313 1.36 -18.72 -13.71
C SER B 313 0.43 -17.81 -14.54
N LYS B 314 0.10 -16.62 -14.01
CA LYS B 314 -0.65 -15.58 -14.73
C LYS B 314 0.25 -14.57 -15.44
N GLN B 315 1.52 -14.92 -15.67
CA GLN B 315 2.46 -14.08 -16.42
C GLN B 315 2.73 -12.71 -15.78
N ILE B 316 2.78 -12.70 -14.45
CA ILE B 316 3.18 -11.51 -13.70
C ILE B 316 4.62 -11.77 -13.22
N ASP B 317 5.49 -10.78 -13.43
CA ASP B 317 6.89 -10.81 -12.99
C ASP B 317 7.09 -10.38 -11.52
N LEU B 318 7.89 -11.18 -10.82
CA LEU B 318 8.27 -10.97 -9.45
C LEU B 318 9.74 -10.62 -9.39
N VAL B 319 10.10 -9.64 -8.57
CA VAL B 319 11.51 -9.27 -8.39
C VAL B 319 12.23 -10.46 -7.72
N THR B 320 13.36 -10.84 -8.32
CA THR B 320 14.11 -12.08 -8.03
C THR B 320 13.38 -13.33 -8.45
N ASN B 321 12.32 -13.20 -9.24
CA ASN B 321 11.46 -14.34 -9.65
C ASN B 321 10.90 -15.24 -8.55
N GLY B 322 10.67 -14.69 -7.37
CA GLY B 322 10.12 -15.48 -6.26
C GLY B 322 10.43 -14.90 -4.90
N THR B 323 10.28 -15.74 -3.89
CA THR B 323 10.47 -15.32 -2.53
C THR B 323 10.96 -16.45 -1.60
N ASP B 324 11.75 -16.08 -0.59
CA ASP B 324 12.13 -17.02 0.46
C ASP B 324 11.37 -16.78 1.73
N ASN B 325 10.53 -15.75 1.72
CA ASN B 325 9.88 -15.32 2.96
C ASN B 325 8.41 -14.95 2.72
N HIS B 326 7.92 -14.04 3.54
CA HIS B 326 6.54 -13.58 3.57
C HIS B 326 6.12 -12.56 2.50
N LEU B 327 7.06 -12.07 1.69
CA LEU B 327 6.79 -10.95 0.84
C LEU B 327 7.27 -11.12 -0.58
N ILE B 328 6.56 -10.45 -1.48
CA ILE B 328 6.79 -10.53 -2.92
C ILE B 328 6.83 -9.11 -3.39
N VAL B 329 7.68 -8.79 -4.35
CA VAL B 329 7.60 -7.50 -5.03
C VAL B 329 7.21 -7.79 -6.46
N VAL B 330 6.07 -7.27 -6.90
CA VAL B 330 5.66 -7.39 -8.31
C VAL B 330 6.32 -6.32 -9.16
N ASP B 331 6.93 -6.74 -10.25
CA ASP B 331 7.53 -5.85 -11.25
C ASP B 331 6.48 -5.57 -12.33
N LEU B 332 6.01 -4.32 -12.40
CA LEU B 332 4.88 -3.99 -13.27
C LEU B 332 5.23 -3.46 -14.67
N ARG B 333 6.51 -3.50 -15.05
CA ARG B 333 6.95 -2.81 -16.27
C ARG B 333 6.30 -3.32 -17.55
N LYS B 334 5.99 -4.61 -17.62
CA LYS B 334 5.39 -5.19 -18.84
C LYS B 334 3.96 -4.71 -19.11
N PHE B 335 3.29 -4.19 -18.09
CA PHE B 335 1.94 -3.64 -18.20
C PHE B 335 1.93 -2.13 -18.36
N SER B 336 3.08 -1.48 -18.26
CA SER B 336 3.22 -0.02 -18.41
C SER B 336 2.33 0.80 -17.47
N ILE B 337 2.18 0.31 -16.25
CA ILE B 337 1.49 1.05 -15.21
C ILE B 337 2.45 1.19 -14.05
N THR B 338 2.29 2.27 -13.30
CA THR B 338 3.12 2.53 -12.12
C THR B 338 2.55 1.79 -10.93
N GLY B 339 3.37 1.72 -9.87
CA GLY B 339 2.94 1.18 -8.60
C GLY B 339 1.82 1.97 -7.97
N SER B 340 1.93 3.30 -8.03
CA SER B 340 0.92 4.19 -7.43
C SER B 340 -0.45 4.03 -8.10
N LYS B 341 -0.46 3.85 -9.42
CA LYS B 341 -1.73 3.61 -10.14
C LYS B 341 -2.45 2.35 -9.65
N LEU B 342 -1.69 1.25 -9.51
CA LEU B 342 -2.26 -0.02 -9.03
C LEU B 342 -2.65 0.05 -7.56
N GLN B 343 -1.88 0.75 -6.76
CA GLN B 343 -2.26 0.98 -5.35
C GLN B 343 -3.63 1.68 -5.26
N GLU B 344 -3.86 2.68 -6.10
CA GLU B 344 -5.16 3.36 -6.16
C GLU B 344 -6.30 2.42 -6.57
N THR B 345 -6.04 1.60 -7.58
CA THR B 345 -7.02 0.64 -8.04
C THR B 345 -7.36 -0.39 -6.96
N CYS B 346 -6.33 -0.86 -6.26
CA CYS B 346 -6.51 -1.87 -5.23
C CYS B 346 -7.23 -1.28 -4.00
N ASN B 347 -6.92 -0.05 -3.63
CA ASN B 347 -7.68 0.62 -2.56
C ASN B 347 -9.18 0.73 -2.92
N ALA B 348 -9.48 1.04 -4.20
CA ALA B 348 -10.88 1.09 -4.69
C ALA B 348 -11.62 -0.26 -4.55
N ILE B 349 -10.89 -1.37 -4.52
CA ILE B 349 -11.51 -2.69 -4.35
C ILE B 349 -11.24 -3.35 -2.99
N ASN B 350 -10.92 -2.54 -1.99
CA ASN B 350 -10.60 -3.01 -0.64
C ASN B 350 -9.41 -4.00 -0.58
N VAL B 351 -8.43 -3.77 -1.46
CA VAL B 351 -7.19 -4.55 -1.45
C VAL B 351 -6.09 -3.60 -0.99
N SER B 352 -5.44 -3.95 0.13
CA SER B 352 -4.39 -3.12 0.72
C SER B 352 -3.00 -3.63 0.36
N LEU B 353 -2.26 -2.82 -0.38
CA LEU B 353 -0.87 -3.08 -0.67
C LEU B 353 -0.18 -1.72 -0.83
N ASN B 354 1.12 -1.72 -1.09
CA ASN B 354 1.85 -0.47 -1.28
C ASN B 354 2.75 -0.50 -2.50
N LYS B 355 2.90 0.67 -3.10
CA LYS B 355 3.85 0.90 -4.17
C LYS B 355 5.27 0.69 -3.67
N ASN B 356 6.13 0.22 -4.57
CA ASN B 356 7.44 -0.22 -4.15
C ASN B 356 8.39 -0.14 -5.33
N THR B 357 9.56 0.43 -5.07
CA THR B 357 10.62 0.45 -6.06
C THR B 357 11.04 -0.94 -6.54
N ILE B 358 11.55 -0.98 -7.76
CA ILE B 358 12.19 -2.16 -8.31
C ILE B 358 13.60 -1.72 -8.74
N PRO B 359 14.52 -2.68 -8.99
CA PRO B 359 15.91 -2.34 -9.29
C PRO B 359 16.11 -1.32 -10.40
N SER B 360 15.35 -1.44 -11.49
CA SER B 360 15.46 -0.52 -12.62
C SER B 360 15.08 0.93 -12.27
N ASP B 361 14.26 1.14 -11.23
CA ASP B 361 13.89 2.51 -10.81
C ASP B 361 15.12 3.17 -10.23
N VAL B 362 15.55 4.27 -10.84
CA VAL B 362 16.73 4.99 -10.39
C VAL B 362 16.38 5.86 -9.17
N ASP B 363 15.16 6.41 -9.15
CA ASP B 363 14.64 7.23 -8.04
C ASP B 363 13.52 6.52 -7.28
N CYS B 364 13.05 7.16 -6.21
CA CYS B 364 11.81 6.78 -5.49
C CYS B 364 10.56 7.56 -5.98
N VAL B 365 10.69 8.25 -7.11
CA VAL B 365 9.57 8.95 -7.76
C VAL B 365 9.15 8.03 -8.90
N SER B 366 7.86 7.68 -8.95
CA SER B 366 7.33 6.74 -9.94
C SER B 366 7.91 5.30 -9.76
N PRO B 367 7.72 4.70 -8.57
CA PRO B 367 8.14 3.30 -8.43
C PRO B 367 7.29 2.36 -9.31
N SER B 368 7.95 1.39 -9.93
CA SER B 368 7.34 0.56 -10.94
C SER B 368 6.90 -0.81 -10.40
N GLY B 369 6.68 -0.93 -9.09
CA GLY B 369 6.18 -2.18 -8.54
C GLY B 369 5.28 -1.97 -7.38
N VAL B 370 4.76 -3.08 -6.85
CA VAL B 370 4.05 -3.07 -5.60
C VAL B 370 4.58 -4.22 -4.74
N ARG B 371 4.43 -4.06 -3.43
CA ARG B 371 4.82 -5.05 -2.50
C ARG B 371 3.59 -5.64 -1.83
N ILE B 372 3.55 -6.97 -1.78
CA ILE B 372 2.49 -7.68 -1.11
C ILE B 372 3.12 -8.64 -0.06
N GLY B 373 2.34 -9.01 0.94
CA GLY B 373 2.81 -9.96 1.93
C GLY B 373 1.65 -10.74 2.50
N THR B 374 1.94 -11.94 2.97
CA THR B 374 0.94 -12.88 3.47
C THR B 374 0.64 -12.95 4.97
N PRO B 375 1.40 -12.24 5.84
CA PRO B 375 1.10 -12.47 7.29
C PRO B 375 -0.28 -12.08 7.78
N ALA B 376 -0.79 -10.94 7.35
CA ALA B 376 -2.12 -10.53 7.80
C ALA B 376 -3.22 -11.56 7.36
N MET B 377 -3.20 -11.97 6.10
CA MET B 377 -4.21 -12.90 5.57
C MET B 377 -4.01 -14.34 6.03
N THR B 378 -2.78 -14.70 6.35
CA THR B 378 -2.52 -16.00 6.98
C THR B 378 -3.07 -16.00 8.39
N THR B 379 -3.01 -14.86 9.08
CA THR B 379 -3.64 -14.73 10.40
C THR B 379 -5.18 -14.90 10.33
N ARG B 380 -5.78 -14.44 9.23
CA ARG B 380 -7.23 -14.57 9.04
C ARG B 380 -7.68 -15.93 8.45
N GLY B 381 -6.76 -16.87 8.31
CA GLY B 381 -7.09 -18.27 8.06
C GLY B 381 -6.96 -18.74 6.63
N ALA B 382 -6.49 -17.88 5.73
CA ALA B 382 -6.30 -18.27 4.33
C ALA B 382 -5.20 -19.32 4.22
N LYS B 383 -5.42 -20.31 3.37
CA LYS B 383 -4.50 -21.41 3.14
C LYS B 383 -4.00 -21.28 1.72
N GLU B 384 -3.16 -22.24 1.31
CA GLU B 384 -2.53 -22.18 -0.03
C GLU B 384 -3.51 -22.04 -1.20
N LYS B 385 -4.61 -22.77 -1.13
CA LYS B 385 -5.68 -22.76 -2.18
C LYS B 385 -6.38 -21.40 -2.34
N ASP B 386 -6.39 -20.60 -1.26
CA ASP B 386 -6.96 -19.25 -1.29
C ASP B 386 -6.08 -18.24 -1.99
N MET B 387 -4.82 -18.58 -2.22
CA MET B 387 -3.88 -17.69 -2.85
C MET B 387 -4.16 -17.53 -4.34
N GLU B 388 -4.77 -18.53 -4.96
CA GLU B 388 -5.20 -18.40 -6.36
C GLU B 388 -6.21 -17.26 -6.53
N PHE B 389 -7.17 -17.19 -5.61
CA PHE B 389 -8.14 -16.13 -5.63
C PHE B 389 -7.46 -14.78 -5.44
N ILE B 390 -6.48 -14.71 -4.53
CA ILE B 390 -5.77 -13.44 -4.33
C ILE B 390 -4.99 -13.05 -5.59
N ALA B 391 -4.32 -14.02 -6.20
CA ALA B 391 -3.67 -13.79 -7.49
C ALA B 391 -4.66 -13.36 -8.57
N ASP B 392 -5.81 -14.03 -8.63
CA ASP B 392 -6.87 -13.69 -9.61
C ASP B 392 -7.34 -12.21 -9.46
N VAL B 393 -7.62 -11.82 -8.21
CA VAL B 393 -8.04 -10.45 -7.91
C VAL B 393 -6.97 -9.43 -8.29
N LEU B 394 -5.71 -9.74 -8.01
CA LEU B 394 -4.61 -8.81 -8.37
C LEU B 394 -4.42 -8.72 -9.86
N ALA B 395 -4.52 -9.85 -10.57
CA ALA B 395 -4.46 -9.84 -12.06
C ALA B 395 -5.57 -8.97 -12.69
N ARG B 396 -6.79 -9.16 -12.19
CA ARG B 396 -7.95 -8.35 -12.61
C ARG B 396 -7.73 -6.88 -12.30
N ALA B 397 -7.10 -6.54 -11.19
CA ALA B 397 -6.77 -5.12 -10.87
C ALA B 397 -5.76 -4.50 -11.81
N ILE B 398 -4.76 -5.29 -12.19
CA ILE B 398 -3.77 -4.85 -13.14
C ILE B 398 -4.44 -4.58 -14.49
N LYS B 399 -5.27 -5.50 -14.95
CA LYS B 399 -6.00 -5.32 -16.23
C LYS B 399 -6.90 -4.05 -16.22
N ILE B 400 -7.74 -3.92 -15.20
CA ILE B 400 -8.55 -2.69 -15.04
C ILE B 400 -7.67 -1.43 -15.00
N THR B 401 -6.53 -1.50 -14.31
CA THR B 401 -5.60 -0.38 -14.25
C THR B 401 -5.06 -0.04 -15.65
N VAL B 402 -4.75 -1.05 -16.44
CA VAL B 402 -4.29 -0.80 -17.82
C VAL B 402 -5.44 -0.14 -18.63
N ASP B 403 -6.65 -0.68 -18.48
CA ASP B 403 -7.85 -0.19 -19.21
C ASP B 403 -8.18 1.25 -18.85
N LEU B 404 -8.22 1.56 -17.56
CA LEU B 404 -8.40 2.93 -17.09
C LEU B 404 -7.33 3.90 -17.60
N GLN B 405 -6.07 3.45 -17.62
CA GLN B 405 -4.95 4.25 -18.16
C GLN B 405 -5.13 4.59 -19.65
N GLU B 406 -5.55 3.59 -20.42
CA GLU B 406 -5.90 3.78 -21.83
C GLU B 406 -6.97 4.88 -22.02
N GLN B 407 -8.01 4.82 -21.20
CA GLN B 407 -9.18 5.67 -21.35
C GLN B 407 -9.00 7.10 -20.83
N TYR B 408 -8.34 7.22 -19.67
CA TYR B 408 -8.15 8.52 -19.02
C TYR B 408 -6.71 9.04 -19.00
N GLY B 409 -5.74 8.25 -19.46
CA GLY B 409 -4.36 8.72 -19.57
C GLY B 409 -3.44 8.36 -18.40
N LYS B 410 -2.14 8.56 -18.64
CA LYS B 410 -1.04 8.17 -17.75
C LYS B 410 -0.73 9.15 -16.61
N LYS B 411 -1.29 10.36 -16.66
CA LYS B 411 -1.16 11.32 -15.57
C LYS B 411 -2.01 10.80 -14.43
N LEU B 412 -1.43 10.76 -13.22
CA LEU B 412 -2.13 10.18 -12.06
C LEU B 412 -3.42 10.94 -11.71
N VAL B 413 -3.41 12.25 -11.89
CA VAL B 413 -4.58 13.10 -11.56
C VAL B 413 -5.77 12.71 -12.44
N ASP B 414 -5.50 12.61 -13.75
CA ASP B 414 -6.47 12.19 -14.75
C ASP B 414 -6.93 10.74 -14.48
N PHE B 415 -5.96 9.84 -14.29
CA PHE B 415 -6.24 8.42 -14.07
C PHE B 415 -7.29 8.16 -13.01
N LYS B 416 -7.13 8.79 -11.85
CA LYS B 416 -8.08 8.64 -10.70
C LYS B 416 -9.51 9.04 -11.00
N LYS B 417 -9.71 10.02 -11.89
CA LYS B 417 -11.07 10.42 -12.30
C LYS B 417 -11.82 9.25 -12.92
N GLY B 418 -11.08 8.37 -13.61
CA GLY B 418 -11.67 7.14 -14.14
C GLY B 418 -12.19 6.14 -13.12
N LEU B 419 -11.71 6.25 -11.89
CA LEU B 419 -11.91 5.26 -10.82
C LEU B 419 -13.29 5.28 -10.15
N PRO B 420 -13.80 6.46 -9.72
CA PRO B 420 -15.05 6.39 -8.96
C PRO B 420 -16.26 6.03 -9.84
N GLY B 421 -17.13 5.22 -9.25
CA GLY B 421 -18.28 4.67 -9.96
C GLY B 421 -18.03 3.53 -10.93
N ASN B 422 -16.77 3.14 -11.16
CA ASN B 422 -16.46 2.12 -12.18
C ASN B 422 -17.21 0.84 -11.87
N ALA B 423 -17.98 0.36 -12.85
CA ALA B 423 -18.81 -0.85 -12.68
C ALA B 423 -17.96 -2.07 -12.29
N GLN B 424 -16.86 -2.29 -13.01
CA GLN B 424 -15.98 -3.46 -12.74
C GLN B 424 -15.36 -3.43 -11.36
N LEU B 425 -14.90 -2.25 -10.93
CA LEU B 425 -14.34 -2.08 -9.59
C LEU B 425 -15.36 -2.32 -8.51
N GLN B 426 -16.60 -1.82 -8.70
CA GLN B 426 -17.68 -2.06 -7.74
C GLN B 426 -18.00 -3.55 -7.64
N GLN B 427 -17.93 -4.22 -8.78
CA GLN B 427 -18.11 -5.67 -8.85
C GLN B 427 -16.97 -6.38 -8.12
N LEU B 428 -15.73 -6.00 -8.44
CA LEU B 428 -14.56 -6.64 -7.83
C LEU B 428 -14.50 -6.38 -6.33
N LYS B 429 -14.76 -5.14 -5.92
CA LYS B 429 -14.90 -4.81 -4.49
C LYS B 429 -15.86 -5.73 -3.74
N GLN B 430 -17.06 -5.90 -4.28
CA GLN B 430 -18.09 -6.78 -3.67
C GLN B 430 -17.61 -8.21 -3.48
N GLU B 431 -16.91 -8.76 -4.47
CA GLU B 431 -16.31 -10.11 -4.34
C GLU B 431 -15.28 -10.11 -3.18
N VAL B 432 -14.45 -9.07 -3.14
CA VAL B 432 -13.44 -8.95 -2.08
C VAL B 432 -14.10 -8.89 -0.71
N VAL B 433 -15.07 -7.98 -0.57
CA VAL B 433 -15.77 -7.77 0.71
C VAL B 433 -16.47 -9.04 1.15
N THR B 434 -17.05 -9.78 0.20
CA THR B 434 -17.80 -11.01 0.53
C THR B 434 -16.86 -12.08 1.03
N TRP B 435 -15.74 -12.26 0.36
CA TRP B 435 -14.76 -13.27 0.77
C TRP B 435 -14.05 -12.86 2.08
N ALA B 436 -13.53 -11.63 2.10
CA ALA B 436 -12.79 -11.10 3.26
C ALA B 436 -13.68 -11.01 4.50
N GLY B 437 -14.86 -10.43 4.30
CA GLY B 437 -15.88 -10.25 5.35
C GLY B 437 -16.09 -11.43 6.29
N ALA B 438 -16.02 -12.64 5.74
CA ALA B 438 -16.36 -13.87 6.45
C ALA B 438 -15.18 -14.61 7.10
N LEU B 439 -13.96 -14.26 6.73
CA LEU B 439 -12.78 -14.89 7.30
C LEU B 439 -12.65 -14.62 8.80
N PRO B 440 -12.11 -15.59 9.57
CA PRO B 440 -11.83 -15.33 10.98
C PRO B 440 -11.10 -14.00 11.19
N PHE B 441 -11.48 -13.30 12.25
CA PHE B 441 -11.02 -11.95 12.53
C PHE B 441 -10.78 -11.81 14.04
N PRO B 442 -9.51 -11.62 14.45
CA PRO B 442 -9.27 -11.31 15.85
C PRO B 442 -9.61 -9.86 16.14
N MET C 1 -22.82 -13.67 -82.97
CA MET C 1 -24.25 -13.98 -82.65
C MET C 1 -24.53 -13.72 -81.16
N PHE C 2 -24.31 -12.47 -80.75
CA PHE C 2 -24.49 -12.05 -79.35
C PHE C 2 -25.11 -10.65 -79.26
N ASN C 3 -25.74 -10.37 -78.12
CA ASN C 3 -26.31 -9.06 -77.83
C ASN C 3 -25.34 -8.18 -77.05
N ASN C 4 -24.80 -7.15 -77.68
CA ASN C 4 -23.81 -6.26 -77.05
C ASN C 4 -24.39 -4.97 -76.44
N GLU C 5 -25.73 -4.84 -76.43
CA GLU C 5 -26.39 -3.72 -75.76
C GLU C 5 -25.95 -3.57 -74.27
N PRO C 6 -25.69 -2.33 -73.81
CA PRO C 6 -25.39 -2.07 -72.38
C PRO C 6 -26.40 -2.65 -71.38
N LEU C 7 -25.96 -2.78 -70.14
CA LEU C 7 -26.77 -3.40 -69.06
C LEU C 7 -28.09 -2.66 -68.87
N GLU C 8 -28.02 -1.33 -68.86
CA GLU C 8 -29.24 -0.52 -68.73
C GLU C 8 -30.23 -0.81 -69.86
N GLN C 9 -29.69 -0.95 -71.07
CA GLN C 9 -30.51 -1.25 -72.25
C GLN C 9 -30.99 -2.70 -72.20
N ILE C 10 -30.05 -3.64 -72.02
CA ILE C 10 -30.34 -5.08 -72.12
C ILE C 10 -31.22 -5.64 -70.98
N ASP C 11 -31.06 -5.12 -69.76
CA ASP C 11 -31.78 -5.63 -68.59
C ASP C 11 -32.07 -4.46 -67.64
N LYS C 12 -33.09 -3.68 -67.98
CA LYS C 12 -33.45 -2.46 -67.24
C LYS C 12 -33.96 -2.78 -65.84
N GLU C 13 -34.66 -3.91 -65.69
CA GLU C 13 -35.10 -4.34 -64.36
C GLU C 13 -33.95 -4.54 -63.37
N LEU C 14 -32.90 -5.27 -63.80
CA LEU C 14 -31.75 -5.54 -62.94
C LEU C 14 -30.91 -4.29 -62.70
N HIS C 15 -30.81 -3.43 -63.72
CA HIS C 15 -29.98 -2.23 -63.63
C HIS C 15 -30.50 -1.23 -62.61
N ASP C 16 -31.82 -1.19 -62.41
CA ASP C 16 -32.41 -0.29 -61.43
C ASP C 16 -32.19 -0.76 -60.00
N ILE C 17 -32.29 -2.08 -59.76
CA ILE C 17 -32.05 -2.68 -58.44
C ILE C 17 -30.59 -2.48 -58.05
N LEU C 18 -29.69 -2.66 -59.01
CA LEU C 18 -28.25 -2.36 -58.79
C LEU C 18 -27.94 -0.87 -58.56
N ALA C 19 -28.65 0.02 -59.25
CA ALA C 19 -28.48 1.47 -59.02
C ALA C 19 -29.00 1.88 -57.63
N ASP C 20 -30.06 1.20 -57.19
CA ASP C 20 -30.57 1.36 -55.84
C ASP C 20 -29.56 0.87 -54.81
N GLU C 21 -29.05 -0.35 -55.00
CA GLU C 21 -27.98 -0.92 -54.14
C GLU C 21 -26.81 0.04 -53.98
N GLU C 22 -26.40 0.67 -55.08
CA GLU C 22 -25.29 1.63 -55.06
C GLU C 22 -25.59 2.87 -54.22
N LYS C 23 -26.82 3.35 -54.31
CA LYS C 23 -27.24 4.52 -53.58
C LYS C 23 -27.36 4.19 -52.09
N ARG C 24 -27.92 3.04 -51.75
CA ARG C 24 -27.94 2.58 -50.37
C ARG C 24 -26.50 2.51 -49.79
N GLN C 25 -25.54 2.01 -50.55
CA GLN C 25 -24.13 1.95 -50.09
C GLN C 25 -23.56 3.34 -49.81
N ARG C 26 -23.90 4.27 -50.70
CA ARG C 26 -23.46 5.66 -50.63
C ARG C 26 -23.96 6.38 -49.36
N GLU C 27 -25.15 6.01 -48.89
CA GLU C 27 -25.85 6.76 -47.87
C GLU C 27 -25.97 5.97 -46.56
N THR C 28 -25.06 5.04 -46.34
CA THR C 28 -25.09 4.14 -45.19
C THR C 28 -23.82 4.36 -44.38
N ILE C 29 -23.97 4.46 -43.06
CA ILE C 29 -22.82 4.33 -42.17
C ILE C 29 -22.62 2.82 -42.03
N ASN C 30 -21.64 2.33 -42.77
CA ASN C 30 -21.31 0.90 -42.81
C ASN C 30 -20.26 0.55 -41.77
N LEU C 31 -20.71 -0.10 -40.71
CA LEU C 31 -19.83 -0.57 -39.66
C LEU C 31 -19.73 -2.10 -39.69
N ILE C 32 -19.99 -2.76 -40.83
CA ILE C 32 -19.79 -4.23 -40.88
C ILE C 32 -18.29 -4.43 -40.88
N ALA C 33 -17.78 -5.17 -39.91
CA ALA C 33 -16.32 -5.22 -39.67
C ALA C 33 -15.59 -5.91 -40.82
N SER C 34 -16.30 -6.82 -41.48
CA SER C 34 -15.78 -7.60 -42.59
C SER C 34 -16.02 -7.01 -43.98
N GLU C 35 -16.55 -5.79 -44.08
CA GLU C 35 -16.88 -5.18 -45.38
C GLU C 35 -15.93 -4.05 -45.69
N ASN C 36 -15.82 -3.75 -46.98
CA ASN C 36 -15.02 -2.63 -47.48
C ASN C 36 -15.59 -2.15 -48.81
N LEU C 37 -14.90 -1.23 -49.46
CA LEU C 37 -15.30 -0.75 -50.77
C LEU C 37 -14.13 -0.80 -51.72
N THR C 38 -14.28 -1.62 -52.77
CA THR C 38 -13.23 -1.79 -53.78
C THR C 38 -13.14 -0.57 -54.66
N ASN C 39 -11.94 -0.28 -55.15
CA ASN C 39 -11.75 0.84 -56.08
C ASN C 39 -12.09 0.39 -57.49
N GLY C 40 -12.16 1.35 -58.40
CA GLY C 40 -12.55 1.09 -59.78
C GLY C 40 -11.63 0.09 -60.48
N ALA C 41 -10.33 0.15 -60.22
CA ALA C 41 -9.37 -0.75 -60.86
C ALA C 41 -9.55 -2.21 -60.48
N VAL C 42 -9.88 -2.46 -59.22
CA VAL C 42 -10.17 -3.82 -58.79
C VAL C 42 -11.42 -4.32 -59.52
N ARG C 43 -12.40 -3.45 -59.67
CA ARG C 43 -13.63 -3.79 -60.38
C ARG C 43 -13.49 -3.90 -61.90
N GLU C 44 -12.53 -3.20 -62.50
CA GLU C 44 -12.18 -3.40 -63.92
C GLU C 44 -11.66 -4.81 -64.14
N CYS C 45 -10.85 -5.31 -63.21
CA CYS C 45 -10.31 -6.65 -63.28
C CYS C 45 -11.40 -7.69 -63.19
N LEU C 46 -12.33 -7.50 -62.22
CA LEU C 46 -13.40 -8.45 -62.00
C LEU C 46 -14.30 -8.59 -63.22
N GLY C 47 -14.49 -7.48 -63.96
CA GLY C 47 -15.25 -7.51 -65.20
C GLY C 47 -14.46 -7.73 -66.49
N ASN C 48 -13.22 -8.21 -66.38
CA ASN C 48 -12.34 -8.37 -67.53
C ASN C 48 -12.63 -9.69 -68.27
N ARG C 49 -12.41 -9.73 -69.58
CA ARG C 49 -12.59 -10.97 -70.36
C ARG C 49 -11.65 -12.13 -69.98
N VAL C 50 -10.70 -11.89 -69.10
CA VAL C 50 -9.85 -12.98 -68.60
C VAL C 50 -10.62 -14.14 -67.92
N SER C 51 -11.81 -13.88 -67.38
CA SER C 51 -12.66 -14.96 -66.85
C SER C 51 -13.20 -15.93 -67.92
N ASN C 52 -13.08 -15.58 -69.20
CA ASN C 52 -13.43 -16.51 -70.29
C ASN C 52 -12.56 -17.77 -70.36
N LYS C 53 -11.38 -17.75 -69.75
CA LYS C 53 -10.40 -18.80 -69.98
C LYS C 53 -10.44 -19.90 -68.94
N TYR C 54 -10.51 -21.15 -69.41
CA TYR C 54 -10.38 -22.34 -68.56
C TYR C 54 -8.89 -22.63 -68.37
N SER C 55 -8.44 -22.68 -67.13
CA SER C 55 -7.02 -22.92 -66.86
C SER C 55 -6.77 -23.80 -65.65
N GLU C 56 -7.41 -24.97 -65.67
CA GLU C 56 -7.25 -25.96 -64.61
C GLU C 56 -5.79 -26.35 -64.43
N GLY C 57 -5.36 -26.45 -63.18
CA GLY C 57 -3.96 -26.73 -62.88
C GLY C 57 -3.26 -25.52 -62.27
N TYR C 58 -1.93 -25.47 -62.45
CA TYR C 58 -1.08 -24.38 -61.91
C TYR C 58 -0.17 -23.87 -63.01
N PRO C 59 0.44 -22.67 -62.82
CA PRO C 59 1.30 -22.10 -63.89
C PRO C 59 2.41 -23.05 -64.35
N LYS C 60 2.61 -23.11 -65.66
CA LYS C 60 3.58 -24.04 -66.29
C LYS C 60 3.25 -25.53 -66.07
N LYS C 61 2.08 -25.84 -65.53
CA LYS C 61 1.59 -27.21 -65.33
C LYS C 61 0.07 -27.22 -65.60
N ARG C 62 -0.31 -26.53 -66.68
CA ARG C 62 -1.70 -26.36 -67.07
C ARG C 62 -2.11 -27.60 -67.79
N TYR C 63 -3.42 -27.85 -67.81
CA TYR C 63 -3.97 -28.94 -68.59
C TYR C 63 -4.11 -28.50 -70.03
N TYR C 64 -4.47 -27.24 -70.25
CA TYR C 64 -4.67 -26.71 -71.60
C TYR C 64 -3.54 -25.79 -72.02
N GLY C 65 -3.57 -25.39 -73.29
CA GLY C 65 -2.66 -24.38 -73.82
C GLY C 65 -3.33 -23.02 -73.83
N GLY C 66 -2.63 -22.04 -74.38
CA GLY C 66 -3.14 -20.68 -74.49
C GLY C 66 -3.19 -20.00 -73.14
N ASN C 67 -2.44 -20.51 -72.18
CA ASN C 67 -2.44 -20.02 -70.81
C ASN C 67 -1.16 -19.24 -70.49
N ASP C 68 -0.58 -18.61 -71.52
CA ASP C 68 0.70 -17.90 -71.35
C ASP C 68 0.46 -16.70 -70.47
N PHE C 69 -0.48 -15.87 -70.89
CA PHE C 69 -0.80 -14.65 -70.20
C PHE C 69 -1.48 -14.90 -68.85
N ILE C 70 -2.30 -15.95 -68.77
CA ILE C 70 -2.88 -16.41 -67.50
C ILE C 70 -1.82 -16.87 -66.50
N ASP C 71 -0.79 -17.56 -66.98
CA ASP C 71 0.32 -17.95 -66.09
C ASP C 71 1.09 -16.72 -65.57
N LYS C 72 1.23 -15.69 -66.40
CA LYS C 72 1.90 -14.46 -65.94
C LYS C 72 1.11 -13.75 -64.84
N ILE C 73 -0.23 -13.66 -65.01
CA ILE C 73 -1.12 -13.04 -64.02
C ILE C 73 -1.09 -13.83 -62.72
N GLU C 74 -1.21 -15.15 -62.80
CA GLU C 74 -1.16 -15.98 -61.58
C GLU C 74 0.18 -15.93 -60.88
N GLU C 75 1.28 -15.84 -61.64
CA GLU C 75 2.67 -15.77 -61.05
C GLU C 75 2.90 -14.42 -60.42
N LEU C 76 2.46 -13.39 -61.11
CA LEU C 76 2.46 -12.03 -60.56
C LEU C 76 1.63 -11.89 -59.27
N CYS C 77 0.52 -12.63 -59.16
CA CYS C 77 -0.32 -12.56 -57.95
C CYS C 77 0.38 -13.21 -56.77
N GLN C 78 1.00 -14.35 -57.03
CA GLN C 78 1.72 -15.10 -55.99
C GLN C 78 2.94 -14.32 -55.47
N LYS C 79 3.72 -13.80 -56.41
CA LYS C 79 4.87 -12.98 -56.08
C LYS C 79 4.42 -11.78 -55.23
N ARG C 80 3.42 -11.05 -55.72
CA ARG C 80 2.89 -9.89 -54.99
C ARG C 80 2.32 -10.22 -53.62
N ALA C 81 1.80 -11.43 -53.44
CA ALA C 81 1.25 -11.89 -52.14
C ALA C 81 2.33 -12.10 -51.09
N LEU C 82 3.38 -12.80 -51.51
CA LEU C 82 4.50 -13.14 -50.63
C LEU C 82 5.26 -11.86 -50.22
N GLU C 83 5.44 -10.96 -51.17
CA GLU C 83 5.99 -9.63 -50.88
C GLU C 83 5.13 -8.87 -49.87
N ALA C 84 3.82 -8.75 -50.17
CA ALA C 84 2.87 -8.03 -49.31
C ALA C 84 2.93 -8.46 -47.85
N PHE C 85 3.02 -9.77 -47.61
CA PHE C 85 3.09 -10.34 -46.26
C PHE C 85 4.53 -10.65 -45.78
N ASN C 86 5.52 -10.01 -46.41
CA ASN C 86 6.90 -9.97 -45.93
C ASN C 86 7.50 -11.35 -45.71
N VAL C 87 7.37 -12.23 -46.71
CA VAL C 87 7.93 -13.57 -46.61
C VAL C 87 8.71 -13.89 -47.88
N SER C 88 9.76 -14.69 -47.72
CA SER C 88 10.65 -15.09 -48.81
C SER C 88 9.98 -16.23 -49.57
N ASP C 89 10.00 -16.16 -50.90
CA ASP C 89 9.45 -17.25 -51.73
C ASP C 89 10.22 -18.58 -51.59
N GLU C 90 11.43 -18.50 -51.03
CA GLU C 90 12.23 -19.68 -50.71
C GLU C 90 11.66 -20.42 -49.50
N GLU C 91 11.12 -19.68 -48.53
CA GLU C 91 10.59 -20.25 -47.29
C GLU C 91 9.05 -20.44 -47.30
N TRP C 92 8.34 -19.57 -48.02
CA TRP C 92 6.86 -19.61 -48.06
C TRP C 92 6.35 -19.75 -49.47
N GLY C 93 5.30 -20.53 -49.64
CA GLY C 93 4.51 -20.50 -50.87
C GLY C 93 3.07 -20.05 -50.64
N VAL C 94 2.42 -19.69 -51.74
CA VAL C 94 1.07 -19.19 -51.70
C VAL C 94 0.21 -19.79 -52.81
N ASN C 95 -0.98 -20.27 -52.45
CA ASN C 95 -2.02 -20.64 -53.43
C ASN C 95 -3.06 -19.50 -53.53
N VAL C 96 -3.33 -19.05 -54.74
CA VAL C 96 -4.18 -17.89 -55.03
C VAL C 96 -5.49 -18.28 -55.76
N GLN C 97 -5.76 -19.58 -55.85
CA GLN C 97 -6.97 -20.08 -56.53
C GLN C 97 -8.24 -20.17 -55.69
N PRO C 98 -8.17 -20.34 -54.34
CA PRO C 98 -9.44 -20.51 -53.61
C PRO C 98 -10.48 -19.39 -53.81
N LEU C 99 -11.71 -19.78 -54.11
CA LEU C 99 -12.73 -18.82 -54.52
C LEU C 99 -13.25 -17.94 -53.39
N SER C 100 -13.08 -18.35 -52.16
CA SER C 100 -13.55 -17.58 -51.03
C SER C 100 -12.87 -18.07 -49.75
N GLY C 101 -13.10 -17.37 -48.66
CA GLY C 101 -12.45 -17.70 -47.42
C GLY C 101 -12.77 -19.07 -46.87
N SER C 102 -14.04 -19.45 -46.93
CA SER C 102 -14.49 -20.70 -46.39
C SER C 102 -13.89 -21.87 -47.21
N ALA C 103 -13.85 -21.73 -48.54
CA ALA C 103 -13.22 -22.73 -49.40
C ALA C 103 -11.71 -22.91 -49.06
N ALA C 104 -10.99 -21.80 -48.97
CA ALA C 104 -9.59 -21.78 -48.53
C ALA C 104 -9.33 -22.53 -47.25
N ASN C 105 -10.17 -22.31 -46.22
CA ASN C 105 -10.02 -23.02 -44.95
C ASN C 105 -10.30 -24.52 -45.07
N VAL C 106 -11.37 -24.90 -45.78
CA VAL C 106 -11.73 -26.31 -45.88
C VAL C 106 -10.64 -27.07 -46.63
N GLN C 107 -10.18 -26.48 -47.71
CA GLN C 107 -9.12 -27.02 -48.51
C GLN C 107 -7.84 -27.15 -47.69
N ALA C 108 -7.38 -26.05 -47.09
CA ALA C 108 -6.17 -26.09 -46.27
C ALA C 108 -6.27 -27.12 -45.15
N LEU C 109 -7.44 -27.22 -44.50
CA LEU C 109 -7.59 -28.16 -43.41
C LEU C 109 -7.49 -29.59 -43.93
N TYR C 110 -8.20 -29.87 -45.02
CA TYR C 110 -8.12 -31.17 -45.65
C TYR C 110 -6.67 -31.60 -45.99
N ALA C 111 -5.91 -30.69 -46.59
CA ALA C 111 -4.50 -30.91 -46.91
C ALA C 111 -3.67 -31.33 -45.69
N LEU C 112 -3.89 -30.68 -44.55
CA LEU C 112 -3.16 -31.00 -43.32
C LEU C 112 -3.61 -32.27 -42.62
N VAL C 113 -4.91 -32.51 -42.51
CA VAL C 113 -5.42 -33.58 -41.67
C VAL C 113 -6.18 -34.68 -42.36
N GLY C 114 -6.74 -34.41 -43.54
CA GLY C 114 -7.53 -35.39 -44.28
C GLY C 114 -8.89 -35.61 -43.66
N VAL C 115 -9.70 -36.45 -44.28
CA VAL C 115 -11.03 -36.79 -43.76
C VAL C 115 -10.85 -37.56 -42.46
N LYS C 116 -11.76 -37.33 -41.51
CA LYS C 116 -11.68 -37.87 -40.14
C LYS C 116 -10.57 -37.24 -39.27
N GLY C 117 -9.76 -36.34 -39.82
CA GLY C 117 -8.69 -35.70 -39.07
C GLY C 117 -9.22 -34.80 -37.96
N LYS C 118 -8.37 -34.62 -36.94
CA LYS C 118 -8.76 -33.93 -35.72
C LYS C 118 -8.33 -32.46 -35.80
N ILE C 119 -9.26 -31.55 -35.57
CA ILE C 119 -8.96 -30.10 -35.55
C ILE C 119 -9.51 -29.40 -34.31
N MET C 120 -8.90 -28.27 -33.99
CA MET C 120 -9.31 -27.44 -32.87
C MET C 120 -9.44 -26.03 -33.37
N GLY C 121 -10.53 -25.36 -33.00
CA GLY C 121 -10.74 -23.95 -33.36
C GLY C 121 -11.56 -23.24 -32.31
N MET C 122 -11.64 -21.91 -32.40
CA MET C 122 -12.47 -21.15 -31.45
C MET C 122 -13.95 -21.36 -31.77
N HIS C 123 -14.75 -21.49 -30.72
CA HIS C 123 -16.21 -21.62 -30.86
C HIS C 123 -16.77 -20.37 -31.55
N LEU C 124 -17.77 -20.57 -32.41
CA LEU C 124 -18.42 -19.47 -33.14
C LEU C 124 -18.93 -18.39 -32.20
N CYS C 125 -19.68 -18.84 -31.19
CA CYS C 125 -20.14 -18.00 -30.07
C CYS C 125 -19.06 -17.21 -29.32
N SER C 126 -17.80 -17.64 -29.37
CA SER C 126 -16.68 -16.92 -28.76
C SER C 126 -15.86 -16.08 -29.73
N GLY C 127 -16.26 -16.04 -31.00
CA GLY C 127 -15.56 -15.26 -32.01
C GLY C 127 -14.86 -16.04 -33.10
N GLY C 128 -14.97 -17.37 -33.10
CA GLY C 128 -14.43 -18.19 -34.17
C GLY C 128 -15.30 -18.13 -35.42
N HIS C 129 -14.77 -18.65 -36.52
CA HIS C 129 -15.51 -18.78 -37.76
C HIS C 129 -16.17 -20.14 -37.87
N LEU C 130 -17.18 -20.23 -38.73
CA LEU C 130 -17.88 -21.48 -39.07
C LEU C 130 -16.91 -22.57 -39.54
N THR C 131 -16.01 -22.21 -40.46
CA THR C 131 -14.95 -23.11 -40.97
C THR C 131 -13.83 -23.52 -39.99
N HIS C 132 -13.93 -23.12 -38.72
CA HIS C 132 -13.02 -23.56 -37.67
C HIS C 132 -13.60 -24.71 -36.83
N GLY C 133 -14.52 -25.48 -37.41
CA GLY C 133 -15.03 -26.67 -36.77
C GLY C 133 -16.38 -26.52 -36.11
N PHE C 134 -17.14 -25.48 -36.45
CA PHE C 134 -18.37 -25.21 -35.74
C PHE C 134 -19.40 -26.33 -35.86
N PHE C 135 -19.91 -26.76 -34.71
CA PHE C 135 -21.06 -27.65 -34.62
C PHE C 135 -21.91 -27.31 -33.42
N ASP C 136 -23.09 -27.92 -33.37
CA ASP C 136 -24.08 -27.76 -32.31
C ASP C 136 -24.47 -29.17 -31.82
N GLU C 137 -25.07 -29.25 -30.63
CA GLU C 137 -25.62 -30.52 -30.14
C GLU C 137 -26.42 -31.25 -31.23
N LYS C 138 -27.35 -30.51 -31.83
CA LYS C 138 -28.28 -31.03 -32.84
C LYS C 138 -27.63 -31.46 -34.15
N LYS C 139 -26.65 -30.70 -34.63
CA LYS C 139 -26.10 -30.93 -35.97
C LYS C 139 -24.65 -30.44 -36.13
N LYS C 140 -23.95 -31.10 -37.05
CA LYS C 140 -22.64 -30.67 -37.53
C LYS C 140 -22.86 -29.59 -38.57
N VAL C 141 -22.84 -28.35 -38.11
CA VAL C 141 -23.27 -27.18 -38.87
C VAL C 141 -22.29 -26.89 -40.01
N SER C 142 -21.00 -26.89 -39.73
CA SER C 142 -19.98 -26.70 -40.77
C SER C 142 -19.51 -28.06 -41.25
N ILE C 143 -19.20 -28.17 -42.54
CA ILE C 143 -18.53 -29.35 -43.06
C ILE C 143 -17.27 -29.61 -42.24
N THR C 144 -16.67 -28.56 -41.68
CA THR C 144 -15.44 -28.70 -40.89
C THR C 144 -15.62 -29.42 -39.55
N SER C 145 -16.85 -29.62 -39.11
CA SER C 145 -17.13 -30.48 -37.95
C SER C 145 -17.58 -31.88 -38.33
N ASP C 146 -17.80 -32.11 -39.62
CA ASP C 146 -18.38 -33.36 -40.13
C ASP C 146 -17.35 -34.19 -40.89
N MET C 147 -16.61 -33.56 -41.80
CA MET C 147 -15.54 -34.26 -42.50
C MET C 147 -14.27 -34.33 -41.65
N PHE C 148 -14.21 -33.50 -40.61
CA PHE C 148 -13.15 -33.54 -39.62
C PHE C 148 -13.79 -33.86 -38.28
N GLU C 149 -12.99 -34.29 -37.33
CA GLU C 149 -13.43 -34.40 -35.93
C GLU C 149 -12.91 -33.13 -35.26
N SER C 150 -13.81 -32.29 -34.77
CA SER C 150 -13.39 -31.04 -34.17
C SER C 150 -13.77 -30.91 -32.70
N LYS C 151 -12.98 -30.11 -31.99
CA LYS C 151 -13.22 -29.74 -30.60
C LYS C 151 -13.10 -28.21 -30.55
N LEU C 152 -13.89 -27.57 -29.70
CA LEU C 152 -13.98 -26.11 -29.73
C LEU C 152 -13.61 -25.51 -28.39
N TYR C 153 -12.69 -24.54 -28.43
CA TYR C 153 -12.26 -23.83 -27.22
C TYR C 153 -12.94 -22.48 -27.10
N LYS C 154 -13.34 -22.14 -25.88
CA LYS C 154 -14.05 -20.88 -25.60
C LYS C 154 -13.08 -19.83 -25.10
N CYS C 155 -13.52 -18.58 -25.13
CA CYS C 155 -12.79 -17.47 -24.51
C CYS C 155 -13.24 -17.42 -23.06
N ASN C 156 -12.49 -16.73 -22.20
CA ASN C 156 -12.92 -16.53 -20.79
C ASN C 156 -14.03 -15.48 -20.65
N SER C 157 -14.57 -15.33 -19.44
CA SER C 157 -15.69 -14.41 -19.18
C SER C 157 -15.41 -12.93 -19.51
N GLN C 158 -14.13 -12.54 -19.60
CA GLN C 158 -13.74 -11.18 -20.02
C GLN C 158 -13.53 -11.03 -21.53
N GLY C 159 -13.75 -12.12 -22.28
CA GLY C 159 -13.63 -12.13 -23.74
C GLY C 159 -12.24 -12.37 -24.33
N TYR C 160 -11.30 -12.84 -23.52
CA TYR C 160 -9.95 -13.11 -24.02
C TYR C 160 -9.82 -14.60 -24.29
N VAL C 161 -9.01 -14.95 -25.28
CA VAL C 161 -8.61 -16.32 -25.53
C VAL C 161 -7.87 -16.84 -24.28
N ASP C 162 -8.35 -17.95 -23.75
CA ASP C 162 -7.77 -18.54 -22.55
C ASP C 162 -6.83 -19.67 -22.96
N LEU C 163 -5.54 -19.39 -23.02
CA LEU C 163 -4.54 -20.36 -23.47
C LEU C 163 -4.39 -21.59 -22.57
N ASP C 164 -4.67 -21.43 -21.27
CA ASP C 164 -4.63 -22.56 -20.33
C ASP C 164 -5.68 -23.62 -20.68
N ALA C 165 -6.85 -23.17 -21.10
CA ALA C 165 -7.92 -24.06 -21.51
C ALA C 165 -7.64 -24.69 -22.88
N VAL C 166 -6.99 -23.92 -23.76
CA VAL C 166 -6.56 -24.41 -25.09
C VAL C 166 -5.62 -25.60 -24.88
N ARG C 167 -4.62 -25.41 -24.00
CA ARG C 167 -3.65 -26.45 -23.66
C ARG C 167 -4.32 -27.68 -23.03
N GLU C 168 -5.11 -27.46 -21.98
CA GLU C 168 -5.89 -28.52 -21.34
C GLU C 168 -6.67 -29.34 -22.37
N MET C 169 -7.30 -28.65 -23.32
CA MET C 169 -8.07 -29.31 -24.37
C MET C 169 -7.15 -30.00 -25.39
N ALA C 170 -6.09 -29.33 -25.82
CA ALA C 170 -5.17 -29.91 -26.80
C ALA C 170 -4.48 -31.23 -26.33
N LEU C 171 -4.14 -31.33 -25.03
CA LEU C 171 -3.41 -32.48 -24.49
C LEU C 171 -4.29 -33.73 -24.41
N SER C 172 -5.55 -33.57 -24.03
CA SER C 172 -6.50 -34.70 -24.03
C SER C 172 -7.05 -35.05 -25.41
N PHE C 173 -7.23 -34.03 -26.27
CA PHE C 173 -7.82 -34.21 -27.60
C PHE C 173 -6.80 -34.63 -28.68
N LYS C 174 -5.61 -34.04 -28.65
CA LYS C 174 -4.51 -34.36 -29.58
C LYS C 174 -4.92 -34.13 -31.03
N PRO C 175 -5.22 -32.88 -31.39
CA PRO C 175 -5.53 -32.60 -32.79
C PRO C 175 -4.30 -32.51 -33.66
N LYS C 176 -4.47 -32.70 -34.96
CA LYS C 176 -3.42 -32.41 -35.95
C LYS C 176 -3.34 -30.92 -36.29
N VAL C 177 -4.41 -30.15 -36.10
CA VAL C 177 -4.38 -28.68 -36.37
C VAL C 177 -5.06 -27.91 -35.25
N ILE C 178 -4.51 -26.75 -34.91
CA ILE C 178 -5.16 -25.86 -33.96
C ILE C 178 -5.33 -24.58 -34.69
N ILE C 179 -6.57 -24.09 -34.73
CA ILE C 179 -6.90 -22.90 -35.50
C ILE C 179 -6.95 -21.68 -34.58
N CYS C 180 -6.26 -20.62 -34.97
CA CYS C 180 -6.39 -19.33 -34.33
C CYS C 180 -6.50 -18.29 -35.43
N GLY C 181 -6.90 -17.09 -35.03
CA GLY C 181 -7.30 -16.03 -35.98
C GLY C 181 -8.82 -16.12 -36.15
N TYR C 182 -9.54 -15.00 -35.98
CA TYR C 182 -10.98 -15.07 -35.70
C TYR C 182 -11.89 -14.13 -36.50
N THR C 183 -13.20 -14.26 -36.29
CA THR C 183 -14.17 -13.43 -37.04
C THR C 183 -14.57 -12.20 -36.25
N SER C 184 -14.69 -12.31 -34.94
CA SER C 184 -15.03 -11.15 -34.15
C SER C 184 -14.29 -11.19 -32.83
N TYR C 185 -12.98 -11.03 -32.92
CA TYR C 185 -12.10 -10.99 -31.77
C TYR C 185 -11.46 -9.63 -31.82
N PRO C 186 -11.67 -8.81 -30.77
CA PRO C 186 -11.19 -7.42 -30.77
C PRO C 186 -9.74 -7.23 -30.37
N ARG C 187 -9.06 -8.28 -29.90
CA ARG C 187 -7.64 -8.14 -29.49
C ARG C 187 -6.65 -8.88 -30.39
N ASP C 188 -5.38 -8.56 -30.21
CA ASP C 188 -4.30 -9.21 -30.93
C ASP C 188 -4.09 -10.63 -30.38
N ILE C 189 -3.39 -11.44 -31.17
CA ILE C 189 -3.22 -12.86 -30.89
C ILE C 189 -1.76 -13.14 -30.51
N ASP C 190 -1.59 -13.96 -29.48
CA ASP C 190 -0.28 -14.41 -29.03
C ASP C 190 0.03 -15.75 -29.76
N TYR C 191 0.57 -15.63 -30.97
CA TYR C 191 0.81 -16.78 -31.83
C TYR C 191 1.90 -17.67 -31.23
N GLN C 192 2.92 -17.04 -30.66
CA GLN C 192 4.04 -17.77 -30.05
C GLN C 192 3.51 -18.78 -29.06
N GLN C 193 2.62 -18.36 -28.18
CA GLN C 193 2.02 -19.31 -27.25
C GLN C 193 1.19 -20.39 -27.95
N PHE C 194 0.56 -20.08 -29.08
CA PHE C 194 -0.11 -21.14 -29.86
C PHE C 194 0.89 -22.15 -30.42
N ARG C 195 1.97 -21.64 -31.03
CA ARG C 195 3.08 -22.46 -31.55
C ARG C 195 3.67 -23.41 -30.49
N GLN C 196 3.86 -22.87 -29.29
CA GLN C 196 4.30 -23.62 -28.11
C GLN C 196 3.35 -24.77 -27.74
N ILE C 197 2.05 -24.54 -27.82
CA ILE C 197 1.05 -25.59 -27.53
C ILE C 197 1.00 -26.63 -28.65
N CYS C 198 1.13 -26.19 -29.89
CA CYS C 198 1.06 -27.10 -31.03
C CYS C 198 2.25 -28.08 -31.03
N ASP C 199 3.46 -27.56 -30.77
CA ASP C 199 4.68 -28.37 -30.56
C ASP C 199 4.56 -29.44 -29.47
N GLU C 200 3.92 -29.07 -28.37
CA GLU C 200 3.72 -29.97 -27.23
C GLU C 200 2.91 -31.22 -27.58
N VAL C 201 1.97 -31.06 -28.51
CA VAL C 201 1.08 -32.12 -28.92
C VAL C 201 1.34 -32.56 -30.38
N ASN C 202 2.35 -31.96 -31.02
CA ASN C 202 2.74 -32.24 -32.42
C ASN C 202 1.65 -31.88 -33.44
N ALA C 203 0.98 -30.75 -33.20
CA ALA C 203 -0.10 -30.25 -34.07
C ALA C 203 0.38 -29.13 -34.98
N TYR C 204 -0.28 -28.98 -36.14
CA TYR C 204 -0.04 -27.84 -37.04
C TYR C 204 -0.64 -26.53 -36.47
N LEU C 205 0.01 -25.40 -36.74
CA LEU C 205 -0.51 -24.08 -36.32
C LEU C 205 -1.13 -23.39 -37.51
N PHE C 206 -2.44 -23.17 -37.42
CA PHE C 206 -3.25 -22.56 -38.49
C PHE C 206 -3.73 -21.19 -38.01
N ALA C 207 -3.35 -20.16 -38.74
CA ALA C 207 -3.74 -18.78 -38.48
C ALA C 207 -4.66 -18.21 -39.58
N ASP C 208 -5.94 -17.97 -39.25
CA ASP C 208 -6.88 -17.34 -40.20
C ASP C 208 -6.87 -15.89 -39.83
N ILE C 209 -6.23 -15.08 -40.66
CA ILE C 209 -6.04 -13.66 -40.40
C ILE C 209 -6.92 -12.76 -41.31
N SER C 210 -8.01 -13.33 -41.83
CA SER C 210 -8.92 -12.61 -42.76
C SER C 210 -9.34 -11.22 -42.29
N HIS C 211 -9.65 -11.06 -41.01
CA HIS C 211 -10.10 -9.77 -40.46
C HIS C 211 -8.97 -8.78 -40.15
N ILE C 212 -7.75 -9.28 -39.96
CA ILE C 212 -6.63 -8.42 -39.57
C ILE C 212 -5.50 -8.40 -40.59
N SER C 213 -5.75 -8.96 -41.77
CA SER C 213 -4.66 -9.24 -42.71
C SER C 213 -3.77 -8.02 -42.96
N SER C 214 -4.40 -6.86 -43.10
CA SER C 214 -3.68 -5.62 -43.36
C SER C 214 -2.79 -5.25 -42.20
N PHE C 215 -3.23 -5.50 -40.99
CA PHE C 215 -2.40 -5.22 -39.81
C PHE C 215 -1.14 -6.09 -39.81
N VAL C 216 -1.30 -7.35 -40.24
CA VAL C 216 -0.21 -8.29 -40.29
C VAL C 216 0.77 -7.89 -41.38
N ALA C 217 0.25 -7.60 -42.57
CA ALA C 217 1.07 -7.18 -43.70
C ALA C 217 1.85 -5.90 -43.47
N CYS C 218 1.21 -4.91 -42.84
CA CYS C 218 1.82 -3.61 -42.61
C CYS C 218 2.57 -3.52 -41.27
N ASN C 219 2.75 -4.65 -40.57
CA ASN C 219 3.56 -4.73 -39.32
C ASN C 219 3.04 -3.90 -38.12
N ILE C 220 1.71 -3.75 -38.04
CA ILE C 220 1.05 -3.05 -36.93
C ILE C 220 0.78 -4.04 -35.80
N LEU C 221 0.31 -5.24 -36.16
CA LEU C 221 0.05 -6.27 -35.18
C LEU C 221 1.07 -7.39 -35.27
N ASN C 222 0.99 -8.32 -34.33
CA ASN C 222 1.82 -9.52 -34.33
C ASN C 222 1.78 -10.24 -35.67
N ASN C 223 2.91 -10.86 -36.00
CA ASN C 223 3.11 -11.52 -37.29
C ASN C 223 2.98 -13.01 -37.09
N PRO C 224 1.94 -13.64 -37.65
CA PRO C 224 1.82 -15.07 -37.42
C PRO C 224 2.77 -15.90 -38.31
N PHE C 225 3.37 -15.28 -39.34
CA PHE C 225 4.30 -15.96 -40.22
C PHE C 225 5.56 -16.46 -39.51
N LEU C 226 5.94 -15.80 -38.41
CA LEU C 226 7.07 -16.21 -37.60
C LEU C 226 6.82 -17.55 -36.92
N HIS C 227 5.56 -17.88 -36.66
CA HIS C 227 5.18 -19.07 -35.90
C HIS C 227 4.34 -20.08 -36.64
N ALA C 228 3.55 -19.68 -37.64
CA ALA C 228 2.55 -20.60 -38.21
C ALA C 228 3.06 -21.48 -39.38
N ASP C 229 2.51 -22.69 -39.45
CA ASP C 229 2.66 -23.56 -40.64
C ASP C 229 1.81 -23.11 -41.82
N VAL C 230 0.56 -22.72 -41.52
CA VAL C 230 -0.36 -22.26 -42.57
C VAL C 230 -1.02 -20.93 -42.17
N VAL C 231 -1.10 -20.02 -43.13
CA VAL C 231 -1.87 -18.81 -42.94
C VAL C 231 -2.85 -18.65 -44.10
N THR C 232 -4.14 -18.54 -43.76
CA THR C 232 -5.18 -18.20 -44.73
C THR C 232 -5.70 -16.78 -44.53
N THR C 233 -6.13 -16.17 -45.60
CA THR C 233 -6.79 -14.90 -45.53
C THR C 233 -7.70 -14.70 -46.71
N THR C 234 -8.85 -14.09 -46.45
CA THR C 234 -9.68 -13.53 -47.52
C THR C 234 -9.02 -12.28 -48.03
N THR C 235 -9.31 -11.90 -49.25
CA THR C 235 -8.77 -10.66 -49.84
C THR C 235 -9.77 -9.49 -49.84
N HIS C 236 -10.99 -9.69 -49.28
CA HIS C 236 -12.10 -8.70 -49.43
C HIS C 236 -12.47 -7.87 -48.22
N LYS C 237 -11.87 -8.14 -47.06
CA LYS C 237 -12.21 -7.39 -45.89
C LYS C 237 -11.25 -6.19 -45.77
N ILE C 238 -10.53 -6.09 -44.65
CA ILE C 238 -9.60 -4.97 -44.42
C ILE C 238 -8.53 -4.82 -45.51
N LEU C 239 -8.18 -5.92 -46.20
CA LEU C 239 -7.25 -5.83 -47.35
C LEU C 239 -7.82 -5.08 -48.54
N ARG C 240 -9.14 -5.05 -48.65
CA ARG C 240 -9.83 -4.22 -49.64
C ARG C 240 -9.69 -4.76 -51.06
N GLY C 241 -9.52 -6.07 -51.21
CA GLY C 241 -9.47 -6.67 -52.53
C GLY C 241 -10.81 -7.19 -52.94
N PRO C 242 -10.83 -8.06 -53.96
CA PRO C 242 -12.08 -8.71 -54.36
C PRO C 242 -12.41 -9.84 -53.41
N ARG C 243 -13.53 -10.50 -53.68
CA ARG C 243 -13.93 -11.67 -52.92
C ARG C 243 -13.12 -12.88 -53.38
N SER C 244 -12.12 -13.26 -52.59
CA SER C 244 -11.21 -14.35 -52.91
C SER C 244 -10.45 -14.71 -51.64
N ALA C 245 -9.58 -15.71 -51.74
CA ALA C 245 -8.75 -16.09 -50.63
C ALA C 245 -7.34 -16.56 -51.04
N LEU C 246 -6.47 -16.57 -50.03
CA LEU C 246 -5.06 -16.88 -50.17
C LEU C 246 -4.71 -17.91 -49.13
N ILE C 247 -4.04 -18.98 -49.56
CA ILE C 247 -3.49 -19.94 -48.62
C ILE C 247 -1.96 -19.85 -48.66
N PHE C 248 -1.38 -19.51 -47.51
CA PHE C 248 0.07 -19.51 -47.32
C PHE C 248 0.51 -20.76 -46.61
N PHE C 249 1.65 -21.31 -47.00
CA PHE C 249 2.20 -22.51 -46.36
C PHE C 249 3.72 -22.39 -46.14
N ASN C 250 4.17 -22.80 -44.96
CA ASN C 250 5.59 -22.69 -44.58
C ASN C 250 6.35 -23.92 -45.11
N LYS C 251 7.07 -23.74 -46.20
CA LYS C 251 7.87 -24.82 -46.79
C LYS C 251 9.00 -25.33 -45.88
N LYS C 252 9.72 -24.42 -45.21
CA LYS C 252 10.88 -24.78 -44.36
C LYS C 252 10.53 -25.71 -43.22
N ARG C 253 9.44 -25.40 -42.54
CA ARG C 253 8.94 -26.25 -41.45
C ARG C 253 8.38 -27.59 -41.93
N ASN C 254 7.76 -27.57 -43.12
CA ASN C 254 6.99 -28.72 -43.63
C ASN C 254 7.31 -28.96 -45.09
N PRO C 255 8.45 -29.65 -45.36
CA PRO C 255 8.69 -30.07 -46.75
C PRO C 255 7.57 -31.00 -47.21
N GLY C 256 7.20 -30.90 -48.48
CA GLY C 256 6.04 -31.63 -49.02
C GLY C 256 4.65 -31.01 -48.82
N ILE C 257 4.55 -29.91 -48.05
CA ILE C 257 3.27 -29.19 -47.86
C ILE C 257 2.76 -28.51 -49.14
N GLU C 258 3.68 -28.00 -49.97
CA GLU C 258 3.33 -27.32 -51.21
C GLU C 258 2.41 -28.13 -52.07
N GLN C 259 2.74 -29.42 -52.19
CA GLN C 259 2.01 -30.31 -53.06
C GLN C 259 0.67 -30.70 -52.43
N LYS C 260 0.65 -31.00 -51.13
CA LYS C 260 -0.59 -31.30 -50.40
C LYS C 260 -1.61 -30.15 -50.47
N ILE C 261 -1.15 -28.91 -50.33
CA ILE C 261 -2.03 -27.75 -50.41
C ILE C 261 -2.47 -27.45 -51.83
N ASN C 262 -1.55 -27.51 -52.79
CA ASN C 262 -1.93 -27.29 -54.16
C ASN C 262 -2.92 -28.33 -54.72
N SER C 263 -2.76 -29.58 -54.29
CA SER C 263 -3.61 -30.65 -54.79
C SER C 263 -4.98 -30.60 -54.11
N ALA C 264 -5.01 -30.21 -52.83
CA ALA C 264 -6.25 -29.98 -52.12
C ALA C 264 -7.14 -28.91 -52.77
N VAL C 265 -6.55 -27.84 -53.27
CA VAL C 265 -7.31 -26.79 -53.96
C VAL C 265 -7.79 -27.29 -55.32
N PHE C 266 -6.85 -27.85 -56.10
CA PHE C 266 -7.16 -28.54 -57.35
C PHE C 266 -6.26 -29.76 -57.51
N PRO C 267 -6.79 -30.93 -57.84
CA PRO C 267 -8.18 -31.14 -58.19
C PRO C 267 -9.07 -31.71 -57.09
N SER C 268 -8.63 -31.69 -55.83
CA SER C 268 -9.47 -32.26 -54.80
C SER C 268 -10.82 -31.52 -54.68
N PHE C 269 -10.79 -30.18 -54.63
CA PHE C 269 -11.97 -29.36 -54.32
C PHE C 269 -12.50 -28.50 -55.46
N GLN C 270 -11.66 -27.73 -56.12
CA GLN C 270 -12.09 -26.81 -57.18
C GLN C 270 -11.81 -27.38 -58.57
N GLY C 271 -12.38 -26.71 -59.57
CA GLY C 271 -12.10 -26.99 -60.95
C GLY C 271 -11.30 -25.82 -61.51
N GLY C 272 -11.83 -25.21 -62.57
CA GLY C 272 -11.13 -24.07 -63.19
C GLY C 272 -11.02 -22.88 -62.26
N PRO C 273 -9.84 -22.21 -62.18
CA PRO C 273 -9.79 -21.00 -61.36
C PRO C 273 -10.54 -19.84 -61.95
N HIS C 274 -10.84 -18.83 -61.15
CA HIS C 274 -11.54 -17.66 -61.65
C HIS C 274 -10.52 -16.57 -61.87
N ASN C 275 -10.11 -16.43 -63.13
CA ASN C 275 -8.96 -15.60 -63.46
C ASN C 275 -9.19 -14.14 -63.23
N ASN C 276 -10.44 -13.69 -63.38
CA ASN C 276 -10.81 -12.31 -63.03
C ASN C 276 -10.55 -12.00 -61.56
N LYS C 277 -10.84 -12.96 -60.68
CA LYS C 277 -10.49 -12.82 -59.26
C LYS C 277 -9.00 -12.65 -59.01
N ILE C 278 -8.21 -13.46 -59.68
CA ILE C 278 -6.76 -13.52 -59.51
C ILE C 278 -6.14 -12.22 -60.05
N ALA C 279 -6.56 -11.80 -61.22
CA ALA C 279 -6.19 -10.49 -61.72
C ALA C 279 -6.53 -9.41 -60.68
N ALA C 280 -7.77 -9.42 -60.18
CA ALA C 280 -8.20 -8.40 -59.21
C ALA C 280 -7.39 -8.46 -57.92
N VAL C 281 -7.06 -9.65 -57.47
CA VAL C 281 -6.22 -9.81 -56.27
C VAL C 281 -4.81 -9.25 -56.54
N ALA C 282 -4.26 -9.52 -57.74
CA ALA C 282 -2.92 -9.02 -58.13
C ALA C 282 -2.89 -7.51 -58.03
N CYS C 283 -3.88 -6.90 -58.64
CA CYS C 283 -4.07 -5.48 -58.61
C CYS C 283 -4.15 -4.87 -57.20
N GLN C 284 -4.89 -5.50 -56.31
CA GLN C 284 -4.99 -4.97 -54.96
C GLN C 284 -3.72 -5.18 -54.17
N LEU C 285 -3.09 -6.33 -54.33
CA LEU C 285 -1.85 -6.65 -53.62
C LEU C 285 -0.70 -5.67 -53.91
N LYS C 286 -0.73 -5.00 -55.07
CA LYS C 286 0.26 -3.98 -55.34
C LYS C 286 0.02 -2.80 -54.45
N GLU C 287 -1.22 -2.31 -54.42
CA GLU C 287 -1.60 -1.24 -53.47
C GLU C 287 -1.26 -1.62 -52.03
N VAL C 288 -1.52 -2.86 -51.63
CA VAL C 288 -1.26 -3.25 -50.26
C VAL C 288 0.19 -2.98 -49.89
N HIS C 289 1.11 -3.22 -50.83
CA HIS C 289 2.54 -2.98 -50.61
C HIS C 289 2.97 -1.59 -51.10
N SER C 290 2.49 -0.58 -50.38
CA SER C 290 2.82 0.80 -50.65
C SER C 290 2.71 1.54 -49.32
N PRO C 291 3.53 2.59 -49.12
CA PRO C 291 3.43 3.31 -47.85
C PRO C 291 2.07 4.01 -47.66
N ALA C 292 1.42 4.39 -48.76
CA ALA C 292 0.06 4.96 -48.75
C ALA C 292 -1.01 4.06 -48.12
N PHE C 293 -0.94 2.77 -48.41
CA PHE C 293 -1.87 1.79 -47.86
C PHE C 293 -1.58 1.51 -46.40
N LYS C 294 -0.31 1.55 -46.00
CA LYS C 294 0.04 1.45 -44.57
C LYS C 294 -0.59 2.60 -43.77
N GLU C 295 -0.74 3.77 -44.40
CA GLU C 295 -1.36 4.95 -43.75
C GLU C 295 -2.85 4.71 -43.55
N TYR C 296 -3.52 4.23 -44.60
CA TYR C 296 -4.90 3.77 -44.52
C TYR C 296 -5.10 2.78 -43.36
N THR C 297 -4.26 1.75 -43.31
CA THR C 297 -4.35 0.73 -42.26
C THR C 297 -4.13 1.31 -40.87
N GLN C 298 -3.18 2.25 -40.78
CA GLN C 298 -2.91 2.95 -39.52
C GLN C 298 -4.14 3.77 -39.14
N GLN C 299 -4.75 4.38 -40.14
CA GLN C 299 -5.97 5.16 -39.92
C GLN C 299 -7.17 4.30 -39.42
N VAL C 300 -7.24 3.04 -39.88
CA VAL C 300 -8.29 2.11 -39.47
C VAL C 300 -8.18 1.90 -37.97
N LEU C 301 -6.96 1.69 -37.50
CA LEU C 301 -6.72 1.50 -36.07
C LEU C 301 -6.96 2.77 -35.26
N LEU C 302 -6.58 3.92 -35.78
CA LEU C 302 -6.79 5.19 -35.05
C LEU C 302 -8.29 5.40 -34.85
N ASN C 303 -9.05 5.30 -35.94
CA ASN C 303 -10.51 5.39 -35.93
C ASN C 303 -11.15 4.44 -34.95
N SER C 304 -10.68 3.19 -34.96
CA SER C 304 -11.23 2.17 -34.07
C SER C 304 -10.97 2.47 -32.58
N LYS C 305 -9.75 2.89 -32.23
CA LYS C 305 -9.38 3.28 -30.86
C LYS C 305 -10.25 4.47 -30.41
N ALA C 306 -10.35 5.45 -31.30
CA ALA C 306 -11.16 6.63 -31.07
C ALA C 306 -12.65 6.31 -30.93
N LEU C 307 -13.13 5.34 -31.71
CA LEU C 307 -14.54 4.92 -31.63
C LEU C 307 -14.81 4.23 -30.32
N ALA C 308 -13.94 3.30 -29.96
CA ALA C 308 -14.02 2.62 -28.66
C ALA C 308 -14.03 3.60 -27.49
N LYS C 309 -13.12 4.54 -27.54
CA LYS C 309 -12.98 5.56 -26.51
C LYS C 309 -14.25 6.43 -26.34
N ALA C 310 -14.85 6.86 -27.45
CA ALA C 310 -16.05 7.70 -27.41
C ALA C 310 -17.25 6.89 -26.87
N LEU C 311 -17.35 5.63 -27.26
CA LEU C 311 -18.41 4.78 -26.75
C LEU C 311 -18.30 4.60 -25.23
N ILE C 312 -17.07 4.36 -24.75
CA ILE C 312 -16.81 4.25 -23.32
C ILE C 312 -17.14 5.57 -22.63
N SER C 313 -16.74 6.69 -23.24
CA SER C 313 -17.10 8.02 -22.70
C SER C 313 -18.62 8.28 -22.60
N LYS C 314 -19.43 7.58 -23.40
CA LYS C 314 -20.90 7.59 -23.31
C LYS C 314 -21.46 6.43 -22.50
N GLN C 315 -20.63 5.80 -21.67
CA GLN C 315 -21.05 4.73 -20.75
C GLN C 315 -21.56 3.46 -21.46
N ILE C 316 -20.97 3.14 -22.62
CA ILE C 316 -21.28 1.92 -23.35
C ILE C 316 -20.12 0.97 -23.10
N ASP C 317 -20.43 -0.26 -22.70
CA ASP C 317 -19.43 -1.29 -22.45
C ASP C 317 -18.98 -2.04 -23.71
N LEU C 318 -17.67 -2.22 -23.83
CA LEU C 318 -17.07 -2.97 -24.90
C LEU C 318 -16.49 -4.28 -24.37
N VAL C 319 -16.63 -5.36 -25.14
CA VAL C 319 -16.06 -6.65 -24.75
C VAL C 319 -14.52 -6.50 -24.77
N THR C 320 -13.89 -6.99 -23.70
CA THR C 320 -12.46 -6.76 -23.36
C THR C 320 -12.12 -5.31 -23.06
N ASN C 321 -13.14 -4.48 -22.79
CA ASN C 321 -12.98 -3.03 -22.58
C ASN C 321 -12.17 -2.24 -23.61
N GLY C 322 -12.18 -2.69 -24.87
CA GLY C 322 -11.43 -2.00 -25.93
C GLY C 322 -11.07 -2.89 -27.11
N THR C 323 -10.10 -2.43 -27.87
CA THR C 323 -9.72 -3.05 -29.13
C THR C 323 -8.22 -2.86 -29.46
N ASP C 324 -7.61 -3.89 -30.05
CA ASP C 324 -6.25 -3.75 -30.61
C ASP C 324 -6.26 -3.65 -32.10
N ASN C 325 -7.45 -3.75 -32.69
CA ASN C 325 -7.58 -3.84 -34.14
C ASN C 325 -8.73 -2.94 -34.64
N HIS C 326 -9.24 -3.31 -35.80
CA HIS C 326 -10.33 -2.65 -36.49
C HIS C 326 -11.74 -2.84 -35.92
N LEU C 327 -11.94 -3.74 -34.94
CA LEU C 327 -13.28 -4.10 -34.52
C LEU C 327 -13.55 -4.00 -33.04
N ILE C 328 -14.82 -3.74 -32.74
CA ILE C 328 -15.28 -3.57 -31.35
C ILE C 328 -16.49 -4.44 -31.22
N VAL C 329 -16.67 -5.04 -30.05
CA VAL C 329 -17.91 -5.77 -29.77
C VAL C 329 -18.54 -5.01 -28.63
N VAL C 330 -19.73 -4.45 -28.86
CA VAL C 330 -20.47 -3.76 -27.81
C VAL C 330 -21.30 -4.74 -27.00
N ASP C 331 -21.18 -4.68 -25.67
CA ASP C 331 -21.96 -5.51 -24.73
C ASP C 331 -23.19 -4.74 -24.31
N LEU C 332 -24.37 -5.24 -24.65
CA LEU C 332 -25.61 -4.47 -24.48
C LEU C 332 -26.42 -4.80 -23.23
N ARG C 333 -25.90 -5.68 -22.36
CA ARG C 333 -26.67 -6.16 -21.21
C ARG C 333 -27.16 -5.05 -20.30
N LYS C 334 -26.37 -4.00 -20.08
CA LYS C 334 -26.79 -2.91 -19.17
C LYS C 334 -28.02 -2.13 -19.63
N PHE C 335 -28.31 -2.19 -20.93
CA PHE C 335 -29.48 -1.56 -21.52
C PHE C 335 -30.65 -2.51 -21.69
N SER C 336 -30.46 -3.79 -21.40
CA SER C 336 -31.53 -4.82 -21.47
C SER C 336 -32.19 -4.97 -22.86
N ILE C 337 -31.40 -4.82 -23.90
CA ILE C 337 -31.84 -5.08 -25.26
C ILE C 337 -30.91 -6.11 -25.88
N THR C 338 -31.41 -6.79 -26.90
CA THR C 338 -30.61 -7.78 -27.63
C THR C 338 -29.88 -7.10 -28.78
N GLY C 339 -28.88 -7.79 -29.30
CA GLY C 339 -28.18 -7.36 -30.49
C GLY C 339 -29.09 -7.26 -31.69
N SER C 340 -30.00 -8.23 -31.82
CA SER C 340 -30.94 -8.25 -32.95
C SER C 340 -31.86 -7.04 -32.97
N LYS C 341 -32.32 -6.60 -31.80
CA LYS C 341 -33.16 -5.39 -31.74
C LYS C 341 -32.41 -4.15 -32.20
N LEU C 342 -31.16 -3.98 -31.77
CA LEU C 342 -30.35 -2.84 -32.19
C LEU C 342 -29.94 -2.92 -33.67
N GLN C 343 -29.68 -4.12 -34.17
CA GLN C 343 -29.42 -4.28 -35.61
C GLN C 343 -30.62 -3.76 -36.45
N GLU C 344 -31.83 -4.08 -36.02
CA GLU C 344 -33.05 -3.59 -36.70
C GLU C 344 -33.18 -2.08 -36.61
N THR C 345 -32.96 -1.55 -35.41
CA THR C 345 -32.98 -0.12 -35.23
C THR C 345 -31.97 0.58 -36.14
N CYS C 346 -30.79 -0.01 -36.23
CA CYS C 346 -29.71 0.60 -37.00
C CYS C 346 -29.96 0.49 -38.50
N ASN C 347 -30.52 -0.63 -38.96
CA ASN C 347 -30.90 -0.73 -40.39
C ASN C 347 -31.93 0.35 -40.76
N ALA C 348 -32.90 0.61 -39.87
CA ALA C 348 -33.88 1.72 -40.06
C ALA C 348 -33.24 3.10 -40.22
N ILE C 349 -32.04 3.29 -39.65
CA ILE C 349 -31.33 4.57 -39.81
C ILE C 349 -30.14 4.53 -40.74
N ASN C 350 -30.12 3.53 -41.63
CA ASN C 350 -29.01 3.34 -42.56
C ASN C 350 -27.62 3.18 -41.86
N VAL C 351 -27.64 2.53 -40.70
CA VAL C 351 -26.42 2.17 -40.01
C VAL C 351 -26.30 0.65 -40.11
N SER C 352 -25.24 0.19 -40.75
CA SER C 352 -25.02 -1.24 -40.99
C SER C 352 -24.08 -1.83 -39.96
N LEU C 353 -24.59 -2.76 -39.15
CA LEU C 353 -23.79 -3.51 -38.22
C LEU C 353 -24.45 -4.88 -38.05
N ASN C 354 -23.84 -5.77 -37.24
CA ASN C 354 -24.41 -7.07 -37.01
C ASN C 354 -24.45 -7.44 -35.54
N LYS C 355 -25.48 -8.18 -35.17
CA LYS C 355 -25.57 -8.82 -33.87
C LYS C 355 -24.41 -9.79 -33.67
N ASN C 356 -24.02 -9.95 -32.42
CA ASN C 356 -22.80 -10.69 -32.12
C ASN C 356 -22.87 -11.17 -30.69
N THR C 357 -22.53 -12.43 -30.50
CA THR C 357 -22.42 -13.01 -29.17
C THR C 357 -21.40 -12.28 -28.28
N ILE C 358 -21.62 -12.38 -26.98
CA ILE C 358 -20.68 -11.91 -25.97
C ILE C 358 -20.37 -13.10 -25.05
N PRO C 359 -19.28 -13.04 -24.25
CA PRO C 359 -18.90 -14.21 -23.44
C PRO C 359 -20.01 -14.82 -22.60
N SER C 360 -20.85 -13.99 -22.00
CA SER C 360 -21.92 -14.47 -21.12
C SER C 360 -23.02 -15.27 -21.86
N ASP C 361 -23.17 -15.08 -23.18
CA ASP C 361 -24.21 -15.80 -23.93
C ASP C 361 -23.86 -17.29 -23.99
N VAL C 362 -24.79 -18.11 -23.52
CA VAL C 362 -24.64 -19.56 -23.54
C VAL C 362 -24.75 -20.04 -24.99
N ASP C 363 -25.82 -19.59 -25.67
CA ASP C 363 -26.16 -19.99 -27.04
C ASP C 363 -25.72 -18.97 -28.09
N CYS C 364 -25.98 -19.30 -29.36
CA CYS C 364 -25.99 -18.33 -30.48
C CYS C 364 -27.40 -17.76 -30.78
N VAL C 365 -28.42 -18.25 -30.05
CA VAL C 365 -29.78 -17.73 -30.14
C VAL C 365 -29.90 -16.55 -29.17
N SER C 366 -30.33 -15.41 -29.68
CA SER C 366 -30.44 -14.17 -28.89
C SER C 366 -29.10 -13.63 -28.33
N PRO C 367 -28.15 -13.27 -29.23
CA PRO C 367 -26.90 -12.69 -28.75
C PRO C 367 -27.05 -11.27 -28.20
N SER C 368 -26.21 -10.95 -27.21
CA SER C 368 -26.37 -9.74 -26.43
C SER C 368 -25.42 -8.61 -26.84
N GLY C 369 -24.86 -8.66 -28.04
CA GLY C 369 -23.99 -7.58 -28.48
C GLY C 369 -24.14 -7.31 -29.94
N VAL C 370 -23.41 -6.30 -30.40
CA VAL C 370 -23.28 -6.04 -31.81
C VAL C 370 -21.80 -5.84 -32.11
N ARG C 371 -21.40 -6.10 -33.34
CA ARG C 371 -20.05 -5.92 -33.77
C ARG C 371 -19.99 -4.77 -34.74
N ILE C 372 -19.03 -3.89 -34.54
CA ILE C 372 -18.78 -2.81 -35.44
C ILE C 372 -17.29 -2.82 -35.83
N GLY C 373 -16.96 -2.19 -36.96
CA GLY C 373 -15.59 -2.07 -37.39
C GLY C 373 -15.43 -0.86 -38.26
N THR C 374 -14.20 -0.36 -38.35
CA THR C 374 -13.90 0.90 -39.05
C THR C 374 -13.38 0.85 -40.49
N PRO C 375 -13.07 -0.34 -41.08
CA PRO C 375 -12.45 -0.25 -42.42
C PRO C 375 -13.27 0.41 -43.52
N ALA C 376 -14.55 0.11 -43.60
CA ALA C 376 -15.38 0.70 -44.65
C ALA C 376 -15.37 2.26 -44.56
N MET C 377 -15.67 2.79 -43.37
CA MET C 377 -15.75 4.25 -43.16
C MET C 377 -14.39 4.96 -43.18
N THR C 378 -13.32 4.22 -42.84
CA THR C 378 -11.97 4.73 -43.02
C THR C 378 -11.66 4.82 -44.50
N THR C 379 -12.13 3.87 -45.29
CA THR C 379 -12.00 3.93 -46.74
C THR C 379 -12.77 5.15 -47.30
N ARG C 380 -13.89 5.50 -46.69
CA ARG C 380 -14.68 6.66 -47.15
C ARG C 380 -14.18 8.03 -46.66
N GLY C 381 -13.13 8.04 -45.84
CA GLY C 381 -12.39 9.26 -45.50
C GLY C 381 -12.62 9.78 -44.09
N ALA C 382 -13.43 9.07 -43.30
CA ALA C 382 -13.67 9.41 -41.91
C ALA C 382 -12.37 9.35 -41.11
N LYS C 383 -12.20 10.30 -40.21
CA LYS C 383 -11.02 10.43 -39.39
C LYS C 383 -11.41 10.29 -37.92
N GLU C 384 -10.44 10.48 -37.02
CA GLU C 384 -10.71 10.28 -35.60
C GLU C 384 -11.85 11.12 -35.05
N LYS C 385 -11.88 12.41 -35.40
CA LYS C 385 -12.96 13.35 -35.02
C LYS C 385 -14.37 12.93 -35.46
N ASP C 386 -14.45 12.22 -36.59
CA ASP C 386 -15.72 11.68 -37.11
C ASP C 386 -16.30 10.54 -36.30
N MET C 387 -15.47 9.90 -35.48
CA MET C 387 -15.89 8.79 -34.66
C MET C 387 -16.80 9.21 -33.53
N GLU C 388 -16.70 10.45 -33.07
CA GLU C 388 -17.65 10.98 -32.07
C GLU C 388 -19.07 10.96 -32.60
N PHE C 389 -19.25 11.39 -33.84
CA PHE C 389 -20.56 11.36 -34.48
C PHE C 389 -21.10 9.94 -34.61
N ILE C 390 -20.25 9.00 -35.00
CA ILE C 390 -20.66 7.58 -35.11
C ILE C 390 -21.07 7.08 -33.73
N ALA C 391 -20.25 7.35 -32.72
CA ALA C 391 -20.62 7.01 -31.35
C ALA C 391 -21.93 7.67 -30.93
N ASP C 392 -22.10 8.96 -31.25
CA ASP C 392 -23.36 9.67 -30.93
C ASP C 392 -24.59 8.99 -31.56
N VAL C 393 -24.51 8.69 -32.85
CA VAL C 393 -25.57 7.99 -33.57
C VAL C 393 -25.89 6.64 -32.96
N LEU C 394 -24.86 5.87 -32.61
CA LEU C 394 -25.07 4.54 -31.98
C LEU C 394 -25.67 4.65 -30.60
N ALA C 395 -25.23 5.61 -29.81
CA ALA C 395 -25.87 5.86 -28.49
C ALA C 395 -27.37 6.22 -28.62
N ARG C 396 -27.69 7.09 -29.57
CA ARG C 396 -29.09 7.46 -29.85
C ARG C 396 -29.91 6.24 -30.32
N ALA C 397 -29.32 5.32 -31.09
CA ALA C 397 -30.02 4.09 -31.53
C ALA C 397 -30.31 3.14 -30.41
N ILE C 398 -29.36 3.03 -29.49
CA ILE C 398 -29.58 2.28 -28.27
C ILE C 398 -30.70 2.90 -27.45
N LYS C 399 -30.68 4.21 -27.23
CA LYS C 399 -31.78 4.87 -26.47
C LYS C 399 -33.17 4.65 -27.12
N ILE C 400 -33.26 4.90 -28.42
CA ILE C 400 -34.50 4.62 -29.17
C ILE C 400 -34.92 3.15 -29.06
N THR C 401 -33.96 2.24 -29.17
CA THR C 401 -34.25 0.81 -29.05
C THR C 401 -34.82 0.50 -27.68
N VAL C 402 -34.30 1.13 -26.64
CA VAL C 402 -34.83 0.91 -25.28
C VAL C 402 -36.27 1.48 -25.18
N ASP C 403 -36.49 2.67 -25.75
CA ASP C 403 -37.81 3.33 -25.76
C ASP C 403 -38.87 2.51 -26.51
N LEU C 404 -38.53 2.04 -27.70
CA LEU C 404 -39.43 1.21 -28.50
C LEU C 404 -39.76 -0.11 -27.80
N GLN C 405 -38.77 -0.76 -27.20
CA GLN C 405 -38.99 -1.95 -26.39
C GLN C 405 -39.92 -1.73 -25.17
N GLU C 406 -39.78 -0.57 -24.53
CA GLU C 406 -40.70 -0.15 -23.47
C GLU C 406 -42.15 -0.08 -23.97
N GLN C 407 -42.34 0.57 -25.12
CA GLN C 407 -43.66 0.82 -25.68
C GLN C 407 -44.31 -0.44 -26.28
N TYR C 408 -43.54 -1.22 -27.04
CA TYR C 408 -44.06 -2.37 -27.77
C TYR C 408 -43.71 -3.75 -27.22
N GLY C 409 -42.66 -3.86 -26.40
CA GLY C 409 -42.32 -5.12 -25.70
C GLY C 409 -41.07 -5.84 -26.20
N LYS C 410 -40.73 -6.92 -25.50
CA LYS C 410 -39.49 -7.69 -25.67
C LYS C 410 -39.47 -8.71 -26.81
N LYS C 411 -40.65 -9.14 -27.26
CA LYS C 411 -40.74 -10.07 -28.39
C LYS C 411 -40.38 -9.30 -29.64
N LEU C 412 -39.49 -9.89 -30.45
CA LEU C 412 -38.94 -9.21 -31.64
C LEU C 412 -39.99 -8.76 -32.66
N VAL C 413 -41.01 -9.60 -32.88
CA VAL C 413 -42.07 -9.27 -33.87
C VAL C 413 -42.90 -8.04 -33.45
N ASP C 414 -43.29 -8.01 -32.17
CA ASP C 414 -43.96 -6.85 -31.57
C ASP C 414 -43.06 -5.60 -31.64
N PHE C 415 -41.79 -5.75 -31.27
CA PHE C 415 -40.82 -4.64 -31.26
C PHE C 415 -40.72 -3.95 -32.61
N LYS C 416 -40.60 -4.73 -33.67
CA LYS C 416 -40.47 -4.21 -35.05
C LYS C 416 -41.66 -3.37 -35.52
N LYS C 417 -42.86 -3.64 -35.00
CA LYS C 417 -44.04 -2.85 -35.35
C LYS C 417 -43.85 -1.39 -34.97
N GLY C 418 -43.06 -1.14 -33.92
CA GLY C 418 -42.71 0.22 -33.53
C GLY C 418 -41.81 1.01 -34.48
N LEU C 419 -41.04 0.31 -35.31
CA LEU C 419 -40.02 0.96 -36.17
C LEU C 419 -40.55 1.78 -37.34
N PRO C 420 -41.48 1.21 -38.15
CA PRO C 420 -41.87 1.97 -39.33
C PRO C 420 -42.57 3.29 -38.96
N GLY C 421 -42.19 4.34 -39.68
CA GLY C 421 -42.72 5.67 -39.48
C GLY C 421 -42.26 6.45 -38.26
N ASN C 422 -41.40 5.87 -37.42
CA ASN C 422 -40.98 6.52 -36.19
C ASN C 422 -40.32 7.86 -36.55
N ALA C 423 -40.80 8.93 -35.89
CA ALA C 423 -40.33 10.29 -36.16
C ALA C 423 -38.84 10.45 -35.88
N GLN C 424 -38.40 9.98 -34.71
CA GLN C 424 -36.98 10.09 -34.33
C GLN C 424 -36.05 9.33 -35.28
N LEU C 425 -36.45 8.12 -35.66
CA LEU C 425 -35.66 7.32 -36.59
C LEU C 425 -35.55 7.97 -37.95
N GLN C 426 -36.67 8.51 -38.47
CA GLN C 426 -36.67 9.29 -39.73
C GLN C 426 -35.70 10.45 -39.64
N GLN C 427 -35.74 11.17 -38.51
CA GLN C 427 -34.82 12.26 -38.23
C GLN C 427 -33.36 11.74 -38.12
N LEU C 428 -33.17 10.64 -37.40
CA LEU C 428 -31.84 10.06 -37.26
C LEU C 428 -31.33 9.54 -38.62
N LYS C 429 -32.15 8.79 -39.33
CA LYS C 429 -31.86 8.38 -40.71
C LYS C 429 -31.40 9.55 -41.60
N GLN C 430 -32.15 10.65 -41.57
CA GLN C 430 -31.87 11.86 -42.35
C GLN C 430 -30.48 12.41 -42.09
N GLU C 431 -30.09 12.49 -40.81
CA GLU C 431 -28.74 12.92 -40.44
C GLU C 431 -27.67 11.96 -41.00
N VAL C 432 -27.93 10.66 -40.87
CA VAL C 432 -27.00 9.64 -41.36
C VAL C 432 -26.81 9.77 -42.88
N VAL C 433 -27.92 9.85 -43.61
CA VAL C 433 -27.88 9.96 -45.07
C VAL C 433 -27.15 11.23 -45.52
N THR C 434 -27.28 12.32 -44.75
CA THR C 434 -26.67 13.61 -45.14
C THR C 434 -25.19 13.55 -44.96
N TRP C 435 -24.75 13.04 -43.82
CA TRP C 435 -23.32 12.90 -43.54
C TRP C 435 -22.69 11.84 -44.47
N ALA C 436 -23.25 10.63 -44.45
CA ALA C 436 -22.68 9.48 -45.22
C ALA C 436 -22.67 9.76 -46.72
N GLY C 437 -23.82 10.20 -47.23
CA GLY C 437 -24.01 10.56 -48.63
C GLY C 437 -22.90 11.37 -49.28
N ALA C 438 -22.26 12.25 -48.49
CA ALA C 438 -21.28 13.23 -48.99
C ALA C 438 -19.83 12.79 -48.91
N LEU C 439 -19.55 11.71 -48.18
CA LEU C 439 -18.19 11.19 -48.06
C LEU C 439 -17.70 10.64 -49.40
N PRO C 440 -16.37 10.74 -49.65
CA PRO C 440 -15.75 10.05 -50.78
C PRO C 440 -16.21 8.59 -50.91
N PHE C 441 -16.48 8.21 -52.16
CA PHE C 441 -17.07 6.92 -52.48
C PHE C 441 -16.36 6.35 -53.72
N PRO C 442 -15.66 5.22 -53.55
CA PRO C 442 -14.97 4.63 -54.70
C PRO C 442 -15.96 3.94 -55.63
N1 PLG D . 9.20 17.10 29.38
C2 PLG D . 9.07 17.34 30.68
C2A PLG D . 9.04 18.79 31.14
C3 PLG D . 8.96 16.22 31.65
O3 PLG D . 8.86 16.47 32.97
C4 PLG D . 9.02 14.84 31.13
C4A PLG D . 8.88 13.63 32.06
C5 PLG D . 9.13 14.72 29.64
C6 PLG D . 9.25 15.88 28.86
C5A PLG D . 9.26 13.42 28.89
OP4 PLG D . 8.15 12.56 28.86
P PLG D . 8.42 11.01 28.47
OP1 PLG D . 9.50 10.90 27.46
OP2 PLG D . 8.80 10.41 29.80
OP3 PLG D . 7.03 10.73 27.99
C PLG D . 8.63 13.30 35.61
O PLG D . 8.34 12.56 36.53
OXT PLG D . 8.42 14.53 35.66
CA PLG D . 9.25 12.71 34.36
N PLG D . 9.52 13.72 33.36
C2 8UL E . 14.47 16.27 36.98
C3 8UL E . 14.68 15.45 38.05
C4 8UL E . 14.41 13.93 37.97
C5 8UL E . 14.15 13.49 36.56
C6 8UL E . 13.94 14.42 35.46
C10 8UL E . 14.03 12.16 35.87
C14 8UL E . 13.10 13.67 38.77
C15 8UL E . 12.83 12.18 39.09
C17 8UL E . 15.83 12.97 39.88
C18 8UL E . 16.96 12.33 40.37
C19 8UL E . 17.88 12.11 38.12
N23 8UL E . 18.90 11.74 37.20
C24 8UL E . 18.46 11.17 35.89
C25 8UL E . 19.59 10.34 35.26
O32 8UL E . 23.16 10.86 34.63
C29 8UL E . 22.04 10.31 34.72
O31 8UL E . 21.85 9.15 34.26
C26 8UL E . 20.92 11.07 35.41
C27 8UL E . 21.27 11.17 36.88
C28 8UL E . 20.29 12.11 37.57
C30 8UL E . 17.99 11.90 39.51
F21 8UL E . 17.04 12.15 41.69
C20 8UL E . 16.73 12.78 37.65
C16 8UL E . 15.67 13.21 38.50
C22 8UL E . 11.81 14.27 38.18
C8 8UL E . 15.13 15.86 39.17
N9 8UL E . 15.53 16.23 40.22
N7 8UL E . 14.69 17.57 37.01
C13 8UL E . 14.18 10.77 36.45
N11 8UL E . 13.78 12.44 34.57
N12 8UL E . 13.72 13.82 34.28
O1 8UL E . 13.96 15.75 35.71
CL CL F . 0.37 2.16 23.25
N1 PLG G . 12.95 -1.59 10.33
C2 PLG G . 12.47 -2.17 9.22
C2A PLG G . 13.36 -3.14 8.48
C3 PLG G . 11.10 -1.83 8.76
O3 PLG G . 10.61 -2.38 7.63
C4 PLG G . 10.32 -0.85 9.54
C4A PLG G . 8.90 -0.46 9.13
C5 PLG G . 10.99 -0.31 10.77
C6 PLG G . 12.29 -0.72 11.07
C5A PLG G . 10.41 0.73 11.70
OP4 PLG G . 9.17 0.45 12.32
P PLG G . 8.33 1.67 12.96
OP1 PLG G . 7.44 2.08 11.84
OP2 PLG G . 9.22 2.79 13.36
OP3 PLG G . 7.66 0.88 14.07
C PLG G . 6.88 -1.24 6.27
O PLG G . 7.66 -2.15 5.96
OXT PLG G . 5.73 -1.22 5.83
CA PLG G . 7.30 -0.14 7.22
N PLG G . 8.65 -0.31 7.72
C2 8UL H . 11.10 1.12 1.57
C3 8UL H . 10.09 1.55 0.76
C4 8UL H . 8.85 2.24 1.33
C5 8UL H . 9.07 2.63 2.78
C6 8UL H . 10.18 2.15 3.59
C10 8UL H . 8.33 3.50 3.75
C14 8UL H . 7.71 1.19 1.30
C15 8UL H . 6.33 1.81 1.57
C17 8UL H . 7.84 3.48 -0.69
C18 8UL H . 7.67 4.62 -1.46
C19 8UL H . 9.05 5.90 0.06
N23 8UL H . 9.71 7.09 0.47
C24 8UL H . 9.65 7.43 1.91
C25 8UL H . 9.82 8.93 2.10
O32 8UL H . 10.49 11.51 2.38
C29 8UL H . 11.17 10.91 1.50
O31 8UL H . 12.01 11.52 0.79
C26 8UL H . 10.97 9.43 1.26
C27 8UL H . 10.64 9.26 -0.22
C28 8UL H . 10.53 7.79 -0.55
C30 8UL H . 8.26 5.84 -1.10
F21 8UL H . 6.90 4.52 -2.56
C20 8UL H . 9.24 4.74 0.81
C16 8UL H . 8.63 3.50 0.48
C22 8UL H . 7.88 -0.06 2.19
C8 8UL H . 10.13 1.39 -0.51
N9 8UL H . 10.20 1.20 -1.66
N7 8UL H . 12.20 0.51 1.13
C13 8UL H . 7.08 4.34 3.55
N11 8UL H . 9.05 3.44 4.90
N12 8UL H . 10.20 2.61 4.85
O1 8UL H . 11.07 1.31 3.03
N1 PLG I . -12.34 -16.72 -42.02
C2 PLG I . -12.70 -15.75 -41.15
C2A PLG I . -11.86 -15.49 -39.92
C3 PLG I . -13.92 -14.95 -41.42
O3 PLG I . -14.31 -13.97 -40.56
C4 PLG I . -14.68 -15.27 -42.65
C4A PLG I . -15.95 -14.53 -43.01
C5 PLG I . -14.17 -16.38 -43.52
C6 PLG I . -13.00 -17.05 -43.12
C5A PLG I . -14.87 -16.85 -44.77
OP4 PLG I . -15.09 -15.88 -45.77
P PLG I . -16.07 -16.14 -47.03
OP1 PLG I . -16.25 -17.59 -47.30
OP2 PLG I . -17.35 -15.49 -46.62
OP3 PLG I . -15.25 -15.38 -48.05
C PLG I . -17.70 -11.77 -41.18
O PLG I . -18.57 -10.92 -41.38
OXT PLG I . -16.79 -11.57 -40.36
CA PLG I . -17.68 -13.07 -41.94
N PLG I . -16.30 -13.42 -42.16
C2 8UL J . -19.23 -15.38 -35.73
C3 8UL J . -20.43 -14.75 -35.58
C4 8UL J . -21.33 -14.43 -36.77
C5 8UL J . -20.84 -15.15 -38.00
C6 8UL J . -19.55 -15.82 -38.11
C10 8UL J . -21.40 -15.40 -39.37
C14 8UL J . -21.21 -12.89 -37.01
C15 8UL J . -22.31 -12.31 -37.90
C17 8UL J . -23.68 -14.09 -35.76
C18 8UL J . -24.94 -14.56 -35.41
C19 8UL J . -24.45 -16.74 -36.30
N23 8UL J . -24.77 -18.10 -36.54
C24 8UL J . -24.23 -18.69 -37.79
C25 8UL J . -25.14 -19.81 -38.28
O32 8UL J . -26.67 -21.96 -38.84
C29 8UL J . -26.29 -21.91 -37.62
O31 8UL J . -26.59 -22.80 -36.78
C26 8UL J . -25.47 -20.74 -37.12
C27 8UL J . -26.30 -19.99 -36.08
C28 8UL J . -25.46 -18.87 -35.47
C30 8UL J . -25.32 -15.87 -35.66
F21 8UL J . -25.79 -13.72 -34.81
C20 8UL J . -23.16 -16.25 -36.63
C16 8UL J . -22.75 -14.93 -36.40
C22 8UL J . -19.84 -12.42 -37.52
C8 8UL J . -20.83 -14.40 -34.41
N9 8UL J . -21.22 -14.06 -33.36
N7 8UL J . -18.41 -15.66 -34.72
C13 8UL J . -22.73 -14.97 -39.94
N11 8UL J . -20.45 -16.11 -40.05
N12 8UL J . -19.29 -16.40 -39.29
O1 8UL J . -18.71 -15.80 -37.03
CL CL K . -16.22 -12.84 -59.67
#